data_6IR0
#
_entry.id   6IR0
#
loop_
_entity.id
_entity.type
_entity.pdbx_description
1 polymer 'Probable E3 ubiquitin-protein ligase DTX2'
2 non-polymer 'ZINC ION'
#
_entity_poly.entity_id   1
_entity_poly.type   'polypeptide(L)'
_entity_poly.pdbx_seq_one_letter_code
;NYTEELKVPPDEDCIICMEKLSTASGYSDVTDSKALGSLAVGHLTKCSHAFHLLCLLAMYCNGNKDGSLQCPSCKT
;
_entity_poly.pdbx_strand_id   A
#
loop_
_chem_comp.id
_chem_comp.type
_chem_comp.name
_chem_comp.formula
ZN non-polymer 'ZINC ION' 'Zn 2'
#
# COMPACT_ATOMS: atom_id res chain seq x y z
N ASN A 1 -5.33 -2.24 -8.45
CA ASN A 1 -5.49 -1.97 -7.02
C ASN A 1 -6.81 -2.54 -6.51
N TYR A 2 -6.82 -2.94 -5.23
CA TYR A 2 -8.02 -3.50 -4.62
C TYR A 2 -8.64 -2.52 -3.62
N THR A 3 -8.04 -1.34 -3.53
CA THR A 3 -8.54 -0.30 -2.63
C THR A 3 -8.83 0.99 -3.36
N GLU A 4 -9.98 1.59 -3.06
CA GLU A 4 -10.37 2.84 -3.71
C GLU A 4 -9.18 3.75 -3.91
N GLU A 5 -8.56 3.66 -5.09
CA GLU A 5 -7.39 4.48 -5.40
C GLU A 5 -7.69 5.95 -5.17
N LEU A 6 -6.63 6.75 -5.04
CA LEU A 6 -6.77 8.19 -4.81
C LEU A 6 -6.00 8.98 -5.86
N LYS A 7 -6.74 9.69 -6.70
CA LYS A 7 -6.14 10.50 -7.75
C LYS A 7 -4.85 11.16 -7.27
N VAL A 8 -4.78 11.40 -5.97
CA VAL A 8 -3.59 12.02 -5.37
C VAL A 8 -3.32 11.44 -3.99
N PRO A 9 -2.02 11.36 -3.64
CA PRO A 9 -1.59 10.84 -2.34
C PRO A 9 -1.94 11.77 -1.18
N PRO A 10 -2.57 11.20 -0.14
CA PRO A 10 -2.97 11.97 1.05
C PRO A 10 -1.78 12.43 1.88
N ASP A 11 -2.04 12.83 3.12
CA ASP A 11 -0.99 13.29 4.01
C ASP A 11 -0.82 12.34 5.19
N GLU A 12 -1.25 11.09 5.00
CA GLU A 12 -1.14 10.09 6.06
C GLU A 12 0.24 9.45 6.07
N ASP A 13 0.94 9.55 4.93
CA ASP A 13 2.28 8.97 4.82
C ASP A 13 2.24 7.45 4.95
N CYS A 14 2.97 6.77 4.08
CA CYS A 14 3.03 5.32 4.11
C CYS A 14 3.31 4.80 5.51
N ILE A 15 3.11 3.50 5.71
CA ILE A 15 3.35 2.88 7.02
C ILE A 15 4.33 1.73 6.90
N ILE A 16 4.57 1.28 5.67
CA ILE A 16 5.50 0.17 5.43
C ILE A 16 6.93 0.66 5.42
N CYS A 17 7.28 1.48 4.43
CA CYS A 17 8.62 2.02 4.30
C CYS A 17 8.78 3.29 5.13
N MET A 18 7.68 3.74 5.73
CA MET A 18 7.70 4.94 6.55
C MET A 18 8.17 6.15 5.74
N GLU A 19 7.65 6.28 4.53
CA GLU A 19 8.02 7.40 3.66
C GLU A 19 6.78 8.17 3.21
N LYS A 20 7.00 9.40 2.74
CA LYS A 20 5.91 10.25 2.27
C LYS A 20 5.07 9.51 1.24
N LEU A 21 3.75 9.56 1.41
CA LEU A 21 2.83 8.91 0.49
C LEU A 21 2.89 9.55 -0.89
N SER A 22 3.65 10.64 -1.00
CA SER A 22 3.79 11.35 -2.27
C SER A 22 4.93 10.76 -3.09
N THR A 23 6.05 10.49 -2.44
CA THR A 23 7.22 9.93 -3.11
C THR A 23 6.85 8.64 -3.84
N ALA A 24 7.05 7.51 -3.16
CA ALA A 24 6.75 6.21 -3.74
C ALA A 24 7.08 5.08 -2.78
N SER A 25 6.91 3.84 -3.23
CA SER A 25 7.18 2.68 -2.40
C SER A 25 8.68 2.57 -2.11
N GLY A 26 9.01 2.36 -0.83
CA GLY A 26 10.41 2.24 -0.44
C GLY A 26 10.98 0.87 -0.75
N TYR A 27 10.11 -0.14 -0.78
CA TYR A 27 10.54 -1.51 -1.06
C TYR A 27 10.63 -1.75 -2.57
N SER A 28 10.24 -0.75 -3.35
CA SER A 28 10.27 -0.85 -4.80
C SER A 28 11.53 -1.58 -5.26
N ASP A 29 12.57 -1.53 -4.45
CA ASP A 29 13.83 -2.18 -4.77
C ASP A 29 13.65 -3.69 -4.87
N VAL A 30 13.19 -4.30 -3.78
CA VAL A 30 12.97 -5.74 -3.73
C VAL A 30 11.57 -6.07 -3.25
N THR A 31 10.64 -6.19 -4.19
CA THR A 31 9.25 -6.50 -3.85
C THR A 31 8.58 -7.30 -4.97
N ASP A 32 7.71 -8.23 -4.58
CA ASP A 32 7.00 -9.06 -5.55
C ASP A 32 5.76 -8.34 -6.08
N SER A 33 5.94 -7.10 -6.52
CA SER A 33 4.84 -6.30 -7.04
C SER A 33 4.25 -6.95 -8.30
N LYS A 34 2.94 -7.14 -8.29
CA LYS A 34 2.25 -7.75 -9.43
C LYS A 34 1.87 -6.69 -10.45
N ALA A 35 0.95 -5.80 -10.07
CA ALA A 35 0.51 -4.73 -10.95
C ALA A 35 0.49 -3.38 -10.24
N LEU A 36 0.99 -3.38 -9.00
CA LEU A 36 1.04 -2.15 -8.21
C LEU A 36 2.26 -1.31 -8.58
N GLY A 37 3.00 -1.75 -9.59
CA GLY A 37 4.18 -1.02 -10.02
C GLY A 37 4.97 -0.47 -8.86
N SER A 38 4.78 0.81 -8.57
CA SER A 38 5.48 1.47 -7.47
C SER A 38 5.13 2.94 -7.40
N LEU A 39 3.84 3.24 -7.44
CA LEU A 39 3.36 4.62 -7.38
C LEU A 39 1.83 4.67 -7.40
N ALA A 40 1.21 3.86 -6.54
CA ALA A 40 -0.24 3.82 -6.44
C ALA A 40 -0.70 3.88 -4.99
N VAL A 41 -1.34 4.98 -4.63
CA VAL A 41 -1.84 5.17 -3.27
C VAL A 41 -3.31 4.77 -3.16
N GLY A 42 -3.59 3.79 -2.31
CA GLY A 42 -4.96 3.33 -2.14
C GLY A 42 -5.27 2.99 -0.69
N HIS A 43 -6.44 3.42 -0.23
CA HIS A 43 -6.86 3.17 1.14
C HIS A 43 -7.68 1.88 1.24
N LEU A 44 -7.08 0.84 1.82
CA LEU A 44 -7.75 -0.44 1.97
C LEU A 44 -9.24 -0.25 2.28
N THR A 45 -10.09 -0.87 1.48
CA THR A 45 -11.53 -0.77 1.66
C THR A 45 -11.94 -1.27 3.05
N LYS A 46 -11.19 -2.21 3.59
CA LYS A 46 -11.46 -2.77 4.91
C LYS A 46 -11.60 -1.66 5.94
N CYS A 47 -10.49 -0.98 6.23
CA CYS A 47 -10.49 0.11 7.21
C CYS A 47 -10.62 1.46 6.51
N SER A 48 -9.97 1.59 5.37
CA SER A 48 -10.01 2.84 4.61
C SER A 48 -8.99 3.84 5.15
N HIS A 49 -7.71 3.56 4.91
CA HIS A 49 -6.64 4.44 5.39
C HIS A 49 -5.86 5.00 4.20
N ALA A 50 -4.70 4.40 3.93
CA ALA A 50 -3.85 4.85 2.82
C ALA A 50 -2.40 4.39 3.02
N PHE A 51 -1.82 3.84 1.97
CA PHE A 51 -0.44 3.35 2.03
C PHE A 51 0.02 2.84 0.66
N HIS A 52 1.30 2.99 0.39
CA HIS A 52 1.87 2.54 -0.88
C HIS A 52 1.42 1.12 -1.21
N LEU A 53 0.41 1.01 -2.07
CA LEU A 53 -0.11 -0.29 -2.46
C LEU A 53 1.01 -1.33 -2.56
N LEU A 54 1.96 -1.08 -3.45
CA LEU A 54 3.09 -1.99 -3.64
C LEU A 54 3.62 -2.48 -2.30
N CYS A 55 4.03 -1.55 -1.46
CA CYS A 55 4.55 -1.89 -0.14
C CYS A 55 3.71 -2.97 0.52
N LEU A 56 2.44 -2.66 0.74
CA LEU A 56 1.52 -3.61 1.37
C LEU A 56 1.67 -4.99 0.76
N LEU A 57 1.46 -5.08 -0.55
CA LEU A 57 1.58 -6.36 -1.26
C LEU A 57 2.78 -7.16 -0.75
N ALA A 58 3.76 -6.46 -0.19
CA ALA A 58 4.96 -7.09 0.33
C ALA A 58 4.65 -7.89 1.60
N MET A 59 4.28 -7.18 2.66
CA MET A 59 3.96 -7.81 3.93
C MET A 59 2.56 -8.43 3.88
N TYR A 60 1.84 -8.17 2.80
CA TYR A 60 0.49 -8.71 2.64
C TYR A 60 0.52 -10.23 2.58
N CYS A 61 1.69 -10.79 2.28
CA CYS A 61 1.85 -12.24 2.19
C CYS A 61 1.67 -12.89 3.55
N ASN A 62 1.60 -12.06 4.59
CA ASN A 62 1.44 -12.56 5.95
C ASN A 62 -0.04 -12.65 6.33
N GLY A 63 -0.74 -11.52 6.21
CA GLY A 63 -2.15 -11.49 6.53
C GLY A 63 -3.01 -11.11 5.35
N ASN A 64 -4.28 -10.81 5.62
CA ASN A 64 -5.21 -10.43 4.57
C ASN A 64 -4.93 -11.21 3.28
N LYS A 65 -4.90 -12.54 3.40
CA LYS A 65 -4.64 -13.39 2.24
C LYS A 65 -5.95 -13.75 1.53
N ASP A 66 -6.17 -13.11 0.38
CA ASP A 66 -7.38 -13.36 -0.39
C ASP A 66 -7.17 -12.99 -1.86
N GLY A 67 -6.61 -11.81 -2.09
CA GLY A 67 -6.37 -11.35 -3.44
C GLY A 67 -6.14 -9.85 -3.52
N SER A 68 -5.55 -9.29 -2.46
CA SER A 68 -5.29 -7.86 -2.42
C SER A 68 -4.07 -7.56 -1.53
N LEU A 69 -4.34 -7.23 -0.28
CA LEU A 69 -3.28 -6.93 0.68
C LEU A 69 -3.85 -6.52 2.03
N GLN A 70 -2.97 -6.32 3.01
CA GLN A 70 -3.40 -5.93 4.34
C GLN A 70 -2.97 -4.49 4.65
N CYS A 71 -3.67 -3.87 5.60
CA CYS A 71 -3.36 -2.49 5.98
C CYS A 71 -2.25 -2.45 7.02
N PRO A 72 -1.10 -1.87 6.64
CA PRO A 72 0.06 -1.75 7.53
C PRO A 72 -0.18 -0.76 8.66
N SER A 73 -1.06 0.20 8.43
CA SER A 73 -1.38 1.21 9.43
C SER A 73 -1.90 0.56 10.71
N CYS A 74 -3.12 0.05 10.65
CA CYS A 74 -3.73 -0.61 11.80
C CYS A 74 -3.79 -2.12 11.60
N LYS A 75 -2.81 -2.65 10.88
CA LYS A 75 -2.75 -4.09 10.62
C LYS A 75 -4.10 -4.61 10.14
N THR A 76 -4.82 -3.77 9.41
CA THR A 76 -6.13 -4.15 8.88
C THR A 76 -6.00 -4.85 7.54
ZN ZN B . 5.84 2.57 1.45
ZN ZN C . -6.06 0.53 8.70
N ASN A 1 -9.48 -5.53 -6.02
CA ASN A 1 -8.96 -5.03 -4.75
C ASN A 1 -10.07 -4.39 -3.92
N TYR A 2 -9.72 -4.01 -2.70
CA TYR A 2 -10.69 -3.38 -1.79
C TYR A 2 -10.35 -1.91 -1.57
N THR A 3 -9.24 -1.47 -2.15
CA THR A 3 -8.80 -0.09 -2.01
C THR A 3 -8.97 0.68 -3.31
N GLU A 4 -9.79 1.74 -3.26
CA GLU A 4 -10.04 2.55 -4.44
C GLU A 4 -8.95 3.61 -4.61
N GLU A 5 -8.09 3.41 -5.61
CA GLU A 5 -7.01 4.36 -5.88
C GLU A 5 -7.45 5.79 -5.59
N LEU A 6 -6.60 6.53 -4.88
CA LEU A 6 -6.90 7.92 -4.54
C LEU A 6 -6.48 8.86 -5.66
N LYS A 7 -7.46 9.33 -6.43
CA LYS A 7 -7.18 10.24 -7.54
C LYS A 7 -6.07 11.23 -7.17
N VAL A 8 -5.96 11.52 -5.88
CA VAL A 8 -4.94 12.44 -5.40
C VAL A 8 -4.25 11.90 -4.15
N PRO A 9 -2.94 12.17 -4.02
CA PRO A 9 -2.15 11.73 -2.88
C PRO A 9 -2.51 12.46 -1.60
N PRO A 10 -2.58 11.71 -0.48
CA PRO A 10 -2.91 12.27 0.82
C PRO A 10 -1.81 13.17 1.37
N ASP A 11 -0.56 12.82 1.07
CA ASP A 11 0.58 13.60 1.54
C ASP A 11 0.96 13.21 2.96
N GLU A 12 0.36 12.13 3.46
CA GLU A 12 0.64 11.66 4.81
C GLU A 12 2.07 11.14 4.92
N ASP A 13 2.23 9.83 4.73
CA ASP A 13 3.55 9.20 4.82
C ASP A 13 3.42 7.69 5.01
N CYS A 14 3.89 6.93 4.03
CA CYS A 14 3.83 5.48 4.10
C CYS A 14 4.13 4.99 5.51
N ILE A 15 3.46 3.92 5.92
CA ILE A 15 3.65 3.35 7.24
C ILE A 15 4.57 2.13 7.19
N ILE A 16 4.79 1.62 5.97
CA ILE A 16 5.65 0.46 5.79
C ILE A 16 7.11 0.86 5.69
N CYS A 17 7.47 1.48 4.57
CA CYS A 17 8.85 1.93 4.36
C CYS A 17 9.12 3.23 5.08
N MET A 18 8.13 3.71 5.84
CA MET A 18 8.26 4.95 6.59
C MET A 18 8.64 6.10 5.66
N GLU A 19 8.27 5.98 4.39
CA GLU A 19 8.57 7.02 3.41
C GLU A 19 7.31 7.80 3.06
N LYS A 20 7.50 8.99 2.48
CA LYS A 20 6.39 9.84 2.09
C LYS A 20 5.48 9.13 1.10
N LEU A 21 4.17 9.38 1.22
CA LEU A 21 3.19 8.76 0.34
C LEU A 21 3.14 9.48 -1.00
N SER A 22 4.12 10.35 -1.24
CA SER A 22 4.18 11.11 -2.49
C SER A 22 5.21 10.49 -3.44
N THR A 23 6.39 10.21 -2.92
CA THR A 23 7.46 9.63 -3.72
C THR A 23 7.02 8.30 -4.35
N ALA A 24 7.27 7.20 -3.63
CA ALA A 24 6.90 5.89 -4.11
C ALA A 24 7.25 4.81 -3.09
N SER A 25 6.70 3.62 -3.27
CA SER A 25 6.95 2.50 -2.37
C SER A 25 8.45 2.25 -2.21
N GLY A 26 8.97 2.52 -1.03
CA GLY A 26 10.39 2.31 -0.79
C GLY A 26 10.81 0.87 -0.98
N TYR A 27 9.85 -0.04 -0.88
CA TYR A 27 10.11 -1.46 -1.04
C TYR A 27 10.41 -1.80 -2.50
N SER A 28 9.95 -0.95 -3.41
CA SER A 28 10.17 -1.16 -4.83
C SER A 28 11.56 -1.73 -5.09
N ASP A 29 12.50 -1.41 -4.21
CA ASP A 29 13.88 -1.88 -4.34
C ASP A 29 13.90 -3.37 -4.69
N VAL A 30 13.40 -4.19 -3.78
CA VAL A 30 13.37 -5.64 -3.99
C VAL A 30 11.95 -6.13 -4.22
N THR A 31 10.99 -5.22 -4.07
CA THR A 31 9.58 -5.57 -4.27
C THR A 31 8.99 -4.80 -5.44
N ASP A 32 9.49 -5.07 -6.64
CA ASP A 32 9.01 -4.41 -7.85
C ASP A 32 7.96 -5.27 -8.55
N SER A 33 6.83 -5.48 -7.89
CA SER A 33 5.75 -6.28 -8.45
C SER A 33 5.39 -5.80 -9.85
N LYS A 34 4.77 -6.68 -10.63
CA LYS A 34 4.38 -6.35 -11.99
C LYS A 34 2.86 -6.26 -12.11
N ALA A 35 2.21 -5.80 -11.05
CA ALA A 35 0.76 -5.67 -11.03
C ALA A 35 0.34 -4.32 -10.44
N LEU A 36 1.01 -3.91 -9.37
CA LEU A 36 0.71 -2.63 -8.72
C LEU A 36 1.55 -1.51 -9.31
N GLY A 37 2.82 -1.45 -8.89
CA GLY A 37 3.71 -0.41 -9.38
C GLY A 37 3.89 0.72 -8.39
N SER A 38 5.00 0.71 -7.68
CA SER A 38 5.29 1.75 -6.68
C SER A 38 4.87 3.12 -7.20
N LEU A 39 3.66 3.52 -6.85
CA LEU A 39 3.13 4.83 -7.27
C LEU A 39 1.61 4.86 -7.14
N ALA A 40 1.00 3.69 -7.12
CA ALA A 40 -0.45 3.59 -7.00
C ALA A 40 -0.89 3.69 -5.55
N VAL A 41 -1.37 4.87 -5.15
CA VAL A 41 -1.81 5.11 -3.78
C VAL A 41 -3.22 4.54 -3.57
N GLY A 42 -3.33 3.57 -2.68
CA GLY A 42 -4.61 2.96 -2.39
C GLY A 42 -4.91 2.90 -0.90
N HIS A 43 -6.16 3.14 -0.55
CA HIS A 43 -6.58 3.11 0.85
C HIS A 43 -7.67 2.06 1.08
N LEU A 44 -7.44 1.18 2.05
CA LEU A 44 -8.40 0.14 2.38
C LEU A 44 -9.72 0.72 2.84
N THR A 45 -10.80 0.37 2.14
CA THR A 45 -12.12 0.87 2.49
C THR A 45 -12.73 0.09 3.64
N LYS A 46 -11.91 -0.76 4.26
CA LYS A 46 -12.36 -1.58 5.38
C LYS A 46 -12.14 -0.85 6.70
N CYS A 47 -11.03 -0.12 6.79
CA CYS A 47 -10.71 0.62 8.01
C CYS A 47 -10.49 2.10 7.69
N SER A 48 -10.31 2.41 6.41
CA SER A 48 -10.09 3.79 5.98
C SER A 48 -8.63 4.18 6.14
N HIS A 49 -7.73 3.25 5.83
CA HIS A 49 -6.30 3.50 5.94
C HIS A 49 -5.66 3.59 4.56
N ALA A 50 -4.60 4.38 4.45
CA ALA A 50 -3.89 4.55 3.18
C ALA A 50 -2.42 4.18 3.32
N PHE A 51 -1.76 3.96 2.19
CA PHE A 51 -0.35 3.60 2.19
C PHE A 51 0.10 3.17 0.80
N HIS A 52 1.40 2.93 0.63
CA HIS A 52 1.95 2.51 -0.65
C HIS A 52 1.45 1.12 -1.02
N LEU A 53 0.62 1.05 -2.06
CA LEU A 53 0.08 -0.22 -2.52
C LEU A 53 1.16 -1.29 -2.55
N LEU A 54 2.20 -1.06 -3.35
CA LEU A 54 3.30 -2.01 -3.47
C LEU A 54 3.76 -2.50 -2.09
N CYS A 55 4.29 -1.57 -1.30
CA CYS A 55 4.76 -1.89 0.04
C CYS A 55 3.82 -2.87 0.72
N LEU A 56 2.53 -2.54 0.72
CA LEU A 56 1.52 -3.39 1.35
C LEU A 56 1.50 -4.77 0.71
N LEU A 57 1.25 -4.80 -0.60
CA LEU A 57 1.20 -6.06 -1.34
C LEU A 57 2.30 -7.01 -0.87
N ALA A 58 3.48 -6.46 -0.61
CA ALA A 58 4.61 -7.27 -0.15
C ALA A 58 4.35 -7.82 1.24
N MET A 59 4.27 -6.94 2.23
CA MET A 59 4.04 -7.34 3.61
C MET A 59 2.65 -7.99 3.74
N TYR A 60 1.86 -7.91 2.69
CA TYR A 60 0.52 -8.49 2.69
C TYR A 60 0.58 -10.01 2.77
N CYS A 61 1.75 -10.57 2.45
CA CYS A 61 1.95 -12.01 2.48
C CYS A 61 1.75 -12.56 3.88
N ASN A 62 1.64 -11.67 4.85
CA ASN A 62 1.45 -12.07 6.25
C ASN A 62 -0.03 -12.02 6.62
N GLY A 63 -0.63 -10.85 6.47
CA GLY A 63 -2.04 -10.70 6.81
C GLY A 63 -2.88 -10.29 5.62
N ASN A 64 -4.19 -10.14 5.83
CA ASN A 64 -5.10 -9.76 4.76
C ASN A 64 -4.66 -10.36 3.43
N LYS A 65 -4.33 -11.65 3.45
CA LYS A 65 -3.90 -12.34 2.25
C LYS A 65 -5.09 -12.73 1.39
N ASP A 66 -5.74 -11.72 0.81
CA ASP A 66 -6.90 -11.96 -0.04
C ASP A 66 -6.61 -11.53 -1.48
N GLY A 67 -5.35 -11.66 -1.88
CA GLY A 67 -4.96 -11.29 -3.23
C GLY A 67 -5.15 -9.81 -3.50
N SER A 68 -4.52 -8.97 -2.67
CA SER A 68 -4.63 -7.53 -2.82
C SER A 68 -3.54 -6.81 -2.02
N LEU A 69 -3.69 -6.82 -0.70
CA LEU A 69 -2.73 -6.17 0.19
C LEU A 69 -3.15 -6.30 1.64
N GLN A 70 -2.35 -5.72 2.54
CA GLN A 70 -2.64 -5.78 3.97
C GLN A 70 -2.40 -4.43 4.63
N CYS A 71 -3.09 -4.19 5.73
CA CYS A 71 -2.95 -2.93 6.46
C CYS A 71 -2.03 -3.10 7.68
N PRO A 72 -0.77 -2.68 7.52
CA PRO A 72 0.23 -2.77 8.58
C PRO A 72 -0.05 -1.81 9.73
N SER A 73 -1.14 -1.06 9.61
CA SER A 73 -1.52 -0.10 10.64
C SER A 73 -2.34 -0.77 11.74
N CYS A 74 -3.50 -1.29 11.37
CA CYS A 74 -4.38 -1.96 12.32
C CYS A 74 -4.60 -3.42 11.92
N LYS A 75 -3.71 -3.94 11.08
CA LYS A 75 -3.80 -5.31 10.62
C LYS A 75 -5.24 -5.67 10.25
N THR A 76 -5.85 -4.84 9.41
CA THR A 76 -7.22 -5.06 8.98
C THR A 76 -7.26 -5.84 7.67
ZN ZN B . 6.25 2.59 1.28
ZN ZN C . -6.25 -0.41 9.04
N ASN A 1 -10.06 -5.44 -5.33
CA ASN A 1 -9.22 -5.03 -4.21
C ASN A 1 -10.04 -4.34 -3.14
N TYR A 2 -9.38 -3.90 -2.08
CA TYR A 2 -10.05 -3.22 -0.97
C TYR A 2 -9.78 -1.72 -1.01
N THR A 3 -8.68 -1.34 -1.65
CA THR A 3 -8.30 0.05 -1.76
C THR A 3 -8.63 0.61 -3.14
N GLU A 4 -9.19 1.81 -3.18
CA GLU A 4 -9.54 2.46 -4.43
C GLU A 4 -8.53 3.53 -4.80
N GLU A 5 -7.82 3.31 -5.91
CA GLU A 5 -6.81 4.25 -6.38
C GLU A 5 -7.29 5.69 -6.18
N LEU A 6 -6.34 6.58 -5.87
CA LEU A 6 -6.66 7.99 -5.65
C LEU A 6 -6.06 8.85 -6.76
N LYS A 7 -6.82 9.84 -7.20
CA LYS A 7 -6.35 10.75 -8.25
C LYS A 7 -5.08 11.48 -7.82
N VAL A 8 -4.80 11.45 -6.52
CA VAL A 8 -3.62 12.10 -5.98
C VAL A 8 -3.24 11.54 -4.61
N PRO A 9 -1.96 11.62 -4.26
CA PRO A 9 -1.45 11.14 -2.98
C PRO A 9 -1.93 11.97 -1.80
N PRO A 10 -2.51 11.30 -0.79
CA PRO A 10 -3.03 11.97 0.41
C PRO A 10 -1.91 12.52 1.29
N ASP A 11 -2.23 12.84 2.54
CA ASP A 11 -1.26 13.38 3.47
C ASP A 11 -1.13 12.48 4.70
N GLU A 12 -0.93 11.19 4.45
CA GLU A 12 -0.79 10.22 5.53
C GLU A 12 0.64 9.67 5.58
N ASP A 13 1.30 9.66 4.44
CA ASP A 13 2.68 9.16 4.34
C ASP A 13 2.72 7.66 4.62
N CYS A 14 3.35 6.92 3.73
CA CYS A 14 3.47 5.47 3.89
C CYS A 14 3.75 5.10 5.34
N ILE A 15 3.43 3.87 5.71
CA ILE A 15 3.65 3.39 7.06
C ILE A 15 4.64 2.23 7.08
N ILE A 16 4.80 1.57 5.94
CA ILE A 16 5.72 0.45 5.82
C ILE A 16 7.17 0.92 5.81
N CYS A 17 7.56 1.58 4.72
CA CYS A 17 8.92 2.08 4.59
C CYS A 17 9.09 3.41 5.32
N MET A 18 8.02 3.84 5.98
CA MET A 18 8.05 5.10 6.72
C MET A 18 8.55 6.24 5.85
N GLU A 19 7.95 6.38 4.67
CA GLU A 19 8.34 7.44 3.74
C GLU A 19 7.12 8.22 3.27
N LYS A 20 7.35 9.19 2.39
CA LYS A 20 6.27 10.02 1.86
C LYS A 20 5.39 9.22 0.91
N LEU A 21 4.09 9.43 0.99
CA LEU A 21 3.13 8.74 0.14
C LEU A 21 3.24 9.21 -1.31
N SER A 22 4.14 10.15 -1.55
CA SER A 22 4.35 10.68 -2.89
C SER A 22 5.72 10.30 -3.43
N THR A 23 6.57 9.79 -2.55
CA THR A 23 7.92 9.39 -2.93
C THR A 23 7.93 7.95 -3.45
N ALA A 24 6.75 7.40 -3.69
CA ALA A 24 6.62 6.04 -4.19
C ALA A 24 6.91 5.02 -3.11
N SER A 25 6.64 3.75 -3.40
CA SER A 25 6.87 2.67 -2.43
C SER A 25 8.36 2.39 -2.28
N GLY A 26 8.84 2.46 -1.04
CA GLY A 26 10.25 2.22 -0.78
C GLY A 26 10.62 0.75 -0.94
N TYR A 27 9.61 -0.11 -0.99
CA TYR A 27 9.83 -1.55 -1.13
C TYR A 27 10.15 -1.90 -2.58
N SER A 28 9.70 -1.05 -3.51
CA SER A 28 9.94 -1.27 -4.93
C SER A 28 11.37 -1.72 -5.17
N ASP A 29 12.27 -1.31 -4.30
CA ASP A 29 13.69 -1.66 -4.42
C ASP A 29 13.84 -3.15 -4.76
N VAL A 30 13.09 -3.99 -4.05
CA VAL A 30 13.14 -5.43 -4.27
C VAL A 30 11.75 -6.03 -4.34
N THR A 31 10.73 -5.17 -4.25
CA THR A 31 9.35 -5.61 -4.30
C THR A 31 8.62 -5.00 -5.49
N ASP A 32 8.62 -5.72 -6.61
CA ASP A 32 7.95 -5.24 -7.82
C ASP A 32 6.47 -5.61 -7.81
N SER A 33 5.97 -5.99 -6.64
CA SER A 33 4.57 -6.37 -6.49
C SER A 33 4.12 -7.24 -7.66
N LYS A 34 3.57 -6.60 -8.68
CA LYS A 34 3.10 -7.30 -9.86
C LYS A 34 2.60 -6.33 -10.92
N ALA A 35 1.63 -5.49 -10.54
CA ALA A 35 1.06 -4.51 -11.45
C ALA A 35 0.82 -3.18 -10.75
N LEU A 36 1.26 -3.10 -9.49
CA LEU A 36 1.09 -1.87 -8.71
C LEU A 36 2.05 -0.79 -9.18
N GLY A 37 3.23 -1.21 -9.62
CA GLY A 37 4.23 -0.26 -10.09
C GLY A 37 4.72 0.66 -8.99
N SER A 38 4.27 0.41 -7.76
CA SER A 38 4.66 1.22 -6.62
C SER A 38 4.51 2.71 -6.92
N LEU A 39 3.61 3.03 -7.83
CA LEU A 39 3.36 4.42 -8.21
C LEU A 39 1.87 4.75 -8.12
N ALA A 40 1.20 4.14 -7.15
CA ALA A 40 -0.23 4.38 -6.96
C ALA A 40 -0.58 4.42 -5.47
N VAL A 41 -1.61 5.18 -5.13
CA VAL A 41 -2.04 5.30 -3.74
C VAL A 41 -3.45 4.76 -3.56
N GLY A 42 -3.59 3.78 -2.67
CA GLY A 42 -4.88 3.19 -2.41
C GLY A 42 -5.17 3.03 -0.93
N HIS A 43 -6.38 3.38 -0.52
CA HIS A 43 -6.78 3.28 0.88
C HIS A 43 -7.84 2.20 1.07
N LEU A 44 -7.55 1.24 1.93
CA LEU A 44 -8.48 0.15 2.20
C LEU A 44 -9.84 0.68 2.63
N THR A 45 -10.90 0.20 1.98
CA THR A 45 -12.25 0.64 2.30
C THR A 45 -12.82 -0.16 3.46
N LYS A 46 -11.93 -0.70 4.30
CA LYS A 46 -12.35 -1.48 5.46
C LYS A 46 -12.10 -0.70 6.75
N CYS A 47 -10.96 -0.02 6.81
CA CYS A 47 -10.60 0.76 7.99
C CYS A 47 -10.33 2.22 7.61
N SER A 48 -10.11 2.45 6.33
CA SER A 48 -9.83 3.80 5.84
C SER A 48 -8.35 4.14 6.01
N HIS A 49 -7.50 3.13 5.91
CA HIS A 49 -6.06 3.30 6.05
C HIS A 49 -5.38 3.34 4.68
N ALA A 50 -4.65 4.42 4.42
CA ALA A 50 -3.95 4.57 3.15
C ALA A 50 -2.47 4.22 3.28
N PHE A 51 -1.82 3.99 2.16
CA PHE A 51 -0.40 3.64 2.15
C PHE A 51 0.06 3.23 0.76
N HIS A 52 1.33 2.87 0.63
CA HIS A 52 1.89 2.45 -0.65
C HIS A 52 1.41 1.05 -1.02
N LEU A 53 0.49 0.98 -1.98
CA LEU A 53 -0.05 -0.30 -2.43
C LEU A 53 1.03 -1.36 -2.49
N LEU A 54 2.14 -1.04 -3.16
CA LEU A 54 3.26 -1.97 -3.28
C LEU A 54 3.75 -2.42 -1.91
N CYS A 55 4.37 -1.50 -1.18
CA CYS A 55 4.88 -1.81 0.16
C CYS A 55 3.96 -2.79 0.89
N LEU A 56 2.66 -2.53 0.81
CA LEU A 56 1.67 -3.38 1.46
C LEU A 56 1.62 -4.76 0.80
N LEU A 57 1.37 -4.78 -0.51
CA LEU A 57 1.30 -6.03 -1.25
C LEU A 57 2.46 -6.94 -0.90
N ALA A 58 3.57 -6.34 -0.45
CA ALA A 58 4.75 -7.10 -0.07
C ALA A 58 4.50 -7.92 1.19
N MET A 59 4.28 -7.24 2.30
CA MET A 59 4.03 -7.90 3.58
C MET A 59 2.64 -8.52 3.60
N TYR A 60 1.81 -8.13 2.63
CA TYR A 60 0.44 -8.64 2.55
C TYR A 60 0.45 -10.17 2.49
N CYS A 61 1.60 -10.75 2.17
CA CYS A 61 1.73 -12.20 2.09
C CYS A 61 1.43 -12.85 3.43
N ASN A 62 1.29 -12.03 4.46
CA ASN A 62 1.01 -12.53 5.81
C ASN A 62 -0.49 -12.49 6.09
N GLY A 63 -1.07 -11.30 5.97
CA GLY A 63 -2.50 -11.14 6.22
C GLY A 63 -3.23 -10.56 5.03
N ASN A 64 -4.55 -10.45 5.15
CA ASN A 64 -5.37 -9.91 4.07
C ASN A 64 -4.81 -10.30 2.71
N LYS A 65 -4.55 -11.58 2.53
CA LYS A 65 -4.01 -12.09 1.27
C LYS A 65 -5.10 -12.74 0.43
N ASP A 66 -6.01 -11.92 -0.10
CA ASP A 66 -7.10 -12.43 -0.92
C ASP A 66 -6.97 -11.94 -2.35
N GLY A 67 -6.35 -10.78 -2.53
CA GLY A 67 -6.16 -10.21 -3.85
C GLY A 67 -6.02 -8.70 -3.83
N SER A 68 -5.04 -8.22 -3.07
CA SER A 68 -4.81 -6.78 -2.96
C SER A 68 -3.56 -6.51 -2.11
N LEU A 69 -3.78 -6.32 -0.81
CA LEU A 69 -2.68 -6.05 0.11
C LEU A 69 -3.15 -6.14 1.56
N GLN A 70 -2.27 -5.78 2.49
CA GLN A 70 -2.60 -5.83 3.91
C GLN A 70 -2.36 -4.47 4.56
N CYS A 71 -3.02 -4.24 5.69
CA CYS A 71 -2.89 -2.97 6.41
C CYS A 71 -2.02 -3.16 7.65
N PRO A 72 -0.77 -2.68 7.57
CA PRO A 72 0.18 -2.77 8.68
C PRO A 72 -0.19 -1.86 9.84
N SER A 73 -1.14 -0.96 9.60
CA SER A 73 -1.58 -0.03 10.63
C SER A 73 -2.37 -0.76 11.72
N CYS A 74 -3.43 -1.44 11.31
CA CYS A 74 -4.28 -2.17 12.24
C CYS A 74 -4.45 -3.63 11.79
N LYS A 75 -3.42 -4.15 11.12
CA LYS A 75 -3.45 -5.53 10.64
C LYS A 75 -4.80 -5.87 10.02
N THR A 76 -5.28 -4.98 9.15
CA THR A 76 -6.56 -5.18 8.49
C THR A 76 -6.37 -5.69 7.07
ZN ZN B . 6.34 2.68 1.32
ZN ZN C . -6.22 -0.54 9.02
N ASN A 1 -11.14 -6.24 -4.64
CA ASN A 1 -10.20 -5.51 -3.81
C ASN A 1 -10.91 -4.80 -2.66
N TYR A 2 -10.15 -4.32 -1.70
CA TYR A 2 -10.71 -3.61 -0.55
C TYR A 2 -10.44 -2.12 -0.63
N THR A 3 -9.45 -1.74 -1.44
CA THR A 3 -9.09 -0.34 -1.61
C THR A 3 -9.29 0.10 -3.06
N GLU A 4 -9.18 1.40 -3.30
CA GLU A 4 -9.35 1.95 -4.64
C GLU A 4 -8.34 3.06 -4.90
N GLU A 5 -7.51 2.85 -5.92
CA GLU A 5 -6.49 3.83 -6.29
C GLU A 5 -6.99 5.25 -6.05
N LEU A 6 -6.09 6.14 -5.63
CA LEU A 6 -6.43 7.53 -5.37
C LEU A 6 -5.91 8.44 -6.48
N LYS A 7 -6.83 8.99 -7.26
CA LYS A 7 -6.47 9.89 -8.36
C LYS A 7 -5.41 10.88 -7.91
N VAL A 8 -5.32 11.10 -6.61
CA VAL A 8 -4.35 12.03 -6.05
C VAL A 8 -3.78 11.52 -4.74
N PRO A 9 -2.61 12.06 -4.34
CA PRO A 9 -1.94 11.66 -3.11
C PRO A 9 -2.69 12.14 -1.86
N PRO A 10 -2.96 11.20 -0.94
CA PRO A 10 -3.66 11.50 0.30
C PRO A 10 -2.82 12.34 1.26
N ASP A 11 -1.51 12.11 1.26
CA ASP A 11 -0.60 12.85 2.13
C ASP A 11 -0.57 12.25 3.52
N GLU A 12 -1.02 11.00 3.63
CA GLU A 12 -1.04 10.31 4.92
C GLU A 12 0.34 9.80 5.29
N ASP A 13 1.15 9.52 4.28
CA ASP A 13 2.51 9.03 4.50
C ASP A 13 2.51 7.53 4.76
N CYS A 14 3.22 6.79 3.91
CA CYS A 14 3.30 5.34 4.05
C CYS A 14 3.57 4.94 5.50
N ILE A 15 3.31 3.68 5.82
CA ILE A 15 3.52 3.18 7.17
C ILE A 15 4.52 2.02 7.18
N ILE A 16 4.75 1.44 6.00
CA ILE A 16 5.69 0.33 5.87
C ILE A 16 7.13 0.82 5.80
N CYS A 17 7.48 1.45 4.68
CA CYS A 17 8.83 1.98 4.50
C CYS A 17 8.98 3.34 5.17
N MET A 18 7.95 3.75 5.91
CA MET A 18 7.98 5.03 6.61
C MET A 18 8.45 6.14 5.68
N GLU A 19 7.68 6.40 4.63
CA GLU A 19 8.03 7.44 3.67
C GLU A 19 6.79 8.23 3.25
N LYS A 20 7.00 9.25 2.43
CA LYS A 20 5.90 10.10 1.96
C LYS A 20 5.05 9.36 0.94
N LEU A 21 3.74 9.43 1.12
CA LEU A 21 2.80 8.76 0.21
C LEU A 21 2.83 9.41 -1.17
N SER A 22 3.52 10.54 -1.27
CA SER A 22 3.62 11.27 -2.54
C SER A 22 4.85 10.82 -3.32
N THR A 23 5.90 10.46 -2.60
CA THR A 23 7.14 10.01 -3.24
C THR A 23 6.94 8.70 -3.98
N ALA A 24 7.16 7.58 -3.29
CA ALA A 24 7.00 6.27 -3.90
C ALA A 24 7.42 5.17 -2.93
N SER A 25 6.88 3.98 -3.13
CA SER A 25 7.20 2.84 -2.26
C SER A 25 8.70 2.74 -2.03
N GLY A 26 9.09 2.32 -0.83
CA GLY A 26 10.49 2.19 -0.49
C GLY A 26 11.03 0.80 -0.77
N TYR A 27 10.11 -0.15 -0.96
CA TYR A 27 10.51 -1.53 -1.22
C TYR A 27 10.60 -1.80 -2.72
N SER A 28 10.35 -0.76 -3.52
CA SER A 28 10.41 -0.88 -4.97
C SER A 28 11.74 -1.47 -5.41
N ASP A 29 12.73 -1.40 -4.54
CA ASP A 29 14.06 -1.92 -4.84
C ASP A 29 13.98 -3.40 -5.22
N VAL A 30 13.22 -4.16 -4.44
CA VAL A 30 13.07 -5.59 -4.70
C VAL A 30 11.66 -5.90 -5.23
N THR A 31 10.66 -5.62 -4.41
CA THR A 31 9.27 -5.87 -4.80
C THR A 31 8.99 -5.36 -6.21
N ASP A 32 8.72 -4.06 -6.32
CA ASP A 32 8.44 -3.46 -7.61
C ASP A 32 6.99 -3.71 -8.02
N SER A 33 6.33 -4.62 -7.32
CA SER A 33 4.94 -4.95 -7.62
C SER A 33 4.79 -5.40 -9.07
N LYS A 34 3.62 -5.96 -9.39
CA LYS A 34 3.35 -6.43 -10.74
C LYS A 34 1.87 -6.27 -11.08
N ALA A 35 1.34 -5.08 -10.85
CA ALA A 35 -0.06 -4.80 -11.14
C ALA A 35 -0.49 -3.47 -10.54
N LEU A 36 0.16 -3.09 -9.44
CA LEU A 36 -0.16 -1.83 -8.76
C LEU A 36 0.72 -0.69 -9.28
N GLY A 37 2.03 -0.85 -9.11
CA GLY A 37 2.96 0.16 -9.56
C GLY A 37 3.63 0.90 -8.42
N SER A 38 4.92 1.17 -8.56
CA SER A 38 5.67 1.87 -7.52
C SER A 38 5.34 3.36 -7.53
N LEU A 39 4.05 3.68 -7.53
CA LEU A 39 3.61 5.07 -7.53
C LEU A 39 2.08 5.16 -7.54
N ALA A 40 1.45 4.28 -6.75
CA ALA A 40 0.00 4.25 -6.66
C ALA A 40 -0.47 4.20 -5.20
N VAL A 41 -1.29 5.16 -4.82
CA VAL A 41 -1.80 5.22 -3.45
C VAL A 41 -3.19 4.59 -3.35
N GLY A 42 -3.39 3.76 -2.34
CA GLY A 42 -4.67 3.11 -2.14
C GLY A 42 -5.13 3.14 -0.70
N HIS A 43 -6.40 3.50 -0.50
CA HIS A 43 -6.96 3.58 0.85
C HIS A 43 -7.93 2.43 1.09
N LEU A 44 -7.60 1.58 2.07
CA LEU A 44 -8.44 0.44 2.40
C LEU A 44 -9.84 0.89 2.82
N THR A 45 -10.83 0.50 2.04
CA THR A 45 -12.22 0.88 2.32
C THR A 45 -12.78 0.04 3.47
N LYS A 46 -11.93 -0.81 4.05
CA LYS A 46 -12.34 -1.66 5.16
C LYS A 46 -12.17 -0.93 6.49
N CYS A 47 -11.06 -0.23 6.64
CA CYS A 47 -10.78 0.51 7.87
C CYS A 47 -10.51 1.97 7.56
N SER A 48 -10.23 2.27 6.30
CA SER A 48 -9.95 3.64 5.87
C SER A 48 -8.50 3.99 6.13
N HIS A 49 -7.60 3.06 5.81
CA HIS A 49 -6.17 3.28 6.01
C HIS A 49 -5.44 3.36 4.67
N ALA A 50 -4.70 4.44 4.46
CA ALA A 50 -3.96 4.65 3.22
C ALA A 50 -2.51 4.20 3.38
N PHE A 51 -1.84 3.99 2.25
CA PHE A 51 -0.45 3.57 2.25
C PHE A 51 0.02 3.17 0.86
N HIS A 52 1.32 2.98 0.70
CA HIS A 52 1.89 2.60 -0.59
C HIS A 52 1.40 1.22 -1.01
N LEU A 53 0.47 1.20 -1.96
CA LEU A 53 -0.10 -0.06 -2.46
C LEU A 53 0.99 -1.13 -2.57
N LEU A 54 2.08 -0.79 -3.26
CA LEU A 54 3.19 -1.72 -3.44
C LEU A 54 3.64 -2.29 -2.10
N CYS A 55 4.25 -1.45 -1.28
CA CYS A 55 4.73 -1.87 0.04
C CYS A 55 3.75 -2.85 0.68
N LEU A 56 2.47 -2.52 0.62
CA LEU A 56 1.43 -3.37 1.20
C LEU A 56 1.38 -4.73 0.50
N LEU A 57 1.36 -4.69 -0.83
CA LEU A 57 1.31 -5.91 -1.63
C LEU A 57 2.27 -6.96 -1.07
N ALA A 58 3.39 -6.51 -0.51
CA ALA A 58 4.38 -7.41 0.06
C ALA A 58 3.92 -7.94 1.42
N MET A 59 3.83 -7.03 2.39
CA MET A 59 3.40 -7.41 3.74
C MET A 59 2.03 -8.09 3.70
N TYR A 60 1.33 -7.91 2.59
CA TYR A 60 0.00 -8.50 2.44
C TYR A 60 0.08 -10.03 2.39
N CYS A 61 1.29 -10.54 2.19
CA CYS A 61 1.51 -11.98 2.12
C CYS A 61 1.16 -12.65 3.45
N ASN A 62 0.93 -11.82 4.47
CA ASN A 62 0.60 -12.33 5.80
C ASN A 62 -0.91 -12.32 6.03
N GLY A 63 -1.51 -11.13 5.88
CA GLY A 63 -2.93 -11.00 6.08
C GLY A 63 -3.65 -10.54 4.82
N ASN A 64 -4.95 -10.29 4.94
CA ASN A 64 -5.75 -9.84 3.80
C ASN A 64 -5.26 -10.48 2.52
N LYS A 65 -5.01 -11.79 2.56
CA LYS A 65 -4.55 -12.53 1.39
C LYS A 65 -5.72 -13.00 0.54
N ASP A 66 -6.30 -12.08 -0.24
CA ASP A 66 -7.43 -12.41 -1.10
C ASP A 66 -7.10 -12.11 -2.55
N GLY A 67 -6.45 -10.97 -2.79
CA GLY A 67 -6.10 -10.59 -4.15
C GLY A 67 -5.89 -9.09 -4.28
N SER A 68 -5.27 -8.48 -3.28
CA SER A 68 -5.02 -7.05 -3.29
C SER A 68 -3.83 -6.69 -2.39
N LEU A 69 -4.14 -6.33 -1.15
CA LEU A 69 -3.09 -5.97 -0.19
C LEU A 69 -3.60 -6.08 1.24
N GLN A 70 -2.79 -5.65 2.19
CA GLN A 70 -3.16 -5.70 3.59
C GLN A 70 -2.83 -4.39 4.30
N CYS A 71 -3.51 -4.12 5.42
CA CYS A 71 -3.29 -2.91 6.18
C CYS A 71 -2.36 -3.17 7.37
N PRO A 72 -1.08 -2.79 7.22
CA PRO A 72 -0.08 -2.99 8.27
C PRO A 72 -0.31 -2.07 9.46
N SER A 73 -1.27 -1.15 9.33
CA SER A 73 -1.59 -0.22 10.39
C SER A 73 -2.31 -0.92 11.54
N CYS A 74 -3.54 -1.36 11.28
CA CYS A 74 -4.34 -2.05 12.29
C CYS A 74 -4.53 -3.51 11.92
N LYS A 75 -3.79 -3.97 10.92
CA LYS A 75 -3.88 -5.35 10.46
C LYS A 75 -5.29 -5.68 9.99
N THR A 76 -5.83 -4.85 9.10
CA THR A 76 -7.16 -5.05 8.57
C THR A 76 -7.12 -5.37 7.08
ZN ZN B . 6.10 2.60 1.44
ZN ZN C . -6.41 -0.54 9.11
N ASN A 1 -9.58 -5.56 -6.03
CA ASN A 1 -9.05 -5.29 -4.69
C ASN A 1 -10.09 -4.61 -3.83
N TYR A 2 -9.78 -4.47 -2.54
CA TYR A 2 -10.70 -3.83 -1.59
C TYR A 2 -10.27 -2.39 -1.33
N THR A 3 -9.32 -1.90 -2.11
CA THR A 3 -8.82 -0.54 -1.95
C THR A 3 -9.16 0.31 -3.17
N GLU A 4 -8.96 1.63 -3.05
CA GLU A 4 -9.24 2.54 -4.13
C GLU A 4 -8.08 3.52 -4.34
N GLU A 5 -7.50 3.51 -5.54
CA GLU A 5 -6.39 4.40 -5.86
C GLU A 5 -6.68 5.82 -5.41
N LEU A 6 -5.64 6.53 -4.99
CA LEU A 6 -5.77 7.91 -4.53
C LEU A 6 -5.38 8.88 -5.63
N LYS A 7 -6.31 9.79 -5.96
CA LYS A 7 -6.06 10.79 -7.01
C LYS A 7 -4.83 11.62 -6.67
N VAL A 8 -4.43 11.61 -5.40
CA VAL A 8 -3.27 12.36 -4.95
C VAL A 8 -2.80 11.88 -3.59
N PRO A 9 -1.47 11.94 -3.36
CA PRO A 9 -0.86 11.52 -2.10
C PRO A 9 -1.21 12.46 -0.94
N PRO A 10 -2.03 11.96 0.00
CA PRO A 10 -2.45 12.73 1.17
C PRO A 10 -1.30 12.98 2.15
N ASP A 11 -1.64 13.39 3.36
CA ASP A 11 -0.65 13.66 4.39
C ASP A 11 -0.59 12.50 5.39
N GLU A 12 -0.67 11.28 4.89
CA GLU A 12 -0.63 10.10 5.74
C GLU A 12 0.76 9.46 5.72
N ASP A 13 1.42 9.53 4.57
CA ASP A 13 2.76 8.97 4.42
C ASP A 13 2.73 7.46 4.67
N CYS A 14 3.37 6.71 3.78
CA CYS A 14 3.43 5.26 3.89
C CYS A 14 3.61 4.83 5.36
N ILE A 15 3.26 3.59 5.65
CA ILE A 15 3.38 3.07 7.00
C ILE A 15 4.34 1.90 7.06
N ILE A 16 4.51 1.21 5.92
CA ILE A 16 5.41 0.07 5.84
C ILE A 16 6.86 0.52 5.82
N CYS A 17 7.25 1.20 4.74
CA CYS A 17 8.62 1.68 4.59
C CYS A 17 8.78 3.05 5.24
N MET A 18 7.83 3.40 6.10
CA MET A 18 7.87 4.69 6.80
C MET A 18 8.46 5.77 5.90
N GLU A 19 7.72 6.14 4.86
CA GLU A 19 8.17 7.17 3.92
C GLU A 19 7.02 8.07 3.50
N LYS A 20 7.29 9.01 2.61
CA LYS A 20 6.28 9.93 2.11
C LYS A 20 5.36 9.24 1.12
N LEU A 21 4.06 9.51 1.25
CA LEU A 21 3.06 8.93 0.35
C LEU A 21 3.19 9.48 -1.06
N SER A 22 4.11 10.42 -1.24
CA SER A 22 4.33 11.04 -2.54
C SER A 22 5.67 10.60 -3.12
N THR A 23 6.48 9.95 -2.30
CA THR A 23 7.79 9.48 -2.74
C THR A 23 7.75 8.02 -3.18
N ALA A 24 6.62 7.63 -3.77
CA ALA A 24 6.44 6.26 -4.23
C ALA A 24 6.81 5.26 -3.14
N SER A 25 6.65 3.97 -3.45
CA SER A 25 6.96 2.91 -2.50
C SER A 25 8.46 2.82 -2.26
N GLY A 26 8.84 2.49 -1.02
CA GLY A 26 10.24 2.37 -0.68
C GLY A 26 10.79 0.98 -0.97
N TYR A 27 9.94 -0.02 -0.85
CA TYR A 27 10.35 -1.40 -1.09
C TYR A 27 10.55 -1.65 -2.58
N SER A 28 9.99 -0.77 -3.41
CA SER A 28 10.10 -0.90 -4.86
C SER A 28 11.51 -1.35 -5.26
N ASP A 29 12.49 -1.02 -4.42
CA ASP A 29 13.87 -1.38 -4.68
C ASP A 29 14.00 -2.89 -4.91
N VAL A 30 13.36 -3.67 -4.05
CA VAL A 30 13.41 -5.13 -4.16
C VAL A 30 12.05 -5.69 -4.57
N THR A 31 11.04 -5.48 -3.73
CA THR A 31 9.70 -5.96 -4.01
C THR A 31 9.39 -5.91 -5.50
N ASP A 32 9.07 -4.71 -5.99
CA ASP A 32 8.75 -4.52 -7.39
C ASP A 32 7.36 -5.06 -7.72
N SER A 33 6.73 -5.68 -6.73
CA SER A 33 5.40 -6.24 -6.91
C SER A 33 5.29 -7.01 -8.22
N LYS A 34 4.08 -7.41 -8.58
CA LYS A 34 3.85 -8.15 -9.82
C LYS A 34 2.48 -7.83 -10.40
N ALA A 35 2.09 -6.56 -10.33
CA ALA A 35 0.80 -6.12 -10.85
C ALA A 35 0.64 -4.61 -10.73
N LEU A 36 1.05 -4.06 -9.59
CA LEU A 36 0.96 -2.62 -9.36
C LEU A 36 2.02 -1.88 -10.15
N GLY A 37 2.25 -0.62 -9.78
CA GLY A 37 3.24 0.19 -10.47
C GLY A 37 4.18 0.88 -9.51
N SER A 38 3.97 0.68 -8.22
CA SER A 38 4.80 1.30 -7.19
C SER A 38 4.59 2.80 -7.15
N LEU A 39 3.58 3.27 -7.87
CA LEU A 39 3.26 4.70 -7.92
C LEU A 39 1.77 4.93 -7.75
N ALA A 40 1.10 4.00 -7.07
CA ALA A 40 -0.33 4.11 -6.84
C ALA A 40 -0.67 3.84 -5.38
N VAL A 41 -1.08 4.90 -4.67
CA VAL A 41 -1.43 4.78 -3.27
C VAL A 41 -2.94 4.64 -3.09
N GLY A 42 -3.35 3.61 -2.35
CA GLY A 42 -4.76 3.38 -2.12
C GLY A 42 -5.05 2.97 -0.68
N HIS A 43 -6.27 3.24 -0.23
CA HIS A 43 -6.67 2.90 1.13
C HIS A 43 -7.59 1.68 1.13
N LEU A 44 -7.60 0.95 2.24
CA LEU A 44 -8.43 -0.24 2.37
C LEU A 44 -9.86 0.13 2.76
N THR A 45 -10.81 -0.20 1.88
CA THR A 45 -12.22 0.10 2.14
C THR A 45 -12.66 -0.45 3.48
N LYS A 46 -11.85 -1.34 4.05
CA LYS A 46 -12.16 -1.94 5.34
C LYS A 46 -12.00 -0.94 6.47
N CYS A 47 -11.11 0.03 6.26
CA CYS A 47 -10.86 1.07 7.26
C CYS A 47 -10.61 2.42 6.60
N SER A 48 -9.79 2.41 5.55
CA SER A 48 -9.46 3.62 4.83
C SER A 48 -8.33 4.37 5.52
N HIS A 49 -7.11 3.86 5.37
CA HIS A 49 -5.94 4.48 5.99
C HIS A 49 -4.96 4.95 4.92
N ALA A 50 -5.02 4.33 3.75
CA ALA A 50 -4.12 4.69 2.65
C ALA A 50 -2.71 4.19 2.90
N PHE A 51 -2.08 3.65 1.86
CA PHE A 51 -0.72 3.13 1.96
C PHE A 51 -0.18 2.74 0.59
N HIS A 52 1.14 2.66 0.48
CA HIS A 52 1.78 2.30 -0.78
C HIS A 52 1.34 0.90 -1.22
N LEU A 53 0.39 0.86 -2.14
CA LEU A 53 -0.13 -0.41 -2.65
C LEU A 53 1.00 -1.44 -2.77
N LEU A 54 2.14 -1.00 -3.29
CA LEU A 54 3.29 -1.88 -3.45
C LEU A 54 3.75 -2.44 -2.10
N CYS A 55 4.25 -1.57 -1.24
CA CYS A 55 4.72 -1.97 0.08
C CYS A 55 3.74 -2.93 0.74
N LEU A 56 2.44 -2.67 0.54
CA LEU A 56 1.41 -3.51 1.12
C LEU A 56 1.39 -4.89 0.44
N LEU A 57 1.23 -4.90 -0.87
CA LEU A 57 1.19 -6.15 -1.63
C LEU A 57 2.20 -7.14 -1.07
N ALA A 58 3.26 -6.63 -0.48
CA ALA A 58 4.30 -7.48 0.09
C ALA A 58 3.95 -7.87 1.54
N MET A 59 3.83 -6.87 2.40
CA MET A 59 3.50 -7.10 3.79
C MET A 59 2.12 -7.74 3.93
N TYR A 60 1.40 -7.82 2.82
CA TYR A 60 0.07 -8.41 2.82
C TYR A 60 0.15 -9.93 2.82
N CYS A 61 1.11 -10.46 2.08
CA CYS A 61 1.29 -11.91 2.00
C CYS A 61 0.96 -12.57 3.33
N ASN A 62 1.21 -11.87 4.43
CA ASN A 62 0.93 -12.40 5.76
C ASN A 62 -0.42 -11.89 6.27
N GLY A 63 -0.47 -10.62 6.61
CA GLY A 63 -1.71 -10.04 7.12
C GLY A 63 -2.84 -10.13 6.11
N ASN A 64 -4.06 -10.27 6.62
CA ASN A 64 -5.24 -10.37 5.76
C ASN A 64 -5.11 -11.53 4.80
N LYS A 65 -4.36 -11.32 3.72
CA LYS A 65 -4.15 -12.36 2.72
C LYS A 65 -5.44 -12.68 1.98
N ASP A 66 -5.41 -12.52 0.66
CA ASP A 66 -6.58 -12.79 -0.17
C ASP A 66 -6.28 -12.56 -1.64
N GLY A 67 -5.66 -11.42 -1.94
CA GLY A 67 -5.31 -11.11 -3.32
C GLY A 67 -5.42 -9.63 -3.61
N SER A 68 -4.90 -8.80 -2.71
CA SER A 68 -4.94 -7.35 -2.88
C SER A 68 -3.86 -6.68 -2.05
N LEU A 69 -4.07 -6.65 -0.73
CA LEU A 69 -3.12 -6.03 0.18
C LEU A 69 -3.61 -6.10 1.62
N GLN A 70 -2.89 -5.44 2.52
CA GLN A 70 -3.26 -5.43 3.94
C GLN A 70 -2.92 -4.09 4.58
N CYS A 71 -3.60 -3.77 5.67
CA CYS A 71 -3.37 -2.52 6.38
C CYS A 71 -2.28 -2.69 7.44
N PRO A 72 -1.12 -2.09 7.19
CA PRO A 72 0.03 -2.16 8.11
C PRO A 72 -0.21 -1.37 9.39
N SER A 73 -1.38 -0.74 9.48
CA SER A 73 -1.73 0.05 10.66
C SER A 73 -2.62 -0.74 11.60
N CYS A 74 -3.93 -0.68 11.36
CA CYS A 74 -4.90 -1.40 12.18
C CYS A 74 -5.12 -2.81 11.66
N LYS A 75 -4.07 -3.40 11.09
CA LYS A 75 -4.15 -4.75 10.56
C LYS A 75 -5.53 -5.02 9.96
N THR A 76 -6.13 -3.99 9.40
CA THR A 76 -7.46 -4.11 8.80
C THR A 76 -7.42 -5.05 7.59
ZN ZN B . 6.21 2.51 1.30
ZN ZN C . -6.39 0.41 8.87
N ASN A 1 -9.51 -5.68 -5.29
CA ASN A 1 -8.78 -4.88 -4.33
C ASN A 1 -9.72 -4.18 -3.35
N TYR A 2 -9.23 -3.91 -2.15
CA TYR A 2 -10.03 -3.26 -1.13
C TYR A 2 -9.79 -1.75 -1.12
N THR A 3 -8.72 -1.32 -1.80
CA THR A 3 -8.38 0.08 -1.88
C THR A 3 -8.66 0.65 -3.27
N GLU A 4 -9.15 1.88 -3.32
CA GLU A 4 -9.46 2.53 -4.59
C GLU A 4 -8.37 3.52 -4.96
N GLU A 5 -7.58 3.18 -5.98
CA GLU A 5 -6.50 4.04 -6.43
C GLU A 5 -6.93 5.50 -6.45
N LEU A 6 -6.05 6.38 -6.01
CA LEU A 6 -6.35 7.82 -5.98
C LEU A 6 -5.57 8.55 -7.05
N LYS A 7 -6.28 9.22 -7.95
CA LYS A 7 -5.66 9.97 -9.03
C LYS A 7 -4.45 10.76 -8.51
N VAL A 8 -4.45 11.05 -7.21
CA VAL A 8 -3.35 11.79 -6.60
C VAL A 8 -3.18 11.40 -5.14
N PRO A 9 -1.98 11.66 -4.59
CA PRO A 9 -1.67 11.34 -3.19
C PRO A 9 -2.41 12.25 -2.21
N PRO A 10 -2.96 11.63 -1.15
CA PRO A 10 -3.71 12.37 -0.12
C PRO A 10 -2.81 13.26 0.73
N ASP A 11 -2.31 12.70 1.82
CA ASP A 11 -1.43 13.44 2.73
C ASP A 11 -1.22 12.67 4.03
N GLU A 12 -1.21 11.35 3.94
CA GLU A 12 -1.03 10.51 5.12
C GLU A 12 0.41 10.00 5.20
N ASP A 13 0.99 9.68 4.05
CA ASP A 13 2.36 9.18 3.99
C ASP A 13 2.42 7.70 4.38
N CYS A 14 3.03 6.90 3.52
CA CYS A 14 3.16 5.47 3.76
C CYS A 14 3.62 5.20 5.20
N ILE A 15 3.15 4.09 5.76
CA ILE A 15 3.51 3.72 7.12
C ILE A 15 4.60 2.65 7.13
N ILE A 16 4.69 1.91 6.03
CA ILE A 16 5.69 0.84 5.92
C ILE A 16 7.10 1.42 5.92
N CYS A 17 7.45 2.11 4.83
CA CYS A 17 8.78 2.71 4.70
C CYS A 17 8.75 4.18 5.14
N MET A 18 7.74 4.53 5.93
CA MET A 18 7.61 5.90 6.42
C MET A 18 8.09 6.90 5.37
N GLU A 19 7.31 7.04 4.30
CA GLU A 19 7.67 7.96 3.22
C GLU A 19 6.44 8.77 2.78
N LYS A 20 6.63 9.62 1.79
CA LYS A 20 5.55 10.45 1.27
C LYS A 20 4.68 9.67 0.30
N LEU A 21 3.37 9.67 0.54
CA LEU A 21 2.43 8.96 -0.30
C LEU A 21 2.45 9.51 -1.72
N SER A 22 3.15 10.63 -1.91
CA SER A 22 3.25 11.25 -3.22
C SER A 22 4.42 10.68 -4.01
N THR A 23 5.53 10.43 -3.31
CA THR A 23 6.72 9.88 -3.94
C THR A 23 6.43 8.51 -4.56
N ALA A 24 6.68 7.46 -3.79
CA ALA A 24 6.44 6.10 -4.26
C ALA A 24 6.73 5.08 -3.16
N SER A 25 6.51 3.81 -3.47
CA SER A 25 6.74 2.73 -2.50
C SER A 25 8.23 2.52 -2.27
N GLY A 26 8.64 2.58 -1.00
CA GLY A 26 10.03 2.39 -0.67
C GLY A 26 10.46 0.94 -0.74
N TYR A 27 9.52 0.06 -1.07
CA TYR A 27 9.79 -1.37 -1.17
C TYR A 27 9.99 -1.79 -2.63
N SER A 28 9.51 -0.97 -3.54
CA SER A 28 9.63 -1.25 -4.97
C SER A 28 11.04 -1.72 -5.30
N ASP A 29 12.00 -1.39 -4.45
CA ASP A 29 13.38 -1.79 -4.66
C ASP A 29 13.47 -3.26 -5.03
N VAL A 30 13.07 -4.12 -4.11
CA VAL A 30 13.10 -5.57 -4.34
C VAL A 30 11.84 -6.24 -3.82
N THR A 31 10.81 -6.29 -4.67
CA THR A 31 9.54 -6.90 -4.30
C THR A 31 8.93 -7.64 -5.47
N ASP A 32 8.44 -8.85 -5.22
CA ASP A 32 7.82 -9.67 -6.26
C ASP A 32 6.34 -9.33 -6.41
N SER A 33 6.07 -8.14 -6.94
CA SER A 33 4.69 -7.69 -7.13
C SER A 33 4.41 -7.41 -8.60
N LYS A 34 3.51 -8.20 -9.19
CA LYS A 34 3.16 -8.03 -10.59
C LYS A 34 1.69 -7.65 -10.74
N ALA A 35 1.19 -6.88 -9.77
CA ALA A 35 -0.20 -6.44 -9.79
C ALA A 35 -0.31 -4.93 -9.59
N LEU A 36 0.62 -4.38 -8.80
CA LEU A 36 0.63 -2.95 -8.52
C LEU A 36 1.97 -2.34 -8.90
N GLY A 37 1.93 -1.11 -9.41
CA GLY A 37 3.16 -0.43 -9.80
C GLY A 37 4.02 -0.07 -8.61
N SER A 38 3.71 1.04 -7.97
CA SER A 38 4.46 1.51 -6.81
C SER A 38 4.19 2.98 -6.53
N LEU A 39 3.98 3.75 -7.61
CA LEU A 39 3.71 5.18 -7.47
C LEU A 39 2.21 5.44 -7.32
N ALA A 40 1.48 4.41 -6.92
CA ALA A 40 0.04 4.53 -6.75
C ALA A 40 -0.34 4.43 -5.27
N VAL A 41 -1.45 5.08 -4.91
CA VAL A 41 -1.91 5.08 -3.52
C VAL A 41 -3.31 4.48 -3.43
N GLY A 42 -3.54 3.71 -2.37
CA GLY A 42 -4.84 3.09 -2.18
C GLY A 42 -5.26 3.06 -0.72
N HIS A 43 -6.49 3.49 -0.44
CA HIS A 43 -7.01 3.52 0.92
C HIS A 43 -7.95 2.34 1.17
N LEU A 44 -7.52 1.41 2.02
CA LEU A 44 -8.33 0.24 2.34
C LEU A 44 -9.75 0.64 2.73
N THR A 45 -10.73 0.17 1.96
CA THR A 45 -12.13 0.49 2.23
C THR A 45 -12.66 -0.34 3.39
N LYS A 46 -11.77 -1.05 4.06
CA LYS A 46 -12.15 -1.89 5.19
C LYS A 46 -12.00 -1.13 6.50
N CYS A 47 -10.92 -0.37 6.62
CA CYS A 47 -10.66 0.41 7.82
C CYS A 47 -10.48 1.89 7.48
N SER A 48 -10.25 2.18 6.20
CA SER A 48 -10.05 3.55 5.75
C SER A 48 -8.59 3.97 5.93
N HIS A 49 -7.68 3.02 5.78
CA HIS A 49 -6.26 3.29 5.93
C HIS A 49 -5.57 3.34 4.57
N ALA A 50 -4.68 4.31 4.40
CA ALA A 50 -3.96 4.47 3.14
C ALA A 50 -2.48 4.14 3.32
N PHE A 51 -1.78 3.96 2.21
CA PHE A 51 -0.35 3.65 2.25
C PHE A 51 0.17 3.30 0.86
N HIS A 52 1.41 2.83 0.80
CA HIS A 52 2.02 2.46 -0.48
C HIS A 52 1.60 1.05 -0.90
N LEU A 53 0.79 0.98 -1.96
CA LEU A 53 0.32 -0.31 -2.46
C LEU A 53 1.42 -1.35 -2.43
N LEU A 54 2.41 -1.18 -3.31
CA LEU A 54 3.53 -2.11 -3.38
C LEU A 54 3.97 -2.56 -1.98
N CYS A 55 4.39 -1.59 -1.18
CA CYS A 55 4.84 -1.89 0.18
C CYS A 55 3.89 -2.86 0.86
N LEU A 56 2.60 -2.54 0.86
CA LEU A 56 1.59 -3.39 1.48
C LEU A 56 1.56 -4.77 0.82
N LEU A 57 1.27 -4.79 -0.47
CA LEU A 57 1.21 -6.04 -1.23
C LEU A 57 2.37 -6.96 -0.85
N ALA A 58 3.52 -6.35 -0.57
CA ALA A 58 4.71 -7.12 -0.18
C ALA A 58 4.48 -7.85 1.14
N MET A 59 4.35 -7.07 2.22
CA MET A 59 4.13 -7.64 3.54
C MET A 59 2.74 -8.25 3.65
N TYR A 60 1.91 -8.02 2.64
CA TYR A 60 0.55 -8.53 2.63
C TYR A 60 0.55 -10.06 2.72
N CYS A 61 1.72 -10.66 2.48
CA CYS A 61 1.85 -12.11 2.53
C CYS A 61 1.70 -12.62 3.95
N ASN A 62 1.69 -11.70 4.91
CA ASN A 62 1.57 -12.06 6.32
C ASN A 62 0.12 -11.92 6.78
N GLY A 63 -0.42 -10.71 6.68
CA GLY A 63 -1.79 -10.46 7.09
C GLY A 63 -2.73 -10.30 5.91
N ASN A 64 -4.00 -10.02 6.20
CA ASN A 64 -4.99 -9.84 5.16
C ASN A 64 -4.82 -10.88 4.06
N LYS A 65 -4.05 -10.53 3.03
CA LYS A 65 -3.81 -11.44 1.92
C LYS A 65 -5.12 -11.85 1.26
N ASP A 66 -6.10 -10.97 1.29
CA ASP A 66 -7.40 -11.25 0.69
C ASP A 66 -7.31 -11.20 -0.84
N GLY A 67 -6.22 -10.65 -1.34
CA GLY A 67 -6.04 -10.55 -2.79
C GLY A 67 -5.80 -9.13 -3.25
N SER A 68 -4.88 -8.45 -2.59
CA SER A 68 -4.56 -7.06 -2.93
C SER A 68 -3.39 -6.55 -2.09
N LEU A 69 -3.59 -6.48 -0.78
CA LEU A 69 -2.55 -6.01 0.13
C LEU A 69 -3.01 -6.14 1.59
N GLN A 70 -2.20 -5.61 2.50
CA GLN A 70 -2.52 -5.67 3.92
C GLN A 70 -2.28 -4.31 4.58
N CYS A 71 -3.01 -4.05 5.65
CA CYS A 71 -2.90 -2.79 6.38
C CYS A 71 -2.03 -2.96 7.62
N PRO A 72 -0.76 -2.54 7.52
CA PRO A 72 0.20 -2.65 8.62
C PRO A 72 -0.12 -1.68 9.76
N SER A 73 -1.19 -0.90 9.58
CA SER A 73 -1.60 0.07 10.59
C SER A 73 -2.38 -0.61 11.71
N CYS A 74 -3.42 -1.34 11.33
CA CYS A 74 -4.25 -2.06 12.30
C CYS A 74 -4.44 -3.52 11.90
N LYS A 75 -3.74 -3.93 10.84
CA LYS A 75 -3.83 -5.30 10.36
C LYS A 75 -5.28 -5.69 10.09
N THR A 76 -5.98 -4.84 9.35
CA THR A 76 -7.38 -5.11 9.02
C THR A 76 -7.51 -5.87 7.71
ZN ZN B . 6.18 2.59 1.59
ZN ZN C . -6.24 -0.50 9.08
N ASN A 1 -8.18 -4.11 -4.96
CA ASN A 1 -9.36 -4.91 -4.66
C ASN A 1 -10.23 -4.21 -3.60
N TYR A 2 -9.66 -4.01 -2.42
CA TYR A 2 -10.38 -3.36 -1.33
C TYR A 2 -10.01 -1.88 -1.25
N THR A 3 -8.92 -1.51 -1.91
CA THR A 3 -8.45 -0.13 -1.91
C THR A 3 -8.79 0.56 -3.23
N GLU A 4 -9.10 1.85 -3.16
CA GLU A 4 -9.44 2.63 -4.35
C GLU A 4 -8.37 3.68 -4.63
N GLU A 5 -7.76 3.59 -5.80
CA GLU A 5 -6.72 4.54 -6.19
C GLU A 5 -7.13 5.97 -5.88
N LEU A 6 -6.18 6.77 -5.40
CA LEU A 6 -6.44 8.16 -5.06
C LEU A 6 -6.04 9.08 -6.19
N LYS A 7 -7.03 9.74 -6.80
CA LYS A 7 -6.77 10.66 -7.89
C LYS A 7 -5.75 11.73 -7.49
N VAL A 8 -5.56 11.89 -6.18
CA VAL A 8 -4.62 12.87 -5.66
C VAL A 8 -3.87 12.32 -4.46
N PRO A 9 -2.56 12.61 -4.40
CA PRO A 9 -1.70 12.15 -3.31
C PRO A 9 -2.00 12.86 -2.00
N PRO A 10 -2.58 12.11 -1.04
CA PRO A 10 -2.94 12.65 0.28
C PRO A 10 -1.71 12.97 1.13
N ASP A 11 -1.92 13.14 2.43
CA ASP A 11 -0.83 13.45 3.35
C ASP A 11 -0.71 12.39 4.43
N GLU A 12 -1.25 11.20 4.15
CA GLU A 12 -1.21 10.09 5.10
C GLU A 12 0.22 9.60 5.28
N ASP A 13 0.99 9.59 4.20
CA ASP A 13 2.37 9.14 4.24
C ASP A 13 2.45 7.65 4.58
N CYS A 14 3.19 6.90 3.77
CA CYS A 14 3.34 5.47 3.99
C CYS A 14 3.56 5.16 5.47
N ILE A 15 3.31 3.91 5.85
CA ILE A 15 3.48 3.49 7.23
C ILE A 15 4.47 2.34 7.33
N ILE A 16 4.75 1.69 6.20
CA ILE A 16 5.69 0.57 6.17
C ILE A 16 7.12 1.06 6.10
N CYS A 17 7.50 1.62 4.96
CA CYS A 17 8.86 2.14 4.76
C CYS A 17 9.03 3.49 5.44
N MET A 18 7.96 3.98 6.05
CA MET A 18 7.99 5.27 6.74
C MET A 18 8.47 6.37 5.81
N GLU A 19 7.82 6.50 4.66
CA GLU A 19 8.19 7.51 3.68
C GLU A 19 6.97 8.32 3.25
N LYS A 20 7.17 9.21 2.29
CA LYS A 20 6.08 10.05 1.79
C LYS A 20 5.22 9.28 0.80
N LEU A 21 3.91 9.48 0.89
CA LEU A 21 2.97 8.81 -0.01
C LEU A 21 3.18 9.24 -1.45
N SER A 22 4.03 10.24 -1.65
CA SER A 22 4.32 10.75 -2.98
C SER A 22 5.70 10.28 -3.46
N THR A 23 6.54 9.90 -2.50
CA THR A 23 7.89 9.44 -2.82
C THR A 23 7.88 7.97 -3.21
N ALA A 24 6.82 7.53 -3.88
CA ALA A 24 6.69 6.15 -4.31
C ALA A 24 6.92 5.19 -3.14
N SER A 25 6.81 3.89 -3.41
CA SER A 25 7.01 2.88 -2.38
C SER A 25 8.48 2.51 -2.26
N GLY A 26 8.98 2.49 -1.02
CA GLY A 26 10.37 2.14 -0.80
C GLY A 26 10.64 0.66 -0.94
N TYR A 27 9.57 -0.12 -1.06
CA TYR A 27 9.69 -1.57 -1.20
C TYR A 27 9.90 -1.95 -2.67
N SER A 28 9.51 -1.05 -3.57
CA SER A 28 9.66 -1.30 -5.00
C SER A 28 11.08 -1.71 -5.34
N ASP A 29 12.01 -1.43 -4.43
CA ASP A 29 13.41 -1.76 -4.63
C ASP A 29 13.58 -3.26 -4.88
N VAL A 30 13.00 -4.07 -4.00
CA VAL A 30 13.09 -5.52 -4.12
C VAL A 30 11.70 -6.15 -4.17
N THR A 31 10.67 -5.31 -4.29
CA THR A 31 9.31 -5.78 -4.35
C THR A 31 8.64 -5.37 -5.66
N ASP A 32 8.56 -6.31 -6.60
CA ASP A 32 7.95 -6.05 -7.89
C ASP A 32 6.53 -6.62 -7.94
N SER A 33 5.58 -5.87 -7.40
CA SER A 33 4.18 -6.30 -7.38
C SER A 33 3.74 -6.78 -8.77
N LYS A 34 2.52 -7.29 -8.85
CA LYS A 34 1.98 -7.78 -10.11
C LYS A 34 0.55 -7.28 -10.33
N ALA A 35 0.07 -6.47 -9.38
CA ALA A 35 -1.28 -5.92 -9.47
C ALA A 35 -1.26 -4.41 -9.28
N LEU A 36 -0.59 -3.95 -8.23
CA LEU A 36 -0.50 -2.53 -7.94
C LEU A 36 0.85 -1.96 -8.39
N GLY A 37 1.11 -0.70 -8.03
CA GLY A 37 2.36 -0.07 -8.42
C GLY A 37 2.90 0.83 -7.32
N SER A 38 4.19 1.14 -7.40
CA SER A 38 4.84 2.00 -6.41
C SER A 38 4.41 3.45 -6.59
N LEU A 39 3.63 3.71 -7.63
CA LEU A 39 3.15 5.06 -7.91
C LEU A 39 1.64 5.15 -7.76
N ALA A 40 1.04 4.11 -7.18
CA ALA A 40 -0.41 4.07 -6.99
C ALA A 40 -0.75 4.11 -5.51
N VAL A 41 -1.52 5.12 -5.11
CA VAL A 41 -1.92 5.27 -3.71
C VAL A 41 -3.34 4.76 -3.50
N GLY A 42 -3.48 3.69 -2.73
CA GLY A 42 -4.78 3.11 -2.46
C GLY A 42 -5.06 2.98 -0.97
N HIS A 43 -6.31 3.16 -0.59
CA HIS A 43 -6.71 3.05 0.81
C HIS A 43 -7.77 1.98 0.99
N LEU A 44 -7.48 1.01 1.86
CA LEU A 44 -8.41 -0.08 2.13
C LEU A 44 -9.75 0.45 2.62
N THR A 45 -10.83 0.07 1.96
CA THR A 45 -12.16 0.52 2.33
C THR A 45 -12.70 -0.29 3.50
N LYS A 46 -11.82 -1.09 4.11
CA LYS A 46 -12.20 -1.91 5.26
C LYS A 46 -12.04 -1.14 6.56
N CYS A 47 -10.97 -0.37 6.67
CA CYS A 47 -10.69 0.42 7.86
C CYS A 47 -10.51 1.89 7.50
N SER A 48 -10.27 2.17 6.22
CA SER A 48 -10.07 3.53 5.75
C SER A 48 -8.62 3.97 5.95
N HIS A 49 -7.70 3.05 5.72
CA HIS A 49 -6.27 3.33 5.87
C HIS A 49 -5.58 3.37 4.51
N ALA A 50 -4.76 4.41 4.31
CA ALA A 50 -4.03 4.57 3.05
C ALA A 50 -2.56 4.25 3.23
N PHE A 51 -1.86 4.05 2.12
CA PHE A 51 -0.44 3.73 2.15
C PHE A 51 0.07 3.34 0.76
N HIS A 52 1.30 2.84 0.71
CA HIS A 52 1.89 2.42 -0.55
C HIS A 52 1.43 1.03 -0.94
N LEU A 53 0.59 0.96 -1.97
CA LEU A 53 0.05 -0.31 -2.45
C LEU A 53 1.15 -1.38 -2.49
N LEU A 54 2.29 -1.01 -3.07
CA LEU A 54 3.42 -1.93 -3.18
C LEU A 54 3.89 -2.39 -1.80
N CYS A 55 4.47 -1.46 -1.04
CA CYS A 55 4.96 -1.77 0.30
C CYS A 55 4.03 -2.76 1.00
N LEU A 56 2.73 -2.47 0.97
CA LEU A 56 1.74 -3.33 1.60
C LEU A 56 1.68 -4.70 0.92
N LEU A 57 1.41 -4.68 -0.39
CA LEU A 57 1.31 -5.90 -1.17
C LEU A 57 2.46 -6.85 -0.81
N ALA A 58 3.60 -6.29 -0.44
CA ALA A 58 4.76 -7.09 -0.08
C ALA A 58 4.51 -7.87 1.21
N MET A 59 4.36 -7.13 2.32
CA MET A 59 4.12 -7.76 3.62
C MET A 59 2.70 -8.32 3.69
N TYR A 60 1.90 -8.01 2.68
CA TYR A 60 0.52 -8.48 2.64
C TYR A 60 0.47 -10.01 2.67
N CYS A 61 1.58 -10.64 2.32
CA CYS A 61 1.66 -12.09 2.30
C CYS A 61 1.37 -12.67 3.69
N ASN A 62 1.39 -11.81 4.71
CA ASN A 62 1.12 -12.23 6.07
C ASN A 62 -0.34 -11.98 6.45
N GLY A 63 -0.72 -10.71 6.47
CA GLY A 63 -2.09 -10.35 6.82
C GLY A 63 -3.02 -10.40 5.62
N ASN A 64 -4.31 -10.30 5.89
CA ASN A 64 -5.31 -10.34 4.83
C ASN A 64 -4.95 -11.38 3.77
N LYS A 65 -4.23 -10.94 2.74
CA LYS A 65 -3.82 -11.84 1.66
C LYS A 65 -5.04 -12.33 0.88
N ASP A 66 -6.06 -11.50 0.78
CA ASP A 66 -7.27 -11.86 0.05
C ASP A 66 -7.09 -11.65 -1.45
N GLY A 67 -6.12 -10.81 -1.81
CA GLY A 67 -5.85 -10.53 -3.21
C GLY A 67 -5.74 -9.05 -3.50
N SER A 68 -4.88 -8.37 -2.75
CA SER A 68 -4.68 -6.93 -2.92
C SER A 68 -3.50 -6.44 -2.09
N LEU A 69 -3.68 -6.41 -0.77
CA LEU A 69 -2.63 -5.97 0.14
C LEU A 69 -3.08 -6.09 1.59
N GLN A 70 -2.25 -5.61 2.50
CA GLN A 70 -2.56 -5.65 3.93
C GLN A 70 -2.31 -4.30 4.59
N CYS A 71 -3.06 -4.01 5.63
CA CYS A 71 -2.93 -2.75 6.35
C CYS A 71 -2.06 -2.92 7.59
N PRO A 72 -0.80 -2.48 7.50
CA PRO A 72 0.17 -2.57 8.60
C PRO A 72 -0.18 -1.63 9.76
N SER A 73 -1.13 -0.74 9.52
CA SER A 73 -1.56 0.22 10.53
C SER A 73 -2.29 -0.48 11.67
N CYS A 74 -3.40 -1.13 11.32
CA CYS A 74 -4.21 -1.85 12.32
C CYS A 74 -4.34 -3.32 11.94
N LYS A 75 -3.43 -3.80 11.11
CA LYS A 75 -3.44 -5.20 10.67
C LYS A 75 -4.84 -5.61 10.22
N THR A 76 -5.31 -5.01 9.12
CA THR A 76 -6.62 -5.32 8.59
C THR A 76 -6.51 -6.03 7.24
ZN ZN B . 6.32 2.71 1.59
ZN ZN C . -6.26 -0.44 9.08
N ASN A 1 -10.25 -3.73 -5.11
CA ASN A 1 -10.66 -4.68 -4.09
C ASN A 1 -11.22 -3.97 -2.87
N TYR A 2 -10.37 -3.72 -1.88
CA TYR A 2 -10.78 -3.04 -0.66
C TYR A 2 -10.35 -1.58 -0.67
N THR A 3 -9.38 -1.27 -1.55
CA THR A 3 -8.88 0.10 -1.66
C THR A 3 -9.17 0.67 -3.05
N GLU A 4 -9.52 1.96 -3.09
CA GLU A 4 -9.83 2.62 -4.35
C GLU A 4 -8.67 3.51 -4.78
N GLU A 5 -7.84 3.02 -5.68
CA GLU A 5 -6.69 3.77 -6.17
C GLU A 5 -7.03 5.26 -6.28
N LEU A 6 -6.43 6.05 -5.39
CA LEU A 6 -6.66 7.49 -5.38
C LEU A 6 -6.06 8.15 -6.62
N LYS A 7 -5.25 7.40 -7.35
CA LYS A 7 -4.61 7.90 -8.55
C LYS A 7 -3.63 9.02 -8.21
N VAL A 8 -3.44 9.27 -6.93
CA VAL A 8 -2.53 10.32 -6.48
C VAL A 8 -2.34 10.28 -4.97
N PRO A 9 -1.32 10.99 -4.47
CA PRO A 9 -1.02 11.04 -3.04
C PRO A 9 -2.07 11.82 -2.25
N PRO A 10 -2.53 11.23 -1.14
CA PRO A 10 -3.55 11.85 -0.29
C PRO A 10 -3.00 13.07 0.47
N ASP A 11 -2.48 12.82 1.67
CA ASP A 11 -1.93 13.90 2.49
C ASP A 11 -1.51 13.37 3.86
N GLU A 12 -0.71 12.31 3.86
CA GLU A 12 -0.24 11.71 5.10
C GLU A 12 1.19 11.20 4.97
N ASP A 13 1.32 9.91 4.70
CA ASP A 13 2.64 9.30 4.54
C ASP A 13 2.56 7.78 4.75
N CYS A 14 3.37 7.04 3.98
CA CYS A 14 3.39 5.60 4.09
C CYS A 14 3.63 5.15 5.53
N ILE A 15 3.25 3.91 5.83
CA ILE A 15 3.42 3.37 7.17
C ILE A 15 4.43 2.24 7.18
N ILE A 16 4.69 1.68 6.00
CA ILE A 16 5.65 0.59 5.86
C ILE A 16 7.07 1.12 5.75
N CYS A 17 7.39 1.73 4.62
CA CYS A 17 8.72 2.28 4.38
C CYS A 17 8.86 3.65 5.04
N MET A 18 7.82 4.07 5.75
CA MET A 18 7.83 5.36 6.44
C MET A 18 8.43 6.44 5.55
N GLU A 19 7.76 6.74 4.45
CA GLU A 19 8.22 7.75 3.51
C GLU A 19 7.06 8.62 3.02
N LYS A 20 7.35 9.49 2.05
CA LYS A 20 6.33 10.38 1.50
C LYS A 20 5.37 9.60 0.61
N LEU A 21 4.08 9.67 0.94
CA LEU A 21 3.06 8.98 0.16
C LEU A 21 3.08 9.42 -1.30
N SER A 22 3.82 10.49 -1.58
CA SER A 22 3.93 11.02 -2.94
C SER A 22 5.15 10.43 -3.65
N THR A 23 6.25 10.33 -2.92
CA THR A 23 7.49 9.79 -3.48
C THR A 23 7.24 8.44 -4.15
N ALA A 24 7.36 7.38 -3.37
CA ALA A 24 7.15 6.03 -3.90
C ALA A 24 7.47 4.98 -2.83
N SER A 25 7.15 3.73 -3.13
CA SER A 25 7.40 2.62 -2.20
C SER A 25 8.89 2.38 -2.06
N GLY A 26 9.38 2.49 -0.82
CA GLY A 26 10.80 2.27 -0.56
C GLY A 26 11.20 0.82 -0.72
N TYR A 27 10.22 -0.05 -0.93
CA TYR A 27 10.48 -1.47 -1.09
C TYR A 27 10.66 -1.84 -2.56
N SER A 28 10.32 -0.89 -3.44
CA SER A 28 10.43 -1.10 -4.88
C SER A 28 11.78 -1.75 -5.22
N ASP A 29 12.78 -1.52 -4.37
CA ASP A 29 14.11 -2.09 -4.58
C ASP A 29 14.02 -3.55 -4.98
N VAL A 30 13.23 -4.32 -4.23
CA VAL A 30 13.05 -5.74 -4.51
C VAL A 30 11.82 -6.29 -3.80
N THR A 31 10.66 -6.15 -4.44
CA THR A 31 9.41 -6.64 -3.87
C THR A 31 8.82 -7.74 -4.72
N ASP A 32 9.41 -7.98 -5.88
CA ASP A 32 8.94 -9.02 -6.79
C ASP A 32 7.57 -8.67 -7.35
N SER A 33 7.26 -7.38 -7.38
CA SER A 33 5.97 -6.91 -7.90
C SER A 33 6.12 -6.36 -9.31
N LYS A 34 6.86 -5.27 -9.46
CA LYS A 34 7.08 -4.66 -10.75
C LYS A 34 5.79 -4.68 -11.59
N ALA A 35 4.66 -4.43 -10.94
CA ALA A 35 3.38 -4.42 -11.62
C ALA A 35 2.52 -3.25 -11.17
N LEU A 36 2.43 -3.07 -9.85
CA LEU A 36 1.63 -1.99 -9.29
C LEU A 36 2.19 -0.63 -9.70
N GLY A 37 3.38 -0.64 -10.31
CA GLY A 37 4.00 0.58 -10.75
C GLY A 37 4.77 1.27 -9.64
N SER A 38 4.62 0.78 -8.43
CA SER A 38 5.30 1.35 -7.27
C SER A 38 5.05 2.85 -7.19
N LEU A 39 3.82 3.21 -6.86
CA LEU A 39 3.44 4.62 -6.75
C LEU A 39 1.94 4.77 -6.51
N ALA A 40 1.17 3.79 -6.99
CA ALA A 40 -0.27 3.81 -6.82
C ALA A 40 -0.66 3.86 -5.33
N VAL A 41 -1.53 4.80 -4.99
CA VAL A 41 -1.98 4.95 -3.61
C VAL A 41 -3.36 4.35 -3.41
N GLY A 42 -3.49 3.47 -2.42
CA GLY A 42 -4.76 2.83 -2.14
C GLY A 42 -5.22 3.06 -0.71
N HIS A 43 -6.53 3.10 -0.51
CA HIS A 43 -7.10 3.31 0.81
C HIS A 43 -8.07 2.20 1.17
N LEU A 44 -7.58 1.20 1.90
CA LEU A 44 -8.41 0.07 2.30
C LEU A 44 -9.67 0.55 3.02
N THR A 45 -10.72 0.78 2.26
CA THR A 45 -11.99 1.23 2.81
C THR A 45 -12.36 0.43 4.05
N LYS A 46 -11.79 -0.76 4.17
CA LYS A 46 -12.07 -1.62 5.31
C LYS A 46 -11.92 -0.87 6.62
N CYS A 47 -10.83 -0.12 6.75
CA CYS A 47 -10.58 0.67 7.95
C CYS A 47 -10.36 2.15 7.61
N SER A 48 -10.13 2.41 6.33
CA SER A 48 -9.89 3.79 5.88
C SER A 48 -8.43 4.17 6.05
N HIS A 49 -7.54 3.20 5.86
CA HIS A 49 -6.11 3.44 6.00
C HIS A 49 -5.42 3.42 4.63
N ALA A 50 -4.79 4.53 4.28
CA ALA A 50 -4.09 4.64 3.01
C ALA A 50 -2.61 4.33 3.17
N PHE A 51 -1.93 4.08 2.04
CA PHE A 51 -0.51 3.76 2.06
C PHE A 51 -0.02 3.39 0.66
N HIS A 52 1.20 2.89 0.58
CA HIS A 52 1.79 2.49 -0.69
C HIS A 52 1.33 1.09 -1.09
N LEU A 53 0.43 1.02 -2.07
CA LEU A 53 -0.09 -0.25 -2.54
C LEU A 53 1.03 -1.30 -2.66
N LEU A 54 2.19 -0.85 -3.10
CA LEU A 54 3.34 -1.73 -3.26
C LEU A 54 3.80 -2.28 -1.91
N CYS A 55 4.35 -1.39 -1.08
CA CYS A 55 4.82 -1.77 0.25
C CYS A 55 3.84 -2.74 0.92
N LEU A 56 2.56 -2.47 0.76
CA LEU A 56 1.52 -3.32 1.36
C LEU A 56 1.44 -4.66 0.64
N LEU A 57 1.20 -4.61 -0.67
CA LEU A 57 1.09 -5.83 -1.48
C LEU A 57 2.23 -6.78 -1.15
N ALA A 58 3.33 -6.24 -0.62
CA ALA A 58 4.48 -7.05 -0.26
C ALA A 58 4.23 -7.84 1.03
N MET A 59 4.09 -7.12 2.14
CA MET A 59 3.83 -7.75 3.42
C MET A 59 2.43 -8.34 3.48
N TYR A 60 1.61 -8.00 2.50
CA TYR A 60 0.23 -8.49 2.42
C TYR A 60 0.20 -10.01 2.44
N CYS A 61 1.27 -10.62 1.96
CA CYS A 61 1.36 -12.07 1.91
C CYS A 61 0.90 -12.69 3.23
N ASN A 62 0.94 -11.90 4.29
CA ASN A 62 0.53 -12.36 5.61
C ASN A 62 -0.91 -11.96 5.91
N GLY A 63 -1.16 -10.66 5.94
CA GLY A 63 -2.50 -10.17 6.21
C GLY A 63 -3.52 -10.68 5.22
N ASN A 64 -4.58 -9.91 5.00
CA ASN A 64 -5.63 -10.29 4.07
C ASN A 64 -5.05 -10.62 2.70
N LYS A 65 -4.61 -11.86 2.54
CA LYS A 65 -4.03 -12.30 1.27
C LYS A 65 -5.12 -12.77 0.31
N ASP A 66 -5.77 -11.81 -0.34
CA ASP A 66 -6.84 -12.13 -1.29
C ASP A 66 -6.62 -11.37 -2.60
N GLY A 67 -5.36 -11.16 -2.95
CA GLY A 67 -5.04 -10.46 -4.18
C GLY A 67 -5.28 -8.96 -4.08
N SER A 68 -4.55 -8.32 -3.17
CA SER A 68 -4.69 -6.87 -2.97
C SER A 68 -3.54 -6.32 -2.15
N LEU A 69 -3.74 -6.21 -0.85
CA LEU A 69 -2.70 -5.69 0.05
C LEU A 69 -3.12 -5.85 1.50
N GLN A 70 -2.32 -5.30 2.41
CA GLN A 70 -2.61 -5.39 3.84
C GLN A 70 -2.37 -4.04 4.52
N CYS A 71 -3.05 -3.83 5.64
CA CYS A 71 -2.91 -2.58 6.38
C CYS A 71 -1.99 -2.76 7.59
N PRO A 72 -0.73 -2.33 7.46
CA PRO A 72 0.27 -2.43 8.52
C PRO A 72 -0.03 -1.51 9.69
N SER A 73 -1.07 -0.67 9.53
CA SER A 73 -1.45 0.27 10.58
C SER A 73 -2.19 -0.44 11.71
N CYS A 74 -3.28 -1.11 11.37
CA CYS A 74 -4.07 -1.83 12.36
C CYS A 74 -4.24 -3.30 11.96
N LYS A 75 -3.46 -3.73 10.97
CA LYS A 75 -3.53 -5.10 10.48
C LYS A 75 -4.90 -5.41 9.90
N THR A 76 -5.12 -5.00 8.65
CA THR A 76 -6.39 -5.23 7.98
C THR A 76 -6.19 -5.38 6.48
ZN ZN B . 6.09 2.78 1.45
ZN ZN C . -6.18 -0.31 9.21
N ASN A 1 -10.30 -5.14 -5.93
CA ASN A 1 -9.59 -4.92 -4.68
C ASN A 1 -10.47 -4.22 -3.66
N TYR A 2 -9.96 -4.07 -2.44
CA TYR A 2 -10.70 -3.41 -1.37
C TYR A 2 -10.22 -1.97 -1.18
N THR A 3 -9.35 -1.52 -2.08
CA THR A 3 -8.82 -0.17 -2.00
C THR A 3 -8.94 0.54 -3.36
N GLU A 4 -9.68 1.65 -3.37
CA GLU A 4 -9.87 2.42 -4.59
C GLU A 4 -8.65 3.29 -4.88
N GLU A 5 -7.93 2.95 -5.94
CA GLU A 5 -6.74 3.71 -6.33
C GLU A 5 -6.99 5.21 -6.25
N LEU A 6 -5.94 5.97 -5.94
CA LEU A 6 -6.05 7.42 -5.83
C LEU A 6 -5.45 8.10 -7.06
N LYS A 7 -4.85 7.31 -7.94
CA LYS A 7 -4.24 7.84 -9.15
C LYS A 7 -3.10 8.79 -8.81
N VAL A 8 -2.74 8.85 -7.53
CA VAL A 8 -1.67 9.72 -7.08
C VAL A 8 -1.59 9.75 -5.56
N PRO A 9 -0.43 10.20 -5.03
CA PRO A 9 -0.21 10.29 -3.59
C PRO A 9 -1.05 11.38 -2.93
N PRO A 10 -1.75 11.01 -1.86
CA PRO A 10 -2.62 11.95 -1.12
C PRO A 10 -1.81 12.98 -0.35
N ASP A 11 -1.49 12.67 0.90
CA ASP A 11 -0.71 13.58 1.74
C ASP A 11 -0.57 13.02 3.15
N GLU A 12 -0.32 11.72 3.26
CA GLU A 12 -0.17 11.07 4.55
C GLU A 12 1.27 10.58 4.75
N ASP A 13 1.50 9.30 4.47
CA ASP A 13 2.83 8.72 4.61
C ASP A 13 2.75 7.21 4.71
N CYS A 14 3.75 6.52 4.17
CA CYS A 14 3.80 5.07 4.20
C CYS A 14 4.06 4.55 5.61
N ILE A 15 3.40 3.47 5.96
CA ILE A 15 3.57 2.88 7.30
C ILE A 15 4.57 1.73 7.26
N ILE A 16 4.74 1.14 6.08
CA ILE A 16 5.68 0.03 5.91
C ILE A 16 7.11 0.53 5.79
N CYS A 17 7.41 1.16 4.66
CA CYS A 17 8.75 1.70 4.42
C CYS A 17 8.94 3.03 5.14
N MET A 18 8.02 3.35 6.04
CA MET A 18 8.09 4.59 6.80
C MET A 18 8.60 5.74 5.92
N GLU A 19 8.17 5.75 4.67
CA GLU A 19 8.60 6.79 3.73
C GLU A 19 7.40 7.62 3.28
N LYS A 20 7.67 8.88 2.95
CA LYS A 20 6.63 9.79 2.49
C LYS A 20 5.77 9.13 1.42
N LEU A 21 4.45 9.35 1.50
CA LEU A 21 3.53 8.78 0.53
C LEU A 21 3.78 9.35 -0.86
N SER A 22 4.57 10.41 -0.93
CA SER A 22 4.89 11.05 -2.21
C SER A 22 6.20 10.51 -2.76
N THR A 23 7.02 9.92 -1.90
CA THR A 23 8.31 9.36 -2.31
C THR A 23 8.14 7.96 -2.87
N ALA A 24 6.93 7.64 -3.32
CA ALA A 24 6.64 6.33 -3.89
C ALA A 24 6.96 5.23 -2.89
N SER A 25 6.77 3.98 -3.31
CA SER A 25 7.04 2.83 -2.46
C SER A 25 8.54 2.65 -2.24
N GLY A 26 8.95 2.74 -0.98
CA GLY A 26 10.36 2.58 -0.65
C GLY A 26 10.86 1.16 -0.86
N TYR A 27 9.92 0.21 -0.85
CA TYR A 27 10.28 -1.20 -1.03
C TYR A 27 10.47 -1.52 -2.50
N SER A 28 10.10 -0.58 -3.37
CA SER A 28 10.24 -0.77 -4.82
C SER A 28 11.59 -1.40 -5.15
N ASP A 29 12.58 -1.15 -4.29
CA ASP A 29 13.92 -1.68 -4.50
C ASP A 29 13.88 -3.21 -4.67
N VAL A 30 13.10 -3.87 -3.83
CA VAL A 30 12.97 -5.32 -3.90
C VAL A 30 11.65 -5.73 -4.56
N THR A 31 10.56 -5.09 -4.16
CA THR A 31 9.25 -5.38 -4.71
C THR A 31 9.13 -4.86 -6.14
N ASP A 32 9.26 -5.76 -7.11
CA ASP A 32 9.17 -5.40 -8.52
C ASP A 32 7.86 -5.90 -9.12
N SER A 33 6.75 -5.56 -8.48
CA SER A 33 5.44 -5.99 -8.95
C SER A 33 5.04 -5.22 -10.21
N LYS A 34 4.49 -5.93 -11.18
CA LYS A 34 4.06 -5.33 -12.43
C LYS A 34 2.60 -4.91 -12.37
N ALA A 35 1.93 -5.27 -11.27
CA ALA A 35 0.53 -4.93 -11.09
C ALA A 35 0.38 -3.62 -10.32
N LEU A 36 1.26 -3.41 -9.35
CA LEU A 36 1.22 -2.19 -8.53
C LEU A 36 1.74 -1.00 -9.33
N GLY A 37 3.05 -0.99 -9.57
CA GLY A 37 3.65 0.10 -10.32
C GLY A 37 4.57 0.95 -9.46
N SER A 38 4.47 0.79 -8.15
CA SER A 38 5.28 1.56 -7.21
C SER A 38 4.96 3.05 -7.30
N LEU A 39 3.76 3.36 -7.78
CA LEU A 39 3.32 4.75 -7.92
C LEU A 39 1.81 4.85 -7.88
N ALA A 40 1.19 4.04 -7.03
CA ALA A 40 -0.27 4.04 -6.90
C ALA A 40 -0.68 3.90 -5.44
N VAL A 41 -1.41 4.90 -4.94
CA VAL A 41 -1.86 4.89 -3.56
C VAL A 41 -3.38 4.68 -3.47
N GLY A 42 -3.81 3.89 -2.50
CA GLY A 42 -5.23 3.63 -2.34
C GLY A 42 -5.58 3.20 -0.93
N HIS A 43 -6.57 3.85 -0.34
CA HIS A 43 -7.01 3.54 1.01
C HIS A 43 -7.82 2.25 1.04
N LEU A 44 -7.66 1.46 2.09
CA LEU A 44 -8.38 0.20 2.22
C LEU A 44 -9.79 0.44 2.75
N THR A 45 -10.77 0.36 1.85
CA THR A 45 -12.17 0.56 2.23
C THR A 45 -12.46 -0.05 3.60
N LYS A 46 -11.82 -1.18 3.89
CA LYS A 46 -12.02 -1.86 5.16
C LYS A 46 -11.84 -0.90 6.33
N CYS A 47 -10.77 -0.12 6.29
CA CYS A 47 -10.48 0.84 7.34
C CYS A 47 -10.25 2.24 6.76
N SER A 48 -9.44 2.31 5.71
CA SER A 48 -9.14 3.58 5.06
C SER A 48 -8.08 4.35 5.85
N HIS A 49 -6.84 3.89 5.76
CA HIS A 49 -5.73 4.54 6.46
C HIS A 49 -4.73 5.14 5.47
N ALA A 50 -4.70 4.57 4.26
CA ALA A 50 -3.79 5.04 3.23
C ALA A 50 -2.41 4.43 3.39
N PHE A 51 -1.85 3.94 2.28
CA PHE A 51 -0.53 3.32 2.30
C PHE A 51 -0.08 2.98 0.88
N HIS A 52 1.17 2.54 0.76
CA HIS A 52 1.74 2.18 -0.53
C HIS A 52 1.33 0.76 -0.93
N LEU A 53 0.29 0.66 -1.74
CA LEU A 53 -0.20 -0.64 -2.20
C LEU A 53 0.95 -1.60 -2.43
N LEU A 54 2.01 -1.12 -3.05
CA LEU A 54 3.19 -1.95 -3.33
C LEU A 54 3.76 -2.51 -2.03
N CYS A 55 4.35 -1.64 -1.22
CA CYS A 55 4.94 -2.06 0.04
C CYS A 55 4.02 -3.03 0.78
N LEU A 56 2.72 -2.88 0.57
CA LEU A 56 1.73 -3.73 1.21
C LEU A 56 1.60 -5.07 0.48
N LEU A 57 1.66 -5.01 -0.85
CA LEU A 57 1.55 -6.21 -1.67
C LEU A 57 2.67 -7.20 -1.34
N ALA A 58 3.65 -6.74 -0.56
CA ALA A 58 4.77 -7.58 -0.17
C ALA A 58 4.50 -8.26 1.17
N MET A 59 3.85 -7.55 2.07
CA MET A 59 3.53 -8.08 3.38
C MET A 59 2.09 -8.59 3.44
N TYR A 60 1.33 -8.31 2.38
CA TYR A 60 -0.06 -8.73 2.31
C TYR A 60 -0.17 -10.26 2.28
N CYS A 61 0.89 -10.91 1.80
CA CYS A 61 0.92 -12.36 1.72
C CYS A 61 0.59 -12.99 3.08
N ASN A 62 0.66 -12.18 4.12
CA ASN A 62 0.38 -12.66 5.48
C ASN A 62 -1.06 -12.32 5.88
N GLY A 63 -1.35 -11.03 6.03
CA GLY A 63 -2.68 -10.61 6.41
C GLY A 63 -3.65 -10.64 5.25
N ASN A 64 -4.92 -10.34 5.53
CA ASN A 64 -5.95 -10.34 4.49
C ASN A 64 -5.74 -11.49 3.51
N LYS A 65 -5.02 -11.22 2.43
CA LYS A 65 -4.75 -12.23 1.43
C LYS A 65 -6.01 -12.58 0.65
N ASP A 66 -5.97 -12.34 -0.66
CA ASP A 66 -7.12 -12.64 -1.52
C ASP A 66 -6.84 -12.23 -2.96
N GLY A 67 -6.04 -11.17 -3.13
CA GLY A 67 -5.71 -10.68 -4.45
C GLY A 67 -5.62 -9.18 -4.52
N SER A 68 -5.03 -8.58 -3.49
CA SER A 68 -4.89 -7.13 -3.43
C SER A 68 -3.74 -6.74 -2.49
N LEU A 69 -4.07 -6.45 -1.24
CA LEU A 69 -3.08 -6.06 -0.26
C LEU A 69 -3.64 -6.16 1.16
N GLN A 70 -2.87 -5.68 2.13
CA GLN A 70 -3.30 -5.70 3.53
C GLN A 70 -2.83 -4.46 4.27
N CYS A 71 -3.62 -4.03 5.24
CA CYS A 71 -3.28 -2.84 6.03
C CYS A 71 -2.27 -3.19 7.12
N PRO A 72 -1.04 -2.66 6.96
CA PRO A 72 0.04 -2.90 7.92
C PRO A 72 -0.19 -2.20 9.25
N SER A 73 -1.23 -1.35 9.30
CA SER A 73 -1.56 -0.62 10.50
C SER A 73 -2.46 -1.44 11.41
N CYS A 74 -3.77 -1.34 11.19
CA CYS A 74 -4.73 -2.08 12.00
C CYS A 74 -4.96 -3.48 11.43
N LYS A 75 -3.95 -4.02 10.77
CA LYS A 75 -4.03 -5.35 10.18
C LYS A 75 -5.34 -5.52 9.42
N THR A 76 -5.82 -4.43 8.82
CA THR A 76 -7.06 -4.47 8.06
C THR A 76 -6.85 -5.07 6.68
ZN ZN B . 6.23 2.51 1.11
ZN ZN C . -6.09 0.04 8.82
N ASN A 1 -10.28 -5.07 -6.01
CA ASN A 1 -9.60 -5.00 -4.72
C ASN A 1 -10.44 -4.22 -3.72
N TYR A 2 -10.01 -4.21 -2.46
CA TYR A 2 -10.71 -3.50 -1.40
C TYR A 2 -10.17 -2.08 -1.25
N THR A 3 -9.42 -1.63 -2.25
CA THR A 3 -8.85 -0.29 -2.23
C THR A 3 -9.26 0.52 -3.45
N GLU A 4 -9.24 1.83 -3.33
CA GLU A 4 -9.62 2.71 -4.44
C GLU A 4 -8.55 3.77 -4.68
N GLU A 5 -7.98 3.78 -5.89
CA GLU A 5 -6.96 4.73 -6.24
C GLU A 5 -7.34 6.14 -5.81
N LEU A 6 -6.35 6.92 -5.36
CA LEU A 6 -6.59 8.28 -4.92
C LEU A 6 -5.92 9.28 -5.86
N LYS A 7 -6.70 10.24 -6.33
CA LYS A 7 -6.19 11.27 -7.23
C LYS A 7 -5.16 12.15 -6.53
N VAL A 8 -5.16 12.10 -5.21
CA VAL A 8 -4.22 12.89 -4.41
C VAL A 8 -3.80 12.14 -3.16
N PRO A 9 -2.55 12.37 -2.73
CA PRO A 9 -1.99 11.73 -1.53
C PRO A 9 -2.64 12.24 -0.24
N PRO A 10 -3.17 11.31 0.57
CA PRO A 10 -3.82 11.65 1.84
C PRO A 10 -2.82 12.14 2.88
N ASP A 11 -3.25 12.15 4.14
CA ASP A 11 -2.40 12.59 5.25
C ASP A 11 -2.20 11.47 6.25
N GLU A 12 -1.15 10.68 6.05
CA GLU A 12 -0.84 9.58 6.95
C GLU A 12 0.53 8.98 6.64
N ASP A 13 0.89 8.99 5.36
CA ASP A 13 2.18 8.46 4.92
C ASP A 13 2.24 6.95 5.14
N CYS A 14 2.87 6.25 4.20
CA CYS A 14 3.00 4.79 4.29
C CYS A 14 3.29 4.36 5.72
N ILE A 15 3.06 3.08 5.99
CA ILE A 15 3.29 2.53 7.33
C ILE A 15 4.33 1.42 7.28
N ILE A 16 4.52 0.83 6.10
CA ILE A 16 5.49 -0.24 5.94
C ILE A 16 6.91 0.31 5.88
N CYS A 17 7.20 1.06 4.82
CA CYS A 17 8.53 1.64 4.64
C CYS A 17 8.59 3.04 5.26
N MET A 18 7.58 3.37 6.05
CA MET A 18 7.52 4.68 6.70
C MET A 18 8.03 5.77 5.76
N GLU A 19 7.23 6.12 4.77
CA GLU A 19 7.60 7.16 3.80
C GLU A 19 6.39 7.98 3.39
N LYS A 20 6.64 9.08 2.69
CA LYS A 20 5.57 9.96 2.24
C LYS A 20 4.63 9.22 1.29
N LEU A 21 3.34 9.20 1.62
CA LEU A 21 2.35 8.54 0.80
C LEU A 21 2.28 9.16 -0.60
N SER A 22 2.96 10.29 -0.76
CA SER A 22 2.97 10.98 -2.04
C SER A 22 4.17 10.53 -2.88
N THR A 23 5.32 10.38 -2.23
CA THR A 23 6.53 9.97 -2.92
C THR A 23 6.32 8.66 -3.68
N ALA A 24 6.56 7.55 -3.00
CA ALA A 24 6.40 6.24 -3.61
C ALA A 24 6.92 5.13 -2.69
N SER A 25 6.44 3.91 -2.90
CA SER A 25 6.84 2.78 -2.10
C SER A 25 8.35 2.81 -1.84
N GLY A 26 8.75 2.34 -0.67
CA GLY A 26 10.16 2.31 -0.31
C GLY A 26 10.86 1.06 -0.79
N TYR A 27 10.14 -0.05 -0.78
CA TYR A 27 10.70 -1.33 -1.21
C TYR A 27 10.74 -1.43 -2.74
N SER A 28 10.31 -0.36 -3.40
CA SER A 28 10.29 -0.32 -4.85
C SER A 28 11.53 -0.98 -5.44
N ASP A 29 12.64 -0.93 -4.69
CA ASP A 29 13.89 -1.52 -5.12
C ASP A 29 13.68 -2.94 -5.62
N VAL A 30 13.02 -3.76 -4.80
CA VAL A 30 12.76 -5.14 -5.17
C VAL A 30 11.94 -5.84 -4.09
N THR A 31 10.62 -5.78 -4.22
CA THR A 31 9.72 -6.41 -3.25
C THR A 31 9.19 -7.73 -3.78
N ASP A 32 8.26 -7.66 -4.72
CA ASP A 32 7.67 -8.87 -5.31
C ASP A 32 6.36 -8.53 -6.02
N SER A 33 6.32 -7.37 -6.64
CA SER A 33 5.12 -6.93 -7.35
C SER A 33 5.39 -6.85 -8.86
N LYS A 34 4.34 -7.08 -9.65
CA LYS A 34 4.46 -7.03 -11.10
C LYS A 34 3.30 -6.26 -11.72
N ALA A 35 2.42 -5.75 -10.86
CA ALA A 35 1.27 -4.99 -11.33
C ALA A 35 1.23 -3.60 -10.70
N LEU A 36 1.58 -3.53 -9.41
CA LEU A 36 1.59 -2.27 -8.69
C LEU A 36 2.82 -1.45 -9.04
N GLY A 37 3.99 -2.11 -9.07
CA GLY A 37 5.22 -1.43 -9.40
C GLY A 37 5.31 -0.06 -8.77
N SER A 38 4.64 0.11 -7.63
CA SER A 38 4.65 1.39 -6.93
C SER A 38 4.06 2.50 -7.80
N LEU A 39 3.91 3.69 -7.22
CA LEU A 39 3.37 4.82 -7.94
C LEU A 39 1.84 4.79 -7.94
N ALA A 40 1.27 4.22 -6.88
CA ALA A 40 -0.18 4.12 -6.75
C ALA A 40 -0.60 4.03 -5.30
N VAL A 41 -1.46 4.96 -4.87
CA VAL A 41 -1.93 4.98 -3.49
C VAL A 41 -3.41 4.59 -3.41
N GLY A 42 -3.68 3.54 -2.64
CA GLY A 42 -5.05 3.07 -2.49
C GLY A 42 -5.39 2.71 -1.07
N HIS A 43 -6.35 3.41 -0.49
CA HIS A 43 -6.77 3.16 0.89
C HIS A 43 -7.68 1.94 0.96
N LEU A 44 -7.49 1.13 2.00
CA LEU A 44 -8.29 -0.08 2.19
C LEU A 44 -9.71 0.28 2.63
N THR A 45 -10.64 0.31 1.67
CA THR A 45 -12.02 0.63 1.96
C THR A 45 -12.45 0.08 3.31
N LYS A 46 -11.85 -1.05 3.70
CA LYS A 46 -12.17 -1.68 4.98
C LYS A 46 -12.11 -0.65 6.11
N CYS A 47 -10.94 -0.04 6.28
CA CYS A 47 -10.76 0.95 7.34
C CYS A 47 -10.41 2.32 6.74
N SER A 48 -9.68 2.30 5.63
CA SER A 48 -9.28 3.53 4.96
C SER A 48 -8.20 4.26 5.75
N HIS A 49 -6.96 3.78 5.63
CA HIS A 49 -5.84 4.39 6.34
C HIS A 49 -4.84 4.98 5.35
N ALA A 50 -4.74 4.38 4.17
CA ALA A 50 -3.82 4.83 3.14
C ALA A 50 -2.42 4.26 3.35
N PHE A 51 -1.78 3.85 2.27
CA PHE A 51 -0.44 3.28 2.34
C PHE A 51 0.15 3.13 0.94
N HIS A 52 1.16 2.27 0.82
CA HIS A 52 1.82 2.03 -0.45
C HIS A 52 1.46 0.66 -1.01
N LEU A 53 0.55 0.63 -1.98
CA LEU A 53 0.12 -0.62 -2.60
C LEU A 53 1.28 -1.61 -2.70
N LEU A 54 2.27 -1.26 -3.50
CA LEU A 54 3.44 -2.11 -3.68
C LEU A 54 3.94 -2.65 -2.35
N CYS A 55 4.01 -1.77 -1.35
CA CYS A 55 4.47 -2.16 -0.03
C CYS A 55 3.52 -3.18 0.61
N LEU A 56 2.23 -2.85 0.59
CA LEU A 56 1.22 -3.74 1.16
C LEU A 56 1.34 -5.15 0.59
N LEU A 57 1.54 -5.23 -0.72
CA LEU A 57 1.68 -6.51 -1.39
C LEU A 57 2.84 -7.31 -0.81
N ALA A 58 3.65 -6.65 0.00
CA ALA A 58 4.81 -7.30 0.63
C ALA A 58 4.44 -7.85 2.01
N MET A 59 3.58 -7.12 2.72
CA MET A 59 3.16 -7.53 4.05
C MET A 59 1.79 -8.23 4.00
N TYR A 60 1.16 -8.19 2.83
CA TYR A 60 -0.14 -8.81 2.65
C TYR A 60 -0.02 -10.33 2.57
N CYS A 61 1.20 -10.80 2.34
CA CYS A 61 1.46 -12.23 2.24
C CYS A 61 1.15 -12.93 3.56
N ASN A 62 0.94 -12.15 4.61
CA ASN A 62 0.64 -12.70 5.93
C ASN A 62 -0.86 -12.70 6.19
N GLY A 63 -1.45 -11.51 6.15
CA GLY A 63 -2.88 -11.40 6.38
C GLY A 63 -3.64 -10.94 5.15
N ASN A 64 -4.95 -10.75 5.29
CA ASN A 64 -5.78 -10.31 4.19
C ASN A 64 -5.30 -10.90 2.87
N LYS A 65 -5.21 -12.23 2.81
CA LYS A 65 -4.75 -12.91 1.61
C LYS A 65 -5.92 -13.16 0.65
N ASP A 66 -6.88 -12.24 0.66
CA ASP A 66 -8.04 -12.35 -0.22
C ASP A 66 -7.62 -12.27 -1.69
N GLY A 67 -6.91 -11.21 -2.04
CA GLY A 67 -6.46 -11.04 -3.41
C GLY A 67 -6.20 -9.58 -3.76
N SER A 68 -5.74 -8.82 -2.78
CA SER A 68 -5.46 -7.40 -2.99
C SER A 68 -4.26 -6.96 -2.16
N LEU A 69 -4.46 -6.87 -0.84
CA LEU A 69 -3.39 -6.46 0.06
C LEU A 69 -3.90 -6.40 1.50
N GLN A 70 -3.05 -5.89 2.40
CA GLN A 70 -3.41 -5.78 3.80
C GLN A 70 -3.06 -4.40 4.35
N CYS A 71 -3.73 -4.01 5.43
CA CYS A 71 -3.47 -2.71 6.05
C CYS A 71 -2.31 -2.79 7.04
N PRO A 72 -1.19 -2.15 6.67
CA PRO A 72 0.02 -2.13 7.51
C PRO A 72 -0.17 -1.30 8.78
N SER A 73 -1.29 -0.58 8.84
CA SER A 73 -1.58 0.26 10.00
C SER A 73 -2.19 -0.56 11.13
N CYS A 74 -3.44 -0.98 10.94
CA CYS A 74 -4.14 -1.77 11.94
C CYS A 74 -4.36 -3.20 11.45
N LYS A 75 -3.37 -3.74 10.76
CA LYS A 75 -3.45 -5.10 10.23
C LYS A 75 -4.87 -5.42 9.81
N THR A 76 -5.60 -4.43 9.34
CA THR A 76 -6.98 -4.61 8.90
C THR A 76 -7.04 -5.41 7.60
ZN ZN B . 5.94 2.17 1.68
ZN ZN C . -6.27 0.00 9.05
N ASN A 1 -10.45 -5.34 -5.27
CA ASN A 1 -9.50 -5.19 -4.18
C ASN A 1 -10.17 -4.56 -2.97
N TYR A 2 -9.38 -4.32 -1.92
CA TYR A 2 -9.90 -3.73 -0.69
C TYR A 2 -9.75 -2.21 -0.72
N THR A 3 -8.88 -1.72 -1.59
CA THR A 3 -8.65 -0.29 -1.72
C THR A 3 -8.94 0.19 -3.13
N GLU A 4 -8.95 1.51 -3.31
CA GLU A 4 -9.22 2.10 -4.63
C GLU A 4 -8.29 3.28 -4.89
N GLU A 5 -7.52 3.19 -5.97
CA GLU A 5 -6.58 4.25 -6.34
C GLU A 5 -7.16 5.62 -5.99
N LEU A 6 -6.30 6.51 -5.50
CA LEU A 6 -6.72 7.85 -5.14
C LEU A 6 -6.38 8.86 -6.23
N LYS A 7 -5.58 8.42 -7.21
CA LYS A 7 -5.19 9.27 -8.32
C LYS A 7 -4.33 10.43 -7.83
N VAL A 8 -3.98 10.40 -6.55
CA VAL A 8 -3.15 11.44 -5.96
C VAL A 8 -2.71 11.07 -4.55
N PRO A 9 -1.44 11.37 -4.22
CA PRO A 9 -0.87 11.07 -2.91
C PRO A 9 -1.46 11.95 -1.81
N PRO A 10 -2.25 11.34 -0.92
CA PRO A 10 -2.88 12.05 0.19
C PRO A 10 -1.87 12.48 1.25
N ASP A 11 -2.38 12.86 2.42
CA ASP A 11 -1.52 13.31 3.51
C ASP A 11 -1.61 12.34 4.69
N GLU A 12 -1.37 11.06 4.42
CA GLU A 12 -1.42 10.04 5.46
C GLU A 12 -0.02 9.48 5.75
N ASP A 13 0.79 9.35 4.70
CA ASP A 13 2.14 8.84 4.85
C ASP A 13 2.14 7.32 5.03
N CYS A 14 2.92 6.63 4.21
CA CYS A 14 3.00 5.18 4.28
C CYS A 14 3.39 4.72 5.68
N ILE A 15 3.21 3.43 5.95
CA ILE A 15 3.53 2.87 7.25
C ILE A 15 4.58 1.77 7.12
N ILE A 16 4.85 1.36 5.89
CA ILE A 16 5.84 0.31 5.63
C ILE A 16 7.24 0.89 5.48
N CYS A 17 7.44 1.67 4.43
CA CYS A 17 8.73 2.28 4.17
C CYS A 17 8.86 3.61 4.93
N MET A 18 7.90 3.88 5.80
CA MET A 18 7.90 5.11 6.59
C MET A 18 8.35 6.30 5.74
N GLU A 19 7.86 6.34 4.50
CA GLU A 19 8.21 7.43 3.59
C GLU A 19 6.97 8.21 3.16
N LYS A 20 7.16 9.46 2.77
CA LYS A 20 6.05 10.30 2.33
C LYS A 20 5.24 9.62 1.24
N LEU A 21 3.95 9.43 1.49
CA LEU A 21 3.07 8.79 0.52
C LEU A 21 3.18 9.46 -0.84
N SER A 22 3.75 10.67 -0.86
CA SER A 22 3.91 11.42 -2.11
C SER A 22 5.06 10.85 -2.93
N THR A 23 6.20 10.64 -2.28
CA THR A 23 7.37 10.10 -2.97
C THR A 23 7.02 8.83 -3.74
N ALA A 24 7.13 7.68 -3.06
CA ALA A 24 6.83 6.40 -3.68
C ALA A 24 7.15 5.25 -2.73
N SER A 25 6.90 4.02 -3.20
CA SER A 25 7.15 2.83 -2.39
C SER A 25 8.64 2.58 -2.26
N GLY A 26 9.17 2.77 -1.05
CA GLY A 26 10.58 2.55 -0.81
C GLY A 26 10.99 1.10 -0.99
N TYR A 27 10.00 0.22 -1.02
CA TYR A 27 10.26 -1.21 -1.18
C TYR A 27 10.52 -1.56 -2.64
N SER A 28 10.19 -0.63 -3.53
CA SER A 28 10.38 -0.83 -4.97
C SER A 28 11.78 -1.37 -5.24
N ASP A 29 12.71 -1.12 -4.32
CA ASP A 29 14.08 -1.58 -4.48
C ASP A 29 14.13 -3.11 -4.54
N VAL A 30 13.32 -3.76 -3.71
CA VAL A 30 13.27 -5.21 -3.67
C VAL A 30 11.97 -5.74 -4.27
N THR A 31 10.86 -5.30 -3.70
CA THR A 31 9.54 -5.73 -4.17
C THR A 31 9.42 -5.56 -5.68
N ASP A 32 9.34 -4.31 -6.13
CA ASP A 32 9.21 -4.02 -7.55
C ASP A 32 7.77 -4.13 -8.02
N SER A 33 7.14 -5.26 -7.69
CA SER A 33 5.75 -5.50 -8.07
C SER A 33 5.44 -4.87 -9.43
N LYS A 34 5.73 -5.63 -10.49
CA LYS A 34 5.49 -5.15 -11.85
C LYS A 34 4.00 -5.05 -12.13
N ALA A 35 3.18 -5.42 -11.15
CA ALA A 35 1.73 -5.37 -11.29
C ALA A 35 1.19 -4.02 -10.87
N LEU A 36 1.63 -3.54 -9.70
CA LEU A 36 1.18 -2.26 -9.18
C LEU A 36 1.92 -1.10 -9.87
N GLY A 37 3.24 -1.06 -9.68
CA GLY A 37 4.03 -0.01 -10.29
C GLY A 37 4.81 0.80 -9.25
N SER A 38 4.35 0.74 -8.01
CA SER A 38 5.00 1.47 -6.92
C SER A 38 4.62 2.95 -6.96
N LEU A 39 3.49 3.24 -7.61
CA LEU A 39 3.00 4.61 -7.72
C LEU A 39 1.47 4.65 -7.71
N ALA A 40 0.87 3.66 -7.05
CA ALA A 40 -0.58 3.59 -6.97
C ALA A 40 -1.04 3.57 -5.51
N VAL A 41 -1.52 4.73 -5.05
CA VAL A 41 -2.00 4.86 -3.67
C VAL A 41 -3.51 4.69 -3.60
N GLY A 42 -3.98 3.95 -2.59
CA GLY A 42 -5.40 3.73 -2.43
C GLY A 42 -5.75 3.23 -1.04
N HIS A 43 -6.53 4.02 -0.30
CA HIS A 43 -6.94 3.65 1.05
C HIS A 43 -7.75 2.37 1.04
N LEU A 44 -7.48 1.49 1.99
CA LEU A 44 -8.20 0.22 2.10
C LEU A 44 -9.63 0.44 2.57
N THR A 45 -10.57 0.35 1.63
CA THR A 45 -11.98 0.54 1.94
C THR A 45 -12.34 -0.16 3.25
N LYS A 46 -11.63 -1.24 3.55
CA LYS A 46 -11.88 -2.00 4.77
C LYS A 46 -11.85 -1.09 6.00
N CYS A 47 -10.66 -0.60 6.33
CA CYS A 47 -10.50 0.29 7.48
C CYS A 47 -10.51 1.75 7.05
N SER A 48 -9.91 2.03 5.89
CA SER A 48 -9.86 3.39 5.37
C SER A 48 -8.70 4.17 6.00
N HIS A 49 -7.48 3.76 5.69
CA HIS A 49 -6.29 4.41 6.22
C HIS A 49 -5.50 5.09 5.12
N ALA A 50 -4.42 4.44 4.69
CA ALA A 50 -3.58 4.97 3.62
C ALA A 50 -2.18 4.35 3.66
N PHE A 51 -1.71 3.90 2.50
CA PHE A 51 -0.40 3.27 2.41
C PHE A 51 0.00 3.08 0.94
N HIS A 52 1.11 2.37 0.73
CA HIS A 52 1.60 2.11 -0.62
C HIS A 52 1.18 0.71 -1.09
N LEU A 53 0.16 0.66 -1.92
CA LEU A 53 -0.34 -0.61 -2.44
C LEU A 53 0.81 -1.59 -2.68
N LEU A 54 1.96 -1.05 -3.06
CA LEU A 54 3.14 -1.87 -3.32
C LEU A 54 3.68 -2.48 -2.03
N CYS A 55 4.07 -1.63 -1.10
CA CYS A 55 4.61 -2.08 0.18
C CYS A 55 3.66 -3.08 0.84
N LEU A 56 2.37 -2.92 0.57
CA LEU A 56 1.36 -3.81 1.14
C LEU A 56 1.40 -5.18 0.47
N LEU A 57 1.24 -5.19 -0.85
CA LEU A 57 1.25 -6.43 -1.62
C LEU A 57 2.43 -7.30 -1.21
N ALA A 58 3.43 -6.69 -0.60
CA ALA A 58 4.62 -7.41 -0.14
C ALA A 58 4.36 -8.10 1.19
N MET A 59 4.12 -7.31 2.23
CA MET A 59 3.85 -7.84 3.56
C MET A 59 2.48 -8.50 3.62
N TYR A 60 1.70 -8.32 2.57
CA TYR A 60 0.36 -8.90 2.50
C TYR A 60 0.42 -10.42 2.55
N CYS A 61 1.59 -10.98 2.25
CA CYS A 61 1.78 -12.42 2.26
C CYS A 61 1.51 -12.99 3.66
N ASN A 62 1.35 -12.11 4.63
CA ASN A 62 1.09 -12.53 6.00
C ASN A 62 -0.40 -12.62 6.27
N GLY A 63 -1.12 -11.54 5.96
CA GLY A 63 -2.55 -11.52 6.17
C GLY A 63 -3.30 -10.90 5.01
N ASN A 64 -4.61 -10.70 5.19
CA ASN A 64 -5.43 -10.10 4.14
C ASN A 64 -5.23 -10.83 2.81
N LYS A 65 -4.99 -12.13 2.88
CA LYS A 65 -4.79 -12.94 1.69
C LYS A 65 -6.12 -13.29 1.03
N ASP A 66 -6.44 -12.59 -0.04
CA ASP A 66 -7.69 -12.83 -0.77
C ASP A 66 -7.60 -12.28 -2.19
N GLY A 67 -7.11 -11.04 -2.32
CA GLY A 67 -6.99 -10.42 -3.61
C GLY A 67 -6.75 -8.93 -3.53
N SER A 68 -5.52 -8.55 -3.17
CA SER A 68 -5.16 -7.14 -3.04
C SER A 68 -3.90 -6.98 -2.19
N LEU A 69 -4.09 -6.74 -0.91
CA LEU A 69 -2.97 -6.56 0.01
C LEU A 69 -3.46 -6.43 1.45
N GLN A 70 -2.54 -6.13 2.35
CA GLN A 70 -2.88 -5.97 3.76
C GLN A 70 -2.56 -4.56 4.25
N CYS A 71 -3.21 -4.16 5.34
CA CYS A 71 -2.99 -2.82 5.90
C CYS A 71 -1.90 -2.86 6.96
N PRO A 72 -0.80 -2.15 6.68
CA PRO A 72 0.35 -2.08 7.60
C PRO A 72 0.04 -1.28 8.85
N SER A 73 -1.06 -0.53 8.82
CA SER A 73 -1.47 0.27 9.96
C SER A 73 -2.13 -0.59 11.03
N CYS A 74 -3.34 -1.05 10.75
CA CYS A 74 -4.08 -1.89 11.69
C CYS A 74 -4.18 -3.32 11.18
N LYS A 75 -3.10 -3.81 10.58
CA LYS A 75 -3.07 -5.17 10.06
C LYS A 75 -4.37 -5.51 9.36
N THR A 76 -5.08 -4.49 8.89
CA THR A 76 -6.36 -4.69 8.21
C THR A 76 -6.16 -5.36 6.86
ZN ZN B . 5.69 2.49 1.50
ZN ZN C . -5.94 -0.05 8.68
N ASN A 1 -10.78 -6.31 -4.96
CA ASN A 1 -9.99 -5.16 -4.52
C ASN A 1 -10.60 -4.55 -3.26
N TYR A 2 -9.74 -4.03 -2.39
CA TYR A 2 -10.19 -3.41 -1.14
C TYR A 2 -9.89 -1.92 -1.13
N THR A 3 -8.93 -1.51 -1.96
CA THR A 3 -8.54 -0.11 -2.06
C THR A 3 -8.87 0.46 -3.42
N GLU A 4 -9.00 1.79 -3.49
CA GLU A 4 -9.33 2.45 -4.75
C GLU A 4 -8.26 3.49 -5.08
N GLU A 5 -7.56 3.27 -6.19
CA GLU A 5 -6.51 4.19 -6.62
C GLU A 5 -6.90 5.64 -6.33
N LEU A 6 -5.90 6.45 -5.99
CA LEU A 6 -6.14 7.86 -5.69
C LEU A 6 -5.50 8.76 -6.74
N LYS A 7 -6.34 9.53 -7.44
CA LYS A 7 -5.85 10.43 -8.47
C LYS A 7 -4.60 11.17 -8.02
N VAL A 8 -4.43 11.27 -6.69
CA VAL A 8 -3.27 11.95 -6.13
C VAL A 8 -2.90 11.35 -4.77
N PRO A 9 -1.60 11.38 -4.44
CA PRO A 9 -1.09 10.86 -3.17
C PRO A 9 -1.51 11.72 -1.98
N PRO A 10 -2.11 11.06 -0.96
CA PRO A 10 -2.57 11.75 0.25
C PRO A 10 -1.41 12.23 1.11
N ASP A 11 -1.71 12.55 2.37
CA ASP A 11 -0.69 13.03 3.29
C ASP A 11 -0.69 12.20 4.57
N GLU A 12 -0.64 10.88 4.41
CA GLU A 12 -0.64 9.97 5.54
C GLU A 12 0.77 9.42 5.79
N ASP A 13 1.56 9.33 4.73
CA ASP A 13 2.92 8.82 4.82
C ASP A 13 2.92 7.30 4.99
N CYS A 14 3.67 6.62 4.13
CA CYS A 14 3.77 5.16 4.17
C CYS A 14 4.11 4.68 5.57
N ILE A 15 3.56 3.55 5.96
CA ILE A 15 3.82 2.98 7.28
C ILE A 15 4.83 1.84 7.19
N ILE A 16 5.01 1.30 6.00
CA ILE A 16 5.95 0.20 5.78
C ILE A 16 7.38 0.72 5.72
N CYS A 17 7.71 1.42 4.65
CA CYS A 17 9.05 1.97 4.47
C CYS A 17 9.23 3.25 5.29
N MET A 18 8.16 3.66 5.97
CA MET A 18 8.20 4.86 6.79
C MET A 18 8.62 6.07 5.96
N GLU A 19 8.13 6.14 4.73
CA GLU A 19 8.45 7.26 3.84
C GLU A 19 7.19 8.06 3.48
N LYS A 20 7.39 9.18 2.81
CA LYS A 20 6.28 10.03 2.41
C LYS A 20 5.39 9.32 1.39
N LEU A 21 4.08 9.49 1.54
CA LEU A 21 3.13 8.88 0.62
C LEU A 21 3.17 9.55 -0.75
N SER A 22 4.04 10.54 -0.88
CA SER A 22 4.17 11.27 -2.15
C SER A 22 5.49 10.92 -2.83
N THR A 23 6.28 10.06 -2.19
CA THR A 23 7.56 9.65 -2.73
C THR A 23 7.55 8.19 -3.17
N ALA A 24 6.40 7.75 -3.66
CA ALA A 24 6.25 6.37 -4.10
C ALA A 24 6.68 5.38 -3.02
N SER A 25 6.58 4.09 -3.33
CA SER A 25 6.95 3.06 -2.37
C SER A 25 8.47 2.95 -2.24
N GLY A 26 8.93 2.70 -1.01
CA GLY A 26 10.36 2.59 -0.78
C GLY A 26 10.87 1.19 -1.03
N TYR A 27 9.97 0.22 -1.05
CA TYR A 27 10.34 -1.17 -1.28
C TYR A 27 10.49 -1.46 -2.76
N SER A 28 10.01 -0.54 -3.59
CA SER A 28 10.09 -0.70 -5.04
C SER A 28 11.40 -1.36 -5.45
N ASP A 29 12.48 -0.98 -4.78
CA ASP A 29 13.80 -1.54 -5.07
C ASP A 29 13.80 -3.05 -4.84
N VAL A 30 13.29 -3.47 -3.69
CA VAL A 30 13.23 -4.89 -3.35
C VAL A 30 12.01 -5.56 -3.98
N THR A 31 10.84 -5.25 -3.46
CA THR A 31 9.60 -5.83 -3.97
C THR A 31 9.56 -5.77 -5.50
N ASP A 32 9.31 -4.58 -6.02
CA ASP A 32 9.24 -4.38 -7.47
C ASP A 32 7.86 -4.76 -8.00
N SER A 33 7.31 -5.85 -7.48
CA SER A 33 6.00 -6.32 -7.90
C SER A 33 5.77 -6.02 -9.38
N LYS A 34 4.51 -5.78 -9.74
CA LYS A 34 4.15 -5.49 -11.12
C LYS A 34 2.86 -4.67 -11.19
N ALA A 35 1.87 -5.09 -10.40
CA ALA A 35 0.59 -4.39 -10.36
C ALA A 35 0.76 -2.93 -9.94
N LEU A 36 1.04 -2.73 -8.66
CA LEU A 36 1.22 -1.39 -8.12
C LEU A 36 2.39 -0.68 -8.82
N GLY A 37 3.41 -1.44 -9.18
CA GLY A 37 4.56 -0.87 -9.86
C GLY A 37 5.21 0.24 -9.05
N SER A 38 4.84 0.34 -7.78
CA SER A 38 5.38 1.38 -6.91
C SER A 38 4.98 2.77 -7.38
N LEU A 39 3.70 2.92 -7.70
CA LEU A 39 3.18 4.20 -8.18
C LEU A 39 1.65 4.21 -8.14
N ALA A 40 1.09 3.79 -7.02
CA ALA A 40 -0.36 3.76 -6.85
C ALA A 40 -0.75 3.84 -5.37
N VAL A 41 -1.55 4.86 -5.04
CA VAL A 41 -2.00 5.04 -3.66
C VAL A 41 -3.50 4.83 -3.54
N GLY A 42 -3.90 4.02 -2.58
CA GLY A 42 -5.32 3.75 -2.37
C GLY A 42 -5.60 3.20 -0.99
N HIS A 43 -6.45 3.89 -0.24
CA HIS A 43 -6.82 3.47 1.11
C HIS A 43 -7.63 2.18 1.07
N LEU A 44 -7.46 1.35 2.10
CA LEU A 44 -8.18 0.09 2.18
C LEU A 44 -9.63 0.31 2.61
N THR A 45 -10.53 0.35 1.62
CA THR A 45 -11.94 0.56 1.89
C THR A 45 -12.36 -0.10 3.20
N LYS A 46 -11.72 -1.21 3.52
CA LYS A 46 -12.01 -1.94 4.74
C LYS A 46 -12.07 -0.99 5.94
N CYS A 47 -10.94 -0.38 6.26
CA CYS A 47 -10.86 0.55 7.38
C CYS A 47 -10.77 2.00 6.88
N SER A 48 -10.12 2.19 5.74
CA SER A 48 -9.96 3.52 5.16
C SER A 48 -8.81 4.26 5.81
N HIS A 49 -7.59 3.74 5.61
CA HIS A 49 -6.40 4.36 6.18
C HIS A 49 -5.55 5.00 5.08
N ALA A 50 -4.49 4.30 4.67
CA ALA A 50 -3.60 4.80 3.64
C ALA A 50 -2.25 4.10 3.69
N PHE A 51 -1.74 3.71 2.52
CA PHE A 51 -0.45 3.03 2.44
C PHE A 51 -0.07 2.77 0.99
N HIS A 52 1.18 2.36 0.77
CA HIS A 52 1.67 2.07 -0.57
C HIS A 52 1.23 0.68 -1.02
N LEU A 53 0.19 0.63 -1.84
CA LEU A 53 -0.32 -0.64 -2.34
C LEU A 53 0.82 -1.62 -2.61
N LEU A 54 1.99 -1.09 -2.96
CA LEU A 54 3.15 -1.92 -3.22
C LEU A 54 3.74 -2.48 -1.93
N CYS A 55 4.28 -1.59 -1.10
CA CYS A 55 4.87 -1.99 0.17
C CYS A 55 3.96 -2.97 0.91
N LEU A 56 2.66 -2.80 0.75
CA LEU A 56 1.68 -3.67 1.40
C LEU A 56 1.65 -5.04 0.74
N LEU A 57 1.41 -5.06 -0.57
CA LEU A 57 1.37 -6.31 -1.33
C LEU A 57 2.48 -7.25 -0.89
N ALA A 58 3.55 -6.69 -0.32
CA ALA A 58 4.67 -7.49 0.14
C ALA A 58 4.30 -8.27 1.40
N MET A 59 4.04 -7.57 2.49
CA MET A 59 3.67 -8.21 3.74
C MET A 59 2.23 -8.70 3.70
N TYR A 60 1.51 -8.32 2.66
CA TYR A 60 0.12 -8.73 2.49
C TYR A 60 -0.01 -10.24 2.42
N CYS A 61 1.03 -10.89 1.90
CA CYS A 61 1.04 -12.34 1.76
C CYS A 61 0.83 -13.01 3.12
N ASN A 62 0.96 -12.23 4.19
CA ASN A 62 0.78 -12.75 5.54
C ASN A 62 -0.70 -12.86 5.89
N GLY A 63 -1.43 -11.77 5.69
CA GLY A 63 -2.85 -11.76 5.99
C GLY A 63 -3.64 -10.90 5.04
N ASN A 64 -4.96 -10.92 5.16
CA ASN A 64 -5.84 -10.15 4.29
C ASN A 64 -5.30 -10.12 2.87
N LYS A 65 -5.00 -11.30 2.33
CA LYS A 65 -4.49 -11.41 0.98
C LYS A 65 -5.46 -12.18 0.09
N ASP A 66 -6.27 -11.44 -0.67
CA ASP A 66 -7.24 -12.05 -1.57
C ASP A 66 -7.08 -11.53 -2.99
N GLY A 67 -6.31 -10.45 -3.12
CA GLY A 67 -6.08 -9.87 -4.43
C GLY A 67 -5.90 -8.36 -4.38
N SER A 68 -5.11 -7.90 -3.42
CA SER A 68 -4.86 -6.48 -3.25
C SER A 68 -3.67 -6.23 -2.32
N LEU A 69 -3.93 -6.21 -1.02
CA LEU A 69 -2.89 -5.98 -0.03
C LEU A 69 -3.46 -6.05 1.38
N GLN A 70 -2.62 -5.72 2.36
CA GLN A 70 -3.04 -5.75 3.76
C GLN A 70 -2.70 -4.43 4.45
N CYS A 71 -3.42 -4.12 5.52
CA CYS A 71 -3.18 -2.89 6.26
C CYS A 71 -2.19 -3.13 7.41
N PRO A 72 -0.97 -2.61 7.24
CA PRO A 72 0.09 -2.74 8.24
C PRO A 72 -0.19 -1.95 9.51
N SER A 73 -1.35 -1.29 9.54
CA SER A 73 -1.74 -0.48 10.69
C SER A 73 -2.66 -1.27 11.61
N CYS A 74 -3.95 -1.27 11.30
CA CYS A 74 -4.94 -1.97 12.11
C CYS A 74 -5.25 -3.34 11.51
N LYS A 75 -4.26 -3.93 10.84
CA LYS A 75 -4.42 -5.24 10.22
C LYS A 75 -5.85 -5.42 9.71
N THR A 76 -6.39 -4.38 9.09
CA THR A 76 -7.75 -4.42 8.56
C THR A 76 -7.89 -5.55 7.53
ZN ZN B . 6.29 2.51 1.22
ZN ZN C . -6.28 -0.11 8.87
N ASN A 1 -8.30 -4.28 -5.23
CA ASN A 1 -9.41 -5.13 -4.85
C ASN A 1 -10.32 -4.43 -3.86
N TYR A 2 -9.78 -4.04 -2.72
CA TYR A 2 -10.55 -3.35 -1.69
C TYR A 2 -10.08 -1.91 -1.54
N THR A 3 -8.95 -1.58 -2.15
CA THR A 3 -8.41 -0.23 -2.09
C THR A 3 -8.57 0.49 -3.42
N GLU A 4 -9.27 1.62 -3.38
CA GLU A 4 -9.52 2.41 -4.59
C GLU A 4 -8.47 3.50 -4.75
N GLU A 5 -7.53 3.30 -5.67
CA GLU A 5 -6.47 4.26 -5.92
C GLU A 5 -6.98 5.69 -5.72
N LEU A 6 -6.22 6.49 -4.99
CA LEU A 6 -6.58 7.87 -4.73
C LEU A 6 -6.06 8.80 -5.82
N LYS A 7 -6.95 9.24 -6.71
CA LYS A 7 -6.58 10.12 -7.80
C LYS A 7 -5.47 11.08 -7.37
N VAL A 8 -5.51 11.49 -6.10
CA VAL A 8 -4.50 12.40 -5.57
C VAL A 8 -3.92 11.88 -4.26
N PRO A 9 -2.67 12.27 -3.97
CA PRO A 9 -1.98 11.84 -2.75
C PRO A 9 -2.57 12.47 -1.50
N PRO A 10 -2.66 11.67 -0.42
CA PRO A 10 -3.21 12.14 0.85
C PRO A 10 -2.29 13.14 1.56
N ASP A 11 -0.98 12.94 1.40
CA ASP A 11 0.00 13.82 2.01
C ASP A 11 0.25 13.44 3.47
N GLU A 12 0.27 12.13 3.73
CA GLU A 12 0.49 11.62 5.08
C GLU A 12 1.91 11.09 5.22
N ASP A 13 2.07 9.79 5.03
CA ASP A 13 3.39 9.15 5.14
C ASP A 13 3.25 7.64 5.28
N CYS A 14 3.76 6.90 4.31
CA CYS A 14 3.70 5.45 4.32
C CYS A 14 3.88 4.91 5.73
N ILE A 15 3.38 3.70 5.97
CA ILE A 15 3.49 3.08 7.27
C ILE A 15 4.41 1.87 7.22
N ILE A 16 4.62 1.33 6.03
CA ILE A 16 5.48 0.17 5.85
C ILE A 16 6.95 0.59 5.82
N CYS A 17 7.35 1.26 4.75
CA CYS A 17 8.72 1.72 4.59
C CYS A 17 8.94 3.06 5.29
N MET A 18 8.04 3.39 6.21
CA MET A 18 8.12 4.64 6.96
C MET A 18 8.68 5.75 6.08
N GLU A 19 7.87 6.20 5.12
CA GLU A 19 8.29 7.27 4.22
C GLU A 19 7.11 8.16 3.83
N LYS A 20 7.36 9.12 2.95
CA LYS A 20 6.31 10.04 2.51
C LYS A 20 5.40 9.37 1.48
N LEU A 21 4.09 9.51 1.68
CA LEU A 21 3.12 8.92 0.77
C LEU A 21 3.14 9.63 -0.58
N SER A 22 3.95 10.68 -0.68
CA SER A 22 4.05 11.44 -1.92
C SER A 22 5.30 11.03 -2.70
N THR A 23 6.18 10.28 -2.05
CA THR A 23 7.42 9.83 -2.68
C THR A 23 7.18 8.57 -3.50
N ALA A 24 7.35 7.41 -2.86
CA ALA A 24 7.14 6.13 -3.54
C ALA A 24 7.30 4.97 -2.56
N SER A 25 6.92 3.77 -3.01
CA SER A 25 7.01 2.58 -2.17
C SER A 25 8.47 2.17 -1.97
N GLY A 26 8.86 1.99 -0.71
CA GLY A 26 10.22 1.60 -0.40
C GLY A 26 10.54 0.20 -0.89
N TYR A 27 9.56 -0.68 -0.86
CA TYR A 27 9.75 -2.06 -1.30
C TYR A 27 9.98 -2.13 -2.80
N SER A 28 9.55 -1.08 -3.50
CA SER A 28 9.71 -1.01 -4.96
C SER A 28 11.07 -1.58 -5.38
N ASP A 29 12.04 -1.52 -4.46
CA ASP A 29 13.38 -2.03 -4.74
C ASP A 29 13.32 -3.40 -5.39
N VAL A 30 12.81 -4.37 -4.64
CA VAL A 30 12.70 -5.74 -5.14
C VAL A 30 11.82 -6.59 -4.23
N THR A 31 10.52 -6.61 -4.51
CA THR A 31 9.58 -7.39 -3.71
C THR A 31 9.11 -8.62 -4.46
N ASP A 32 9.14 -8.56 -5.79
CA ASP A 32 8.73 -9.68 -6.62
C ASP A 32 7.21 -9.70 -6.78
N SER A 33 6.61 -8.52 -6.84
CA SER A 33 5.16 -8.40 -6.98
C SER A 33 4.76 -8.47 -8.45
N LYS A 34 3.55 -8.95 -8.71
CA LYS A 34 3.04 -9.07 -10.07
C LYS A 34 3.34 -7.80 -10.88
N ALA A 35 2.93 -6.66 -10.33
CA ALA A 35 3.14 -5.38 -11.00
C ALA A 35 2.20 -4.31 -10.45
N LEU A 36 2.68 -3.54 -9.49
CA LEU A 36 1.88 -2.47 -8.89
C LEU A 36 2.73 -1.24 -8.60
N GLY A 37 2.49 -0.17 -9.35
CA GLY A 37 3.24 1.05 -9.15
C GLY A 37 3.55 1.31 -7.69
N SER A 38 4.70 1.91 -7.42
CA SER A 38 5.12 2.21 -6.06
C SER A 38 4.54 3.55 -5.60
N LEU A 39 3.60 4.08 -6.39
CA LEU A 39 2.95 5.35 -6.06
C LEU A 39 1.44 5.23 -6.14
N ALA A 40 0.96 4.03 -6.46
CA ALA A 40 -0.47 3.79 -6.57
C ALA A 40 -1.14 3.81 -5.20
N VAL A 41 -1.15 4.99 -4.57
CA VAL A 41 -1.77 5.14 -3.25
C VAL A 41 -3.13 4.46 -3.20
N GLY A 42 -3.26 3.48 -2.31
CA GLY A 42 -4.52 2.77 -2.18
C GLY A 42 -5.00 2.71 -0.74
N HIS A 43 -6.26 3.10 -0.52
CA HIS A 43 -6.83 3.08 0.82
C HIS A 43 -7.77 1.89 1.00
N LEU A 44 -7.42 1.02 1.94
CA LEU A 44 -8.22 -0.17 2.21
C LEU A 44 -9.64 0.21 2.61
N THR A 45 -10.61 -0.23 1.83
CA THR A 45 -12.01 0.06 2.11
C THR A 45 -12.51 -0.73 3.31
N LYS A 46 -11.61 -1.48 3.93
CA LYS A 46 -11.96 -2.29 5.10
C LYS A 46 -11.92 -1.44 6.37
N CYS A 47 -10.88 -0.62 6.49
CA CYS A 47 -10.72 0.24 7.66
C CYS A 47 -10.57 1.70 7.24
N SER A 48 -10.27 1.92 5.97
CA SER A 48 -10.11 3.26 5.44
C SER A 48 -8.69 3.79 5.72
N HIS A 49 -7.71 2.92 5.53
CA HIS A 49 -6.31 3.28 5.75
C HIS A 49 -5.54 3.38 4.44
N ALA A 50 -4.85 4.49 4.24
CA ALA A 50 -4.08 4.70 3.02
C ALA A 50 -2.62 4.37 3.23
N PHE A 51 -1.89 4.13 2.14
CA PHE A 51 -0.49 3.79 2.21
C PHE A 51 0.06 3.39 0.84
N HIS A 52 1.36 3.15 0.77
CA HIS A 52 1.99 2.76 -0.49
C HIS A 52 1.55 1.37 -0.92
N LEU A 53 0.63 1.33 -1.89
CA LEU A 53 0.12 0.05 -2.39
C LEU A 53 1.21 -1.00 -2.42
N LEU A 54 2.17 -0.84 -3.33
CA LEU A 54 3.28 -1.78 -3.46
C LEU A 54 3.74 -2.27 -2.09
N CYS A 55 4.22 -1.35 -1.27
CA CYS A 55 4.69 -1.69 0.07
C CYS A 55 3.73 -2.66 0.75
N LEU A 56 2.45 -2.30 0.77
CA LEU A 56 1.42 -3.13 1.40
C LEU A 56 1.46 -4.55 0.83
N LEU A 57 1.27 -4.66 -0.49
CA LEU A 57 1.28 -5.97 -1.15
C LEU A 57 2.44 -6.82 -0.66
N ALA A 58 3.62 -6.21 -0.57
CA ALA A 58 4.82 -6.92 -0.11
C ALA A 58 4.62 -7.46 1.30
N MET A 59 4.39 -6.56 2.24
CA MET A 59 4.19 -6.94 3.63
C MET A 59 2.84 -7.64 3.81
N TYR A 60 2.02 -7.62 2.77
CA TYR A 60 0.70 -8.25 2.81
C TYR A 60 0.83 -9.75 2.98
N CYS A 61 2.03 -10.27 2.77
CA CYS A 61 2.29 -11.71 2.90
C CYS A 61 2.21 -12.13 4.37
N ASN A 62 2.13 -11.16 5.27
CA ASN A 62 2.04 -11.44 6.69
C ASN A 62 0.60 -11.50 7.15
N GLY A 63 -0.16 -10.44 6.86
CA GLY A 63 -1.56 -10.39 7.25
C GLY A 63 -2.50 -10.37 6.06
N ASN A 64 -3.77 -10.07 6.32
CA ASN A 64 -4.77 -10.02 5.26
C ASN A 64 -4.62 -11.20 4.30
N LYS A 65 -3.82 -11.02 3.26
CA LYS A 65 -3.59 -12.05 2.27
C LYS A 65 -4.90 -12.50 1.62
N ASP A 66 -5.89 -11.61 1.62
CA ASP A 66 -7.19 -11.91 1.04
C ASP A 66 -7.11 -11.95 -0.48
N GLY A 67 -6.29 -11.08 -1.05
CA GLY A 67 -6.13 -11.04 -2.49
C GLY A 67 -5.91 -9.62 -3.01
N SER A 68 -5.11 -8.85 -2.30
CA SER A 68 -4.82 -7.47 -2.68
C SER A 68 -3.64 -6.93 -1.89
N LEU A 69 -3.83 -6.75 -0.59
CA LEU A 69 -2.78 -6.23 0.28
C LEU A 69 -3.18 -6.32 1.74
N GLN A 70 -2.36 -5.75 2.61
CA GLN A 70 -2.63 -5.77 4.05
C GLN A 70 -2.41 -4.40 4.66
N CYS A 71 -3.13 -4.10 5.73
CA CYS A 71 -3.02 -2.82 6.42
C CYS A 71 -2.08 -2.93 7.62
N PRO A 72 -0.85 -2.45 7.46
CA PRO A 72 0.16 -2.48 8.54
C PRO A 72 -0.18 -1.53 9.67
N SER A 73 -1.17 -0.67 9.46
CA SER A 73 -1.59 0.30 10.46
C SER A 73 -2.28 -0.40 11.62
N CYS A 74 -3.45 -0.98 11.34
CA CYS A 74 -4.21 -1.69 12.36
C CYS A 74 -4.32 -3.18 12.03
N LYS A 75 -3.39 -3.68 11.24
CA LYS A 75 -3.38 -5.08 10.84
C LYS A 75 -4.77 -5.53 10.42
N THR A 76 -5.40 -4.76 9.53
CA THR A 76 -6.73 -5.09 9.04
C THR A 76 -6.68 -5.59 7.60
ZN ZN B . 6.25 2.71 1.47
ZN ZN C . -6.32 -0.44 9.12
N ASN A 1 -11.05 -6.43 -5.04
CA ASN A 1 -10.06 -5.62 -4.33
C ASN A 1 -10.64 -5.05 -3.04
N TYR A 2 -9.76 -4.62 -2.15
CA TYR A 2 -10.18 -4.05 -0.87
C TYR A 2 -9.78 -2.58 -0.76
N THR A 3 -9.06 -2.10 -1.77
CA THR A 3 -8.61 -0.71 -1.80
C THR A 3 -8.97 -0.04 -3.11
N GLU A 4 -9.09 1.29 -3.09
CA GLU A 4 -9.42 2.05 -4.29
C GLU A 4 -8.42 3.18 -4.51
N GLU A 5 -7.62 3.05 -5.57
CA GLU A 5 -6.63 4.06 -5.89
C GLU A 5 -7.13 5.46 -5.56
N LEU A 6 -6.23 6.32 -5.08
CA LEU A 6 -6.59 7.68 -4.73
C LEU A 6 -6.33 8.64 -5.89
N LYS A 7 -7.41 9.23 -6.41
CA LYS A 7 -7.30 10.16 -7.52
C LYS A 7 -6.07 11.04 -7.38
N VAL A 8 -5.63 11.24 -6.14
CA VAL A 8 -4.45 12.06 -5.88
C VAL A 8 -3.71 11.55 -4.64
N PRO A 9 -2.42 11.92 -4.54
CA PRO A 9 -1.57 11.52 -3.41
C PRO A 9 -1.97 12.22 -2.11
N PRO A 10 -2.10 11.43 -1.04
CA PRO A 10 -2.48 11.95 0.28
C PRO A 10 -1.37 12.78 0.92
N ASP A 11 -1.48 13.01 2.22
CA ASP A 11 -0.49 13.79 2.94
C ASP A 11 -0.27 13.23 4.34
N GLU A 12 -0.05 11.92 4.43
CA GLU A 12 0.17 11.25 5.70
C GLU A 12 1.58 10.67 5.77
N ASP A 13 1.69 9.37 5.46
CA ASP A 13 2.98 8.70 5.48
C ASP A 13 2.79 7.18 5.57
N CYS A 14 3.56 6.45 4.78
CA CYS A 14 3.48 4.99 4.76
C CYS A 14 3.50 4.43 6.19
N ILE A 15 3.08 3.18 6.32
CA ILE A 15 3.04 2.53 7.63
C ILE A 15 4.02 1.37 7.68
N ILE A 16 4.29 0.77 6.53
CA ILE A 16 5.21 -0.36 6.45
C ILE A 16 6.66 0.11 6.41
N CYS A 17 7.04 0.76 5.31
CA CYS A 17 8.40 1.27 5.16
C CYS A 17 8.63 2.50 6.03
N MET A 18 7.54 3.04 6.58
CA MET A 18 7.62 4.21 7.44
C MET A 18 8.17 5.41 6.67
N GLU A 19 7.91 5.44 5.37
CA GLU A 19 8.38 6.54 4.52
C GLU A 19 7.22 7.40 4.07
N LYS A 20 7.53 8.63 3.65
CA LYS A 20 6.52 9.57 3.18
C LYS A 20 5.63 8.92 2.12
N LEU A 21 4.32 9.18 2.21
CA LEU A 21 3.38 8.62 1.25
C LEU A 21 3.60 9.20 -0.14
N SER A 22 4.42 10.25 -0.22
CA SER A 22 4.72 10.88 -1.49
C SER A 22 6.09 10.44 -2.02
N THR A 23 6.90 9.88 -1.13
CA THR A 23 8.23 9.42 -1.50
C THR A 23 8.17 8.01 -2.08
N ALA A 24 7.05 7.69 -2.72
CA ALA A 24 6.88 6.37 -3.33
C ALA A 24 7.20 5.26 -2.33
N SER A 25 6.99 4.01 -2.76
CA SER A 25 7.26 2.86 -1.90
C SER A 25 8.76 2.71 -1.65
N GLY A 26 9.10 2.21 -0.47
CA GLY A 26 10.50 2.02 -0.13
C GLY A 26 11.05 0.71 -0.65
N TYR A 27 10.16 -0.24 -0.91
CA TYR A 27 10.57 -1.54 -1.42
C TYR A 27 10.50 -1.60 -2.94
N SER A 28 10.20 -0.44 -3.55
CA SER A 28 10.11 -0.35 -5.00
C SER A 28 11.25 -1.10 -5.67
N ASP A 29 12.34 -1.28 -4.93
CA ASP A 29 13.51 -1.98 -5.45
C ASP A 29 13.55 -3.42 -4.93
N VAL A 30 13.17 -3.59 -3.66
CA VAL A 30 13.17 -4.91 -3.04
C VAL A 30 12.21 -5.86 -3.76
N THR A 31 10.93 -5.57 -3.66
CA THR A 31 9.90 -6.39 -4.29
C THR A 31 10.12 -6.46 -5.80
N ASP A 32 9.02 -6.68 -6.54
CA ASP A 32 9.09 -6.76 -7.99
C ASP A 32 7.77 -6.35 -8.61
N SER A 33 6.67 -6.72 -7.96
CA SER A 33 5.33 -6.39 -8.46
C SER A 33 5.32 -5.01 -9.10
N LYS A 34 5.49 -4.96 -10.42
CA LYS A 34 5.50 -3.71 -11.15
C LYS A 34 4.07 -3.27 -11.50
N ALA A 35 3.12 -4.19 -11.33
CA ALA A 35 1.72 -3.90 -11.61
C ALA A 35 1.29 -2.59 -10.97
N LEU A 36 1.60 -2.44 -9.68
CA LEU A 36 1.25 -1.23 -8.95
C LEU A 36 2.11 -0.05 -9.38
N GLY A 37 3.36 -0.34 -9.75
CA GLY A 37 4.27 0.71 -10.18
C GLY A 37 4.80 1.53 -9.02
N SER A 38 4.57 1.04 -7.80
CA SER A 38 5.02 1.74 -6.60
C SER A 38 4.89 3.25 -6.77
N LEU A 39 3.66 3.76 -6.61
CA LEU A 39 3.41 5.18 -6.75
C LEU A 39 1.92 5.48 -6.59
N ALA A 40 1.08 4.51 -6.95
CA ALA A 40 -0.36 4.67 -6.84
C ALA A 40 -0.84 4.43 -5.41
N VAL A 41 -1.23 5.50 -4.73
CA VAL A 41 -1.70 5.41 -3.36
C VAL A 41 -3.10 4.82 -3.30
N GLY A 42 -3.25 3.69 -2.61
CA GLY A 42 -4.53 3.04 -2.49
C GLY A 42 -4.95 2.85 -1.04
N HIS A 43 -6.19 3.20 -0.74
CA HIS A 43 -6.72 3.07 0.62
C HIS A 43 -7.71 1.91 0.70
N LEU A 44 -7.44 0.97 1.61
CA LEU A 44 -8.30 -0.19 1.79
C LEU A 44 -9.69 0.23 2.25
N THR A 45 -10.61 0.39 1.31
CA THR A 45 -11.97 0.79 1.63
C THR A 45 -12.46 0.12 2.91
N LYS A 46 -11.88 -1.03 3.24
CA LYS A 46 -12.25 -1.77 4.43
C LYS A 46 -12.14 -0.88 5.67
N CYS A 47 -10.99 -0.24 5.83
CA CYS A 47 -10.77 0.65 6.97
C CYS A 47 -10.46 2.07 6.51
N SER A 48 -9.78 2.19 5.38
CA SER A 48 -9.42 3.48 4.83
C SER A 48 -8.29 4.12 5.64
N HIS A 49 -7.07 3.62 5.46
CA HIS A 49 -5.91 4.13 6.17
C HIS A 49 -4.91 4.75 5.20
N ALA A 50 -4.93 4.28 3.96
CA ALA A 50 -4.03 4.79 2.93
C ALA A 50 -2.59 4.33 3.18
N PHE A 51 -1.87 4.03 2.11
CA PHE A 51 -0.49 3.58 2.22
C PHE A 51 0.11 3.33 0.84
N HIS A 52 1.28 2.71 0.81
CA HIS A 52 1.96 2.41 -0.44
C HIS A 52 1.48 1.09 -1.02
N LEU A 53 0.51 1.16 -1.92
CA LEU A 53 -0.03 -0.04 -2.56
C LEU A 53 1.05 -1.09 -2.77
N LEU A 54 2.28 -0.63 -2.98
CA LEU A 54 3.40 -1.53 -3.20
C LEU A 54 3.75 -2.28 -1.92
N CYS A 55 4.13 -1.54 -0.89
CA CYS A 55 4.49 -2.13 0.40
C CYS A 55 3.42 -3.11 0.86
N LEU A 56 2.21 -2.60 1.09
CA LEU A 56 1.10 -3.43 1.54
C LEU A 56 1.09 -4.77 0.81
N LEU A 57 1.14 -4.72 -0.51
CA LEU A 57 1.14 -5.93 -1.33
C LEU A 57 2.10 -6.96 -0.76
N ALA A 58 3.36 -6.57 -0.61
CA ALA A 58 4.39 -7.47 -0.08
C ALA A 58 4.01 -7.95 1.31
N MET A 59 3.77 -7.00 2.21
CA MET A 59 3.41 -7.35 3.59
C MET A 59 2.07 -8.07 3.63
N TYR A 60 1.32 -8.00 2.54
CA TYR A 60 0.02 -8.65 2.45
C TYR A 60 0.17 -10.17 2.38
N CYS A 61 1.39 -10.62 2.10
CA CYS A 61 1.68 -12.05 2.00
C CYS A 61 1.36 -12.75 3.32
N ASN A 62 1.09 -11.97 4.35
CA ASN A 62 0.77 -12.53 5.67
C ASN A 62 -0.73 -12.74 5.81
N GLY A 63 -1.51 -11.74 5.44
CA GLY A 63 -2.96 -11.83 5.54
C GLY A 63 -3.66 -11.18 4.37
N ASN A 64 -4.98 -11.13 4.44
CA ASN A 64 -5.79 -10.52 3.37
C ASN A 64 -5.35 -11.04 2.01
N LYS A 65 -5.33 -12.36 1.86
CA LYS A 65 -4.93 -12.98 0.60
C LYS A 65 -6.15 -13.27 -0.26
N ASP A 66 -6.33 -12.48 -1.32
CA ASP A 66 -7.46 -12.67 -2.23
C ASP A 66 -7.23 -11.93 -3.54
N GLY A 67 -6.62 -10.74 -3.44
CA GLY A 67 -6.35 -9.95 -4.63
C GLY A 67 -6.31 -8.46 -4.33
N SER A 68 -5.24 -8.01 -3.69
CA SER A 68 -5.07 -6.61 -3.35
C SER A 68 -3.91 -6.41 -2.39
N LEU A 69 -4.20 -6.42 -1.09
CA LEU A 69 -3.18 -6.25 -0.07
C LEU A 69 -3.79 -6.26 1.33
N GLN A 70 -2.97 -5.97 2.33
CA GLN A 70 -3.44 -5.94 3.71
C GLN A 70 -3.02 -4.65 4.41
N CYS A 71 -3.88 -4.14 5.26
CA CYS A 71 -3.59 -2.91 6.00
C CYS A 71 -2.62 -3.17 7.15
N PRO A 72 -1.40 -2.63 7.00
CA PRO A 72 -0.35 -2.80 8.01
C PRO A 72 -0.65 -2.02 9.29
N SER A 73 -1.70 -1.21 9.25
CA SER A 73 -2.10 -0.41 10.41
C SER A 73 -2.92 -1.25 11.39
N CYS A 74 -4.22 -1.36 11.11
CA CYS A 74 -5.12 -2.13 11.96
C CYS A 74 -5.37 -3.51 11.37
N LYS A 75 -4.36 -4.07 10.73
CA LYS A 75 -4.47 -5.39 10.12
C LYS A 75 -5.85 -5.60 9.52
N THR A 76 -6.35 -4.59 8.83
CA THR A 76 -7.67 -4.66 8.21
C THR A 76 -7.60 -5.33 6.84
ZN ZN B . 5.95 2.19 1.99
ZN ZN C . -6.54 -0.19 8.83
N ASN A 1 -8.82 -3.23 -6.18
CA ASN A 1 -8.97 -4.51 -5.49
C ASN A 1 -9.43 -4.29 -4.05
N TYR A 2 -8.51 -3.83 -3.20
CA TYR A 2 -8.83 -3.58 -1.80
C TYR A 2 -9.28 -2.13 -1.59
N THR A 3 -8.78 -1.23 -2.45
CA THR A 3 -9.13 0.18 -2.35
C THR A 3 -9.21 0.81 -3.73
N GLU A 4 -9.63 2.07 -3.78
CA GLU A 4 -9.75 2.79 -5.04
C GLU A 4 -8.71 3.89 -5.15
N GLU A 5 -7.84 3.80 -6.15
CA GLU A 5 -6.80 4.78 -6.37
C GLU A 5 -7.27 6.18 -5.98
N LEU A 6 -6.44 6.89 -5.22
CA LEU A 6 -6.77 8.24 -4.78
C LEU A 6 -6.47 9.26 -5.87
N LYS A 7 -5.52 8.93 -6.74
CA LYS A 7 -5.14 9.81 -7.83
C LYS A 7 -4.12 10.85 -7.36
N VAL A 8 -4.26 11.27 -6.10
CA VAL A 8 -3.36 12.26 -5.53
C VAL A 8 -2.87 11.83 -4.15
N PRO A 9 -1.60 12.15 -3.83
CA PRO A 9 -1.00 11.80 -2.55
C PRO A 9 -1.59 12.61 -1.39
N PRO A 10 -2.35 11.92 -0.52
CA PRO A 10 -2.98 12.55 0.64
C PRO A 10 -1.97 12.96 1.69
N ASP A 11 -2.47 13.25 2.90
CA ASP A 11 -1.59 13.66 4.00
C ASP A 11 -1.42 12.53 5.01
N GLU A 12 -1.43 11.29 4.51
CA GLU A 12 -1.28 10.12 5.36
C GLU A 12 0.16 9.63 5.34
N ASP A 13 0.78 9.69 4.18
CA ASP A 13 2.16 9.24 4.02
C ASP A 13 2.29 7.75 4.35
N CYS A 14 2.95 7.01 3.47
CA CYS A 14 3.14 5.58 3.66
C CYS A 14 3.56 5.27 5.09
N ILE A 15 3.38 4.03 5.51
CA ILE A 15 3.73 3.60 6.85
C ILE A 15 4.79 2.50 6.83
N ILE A 16 4.90 1.82 5.69
CA ILE A 16 5.86 0.74 5.53
C ILE A 16 7.27 1.30 5.33
N CYS A 17 7.48 1.97 4.20
CA CYS A 17 8.79 2.54 3.89
C CYS A 17 8.97 3.88 4.60
N MET A 18 7.94 4.32 5.31
CA MET A 18 7.99 5.58 6.03
C MET A 18 8.39 6.73 5.12
N GLU A 19 7.67 6.87 4.00
CA GLU A 19 7.96 7.92 3.04
C GLU A 19 6.68 8.64 2.62
N LYS A 20 6.81 9.59 1.71
CA LYS A 20 5.67 10.35 1.21
C LYS A 20 4.85 9.52 0.24
N LEU A 21 3.53 9.52 0.43
CA LEU A 21 2.63 8.76 -0.44
C LEU A 21 2.73 9.25 -1.87
N SER A 22 3.42 10.37 -2.07
CA SER A 22 3.59 10.94 -3.40
C SER A 22 4.80 10.33 -4.10
N THR A 23 5.91 10.22 -3.38
CA THR A 23 7.13 9.66 -3.94
C THR A 23 6.87 8.31 -4.60
N ALA A 24 6.97 7.24 -3.80
CA ALA A 24 6.75 5.89 -4.31
C ALA A 24 7.16 4.85 -3.28
N SER A 25 6.72 3.61 -3.49
CA SER A 25 7.05 2.52 -2.58
C SER A 25 8.55 2.42 -2.36
N GLY A 26 8.97 2.44 -1.10
CA GLY A 26 10.38 2.35 -0.77
C GLY A 26 10.95 0.97 -1.02
N TYR A 27 10.10 -0.04 -0.94
CA TYR A 27 10.53 -1.42 -1.15
C TYR A 27 10.54 -1.76 -2.64
N SER A 28 10.15 -0.78 -3.46
CA SER A 28 10.11 -0.98 -4.91
C SER A 28 11.47 -1.40 -5.44
N ASP A 29 12.49 -1.27 -4.59
CA ASP A 29 13.86 -1.63 -4.98
C ASP A 29 14.08 -3.13 -4.83
N VAL A 30 13.26 -3.77 -3.99
CA VAL A 30 13.37 -5.20 -3.75
C VAL A 30 12.06 -5.91 -4.04
N THR A 31 11.02 -5.13 -4.30
CA THR A 31 9.70 -5.68 -4.58
C THR A 31 9.32 -5.43 -6.04
N ASP A 32 8.61 -4.35 -6.30
CA ASP A 32 8.17 -4.00 -7.64
C ASP A 32 6.93 -4.79 -8.04
N SER A 33 6.53 -5.71 -7.16
CA SER A 33 5.35 -6.54 -7.43
C SER A 33 5.33 -7.02 -8.88
N LYS A 34 4.69 -6.25 -9.74
CA LYS A 34 4.59 -6.59 -11.15
C LYS A 34 3.50 -5.77 -11.84
N ALA A 35 2.54 -5.30 -11.05
CA ALA A 35 1.44 -4.50 -11.58
C ALA A 35 1.42 -3.12 -10.97
N LEU A 36 1.63 -3.05 -9.65
CA LEU A 36 1.64 -1.77 -8.95
C LEU A 36 2.65 -0.81 -9.56
N GLY A 37 3.81 -1.33 -9.93
CA GLY A 37 4.84 -0.51 -10.54
C GLY A 37 5.35 0.55 -9.58
N SER A 38 5.02 0.42 -8.30
CA SER A 38 5.44 1.39 -7.30
C SER A 38 4.89 2.78 -7.60
N LEU A 39 3.57 2.88 -7.65
CA LEU A 39 2.92 4.16 -7.94
C LEU A 39 1.39 4.01 -7.88
N ALA A 40 0.89 3.56 -6.73
CA ALA A 40 -0.54 3.37 -6.55
C ALA A 40 -0.93 3.58 -5.09
N VAL A 41 -1.56 4.72 -4.80
CA VAL A 41 -1.98 5.04 -3.44
C VAL A 41 -3.49 4.83 -3.28
N GLY A 42 -3.85 3.98 -2.31
CA GLY A 42 -5.25 3.72 -2.07
C GLY A 42 -5.52 3.35 -0.62
N HIS A 43 -6.59 3.92 -0.06
CA HIS A 43 -6.96 3.64 1.32
C HIS A 43 -7.90 2.45 1.41
N LEU A 44 -7.37 1.31 1.83
CA LEU A 44 -8.16 0.09 1.96
C LEU A 44 -9.59 0.42 2.37
N THR A 45 -10.54 0.02 1.53
CA THR A 45 -11.96 0.27 1.81
C THR A 45 -12.41 -0.49 3.06
N LYS A 46 -11.55 -1.38 3.55
CA LYS A 46 -11.86 -2.16 4.75
C LYS A 46 -11.77 -1.29 6.00
N CYS A 47 -10.55 -0.88 6.34
CA CYS A 47 -10.33 -0.06 7.52
C CYS A 47 -10.26 1.42 7.14
N SER A 48 -10.08 1.69 5.85
CA SER A 48 -10.00 3.06 5.35
C SER A 48 -8.83 3.80 5.99
N HIS A 49 -7.62 3.42 5.62
CA HIS A 49 -6.42 4.05 6.15
C HIS A 49 -5.64 4.78 5.05
N ALA A 50 -4.57 4.15 4.59
CA ALA A 50 -3.75 4.72 3.53
C ALA A 50 -2.35 4.12 3.52
N PHE A 51 -1.88 3.75 2.34
CA PHE A 51 -0.56 3.14 2.20
C PHE A 51 -0.25 2.83 0.74
N HIS A 52 0.94 2.33 0.49
CA HIS A 52 1.36 1.98 -0.87
C HIS A 52 0.95 0.55 -1.22
N LEU A 53 -0.10 0.43 -2.02
CA LEU A 53 -0.61 -0.87 -2.43
C LEU A 53 0.55 -1.85 -2.65
N LEU A 54 1.70 -1.33 -3.05
CA LEU A 54 2.88 -2.15 -3.28
C LEU A 54 3.55 -2.54 -1.97
N CYS A 55 4.13 -1.54 -1.30
CA CYS A 55 4.81 -1.79 -0.02
C CYS A 55 4.09 -2.85 0.78
N LEU A 56 2.75 -2.84 0.73
CA LEU A 56 1.94 -3.81 1.46
C LEU A 56 2.02 -5.18 0.80
N LEU A 57 1.78 -5.23 -0.50
CA LEU A 57 1.83 -6.48 -1.24
C LEU A 57 2.99 -7.35 -0.77
N ALA A 58 4.01 -6.71 -0.23
CA ALA A 58 5.18 -7.43 0.27
C ALA A 58 4.89 -8.08 1.62
N MET A 59 4.66 -7.26 2.63
CA MET A 59 4.36 -7.76 3.97
C MET A 59 3.01 -8.45 4.01
N TYR A 60 2.25 -8.33 2.92
CA TYR A 60 0.93 -8.93 2.83
C TYR A 60 1.02 -10.46 2.90
N CYS A 61 2.19 -10.98 2.58
CA CYS A 61 2.41 -12.42 2.60
C CYS A 61 2.20 -12.99 4.01
N ASN A 62 2.06 -12.10 4.97
CA ASN A 62 1.85 -12.50 6.36
C ASN A 62 0.37 -12.64 6.67
N GLY A 63 -0.39 -11.57 6.40
CA GLY A 63 -1.82 -11.60 6.66
C GLY A 63 -2.62 -11.00 5.51
N ASN A 64 -3.91 -10.74 5.76
CA ASN A 64 -4.79 -10.18 4.75
C ASN A 64 -4.48 -10.78 3.37
N LYS A 65 -4.14 -12.06 3.36
CA LYS A 65 -3.83 -12.76 2.11
C LYS A 65 -5.11 -13.29 1.46
N ASP A 66 -5.85 -12.39 0.81
CA ASP A 66 -7.08 -12.76 0.13
C ASP A 66 -6.95 -12.58 -1.37
N GLY A 67 -6.24 -11.54 -1.78
CA GLY A 67 -6.06 -11.26 -3.19
C GLY A 67 -5.74 -9.81 -3.46
N SER A 68 -5.03 -9.18 -2.54
CA SER A 68 -4.65 -7.77 -2.68
C SER A 68 -3.40 -7.46 -1.89
N LEU A 69 -3.58 -7.11 -0.62
CA LEU A 69 -2.45 -6.79 0.26
C LEU A 69 -2.90 -6.75 1.72
N GLN A 70 -1.99 -6.33 2.60
CA GLN A 70 -2.29 -6.24 4.02
C GLN A 70 -2.04 -4.83 4.54
N CYS A 71 -2.68 -4.50 5.65
CA CYS A 71 -2.54 -3.18 6.26
C CYS A 71 -1.57 -3.22 7.44
N PRO A 72 -0.44 -2.52 7.31
CA PRO A 72 0.58 -2.46 8.35
C PRO A 72 0.12 -1.67 9.57
N SER A 73 -1.00 -0.98 9.43
CA SER A 73 -1.55 -0.18 10.52
C SER A 73 -2.35 -1.06 11.49
N CYS A 74 -3.56 -1.41 11.10
CA CYS A 74 -4.43 -2.24 11.94
C CYS A 74 -4.49 -3.66 11.40
N LYS A 75 -3.35 -4.15 10.91
CA LYS A 75 -3.27 -5.51 10.37
C LYS A 75 -4.54 -5.86 9.60
N THR A 76 -5.16 -4.85 9.00
CA THR A 76 -6.39 -5.05 8.24
C THR A 76 -6.13 -5.93 7.02
ZN ZN B . 5.89 2.87 0.97
ZN ZN C . -5.80 -0.45 8.70
N ASN A 1 -5.26 -0.16 -6.70
CA ASN A 1 -5.48 -1.49 -7.25
C ASN A 1 -6.81 -2.06 -6.77
N TYR A 2 -6.83 -2.55 -5.54
CA TYR A 2 -8.04 -3.12 -4.97
C TYR A 2 -8.62 -2.22 -3.88
N THR A 3 -8.01 -1.06 -3.71
CA THR A 3 -8.46 -0.10 -2.69
C THR A 3 -8.81 1.24 -3.31
N GLU A 4 -9.96 1.78 -2.93
CA GLU A 4 -10.41 3.06 -3.46
C GLU A 4 -9.24 3.99 -3.72
N GLU A 5 -8.74 3.97 -4.96
CA GLU A 5 -7.62 4.82 -5.34
C GLU A 5 -7.94 6.30 -5.13
N LEU A 6 -6.90 7.11 -5.00
CA LEU A 6 -7.08 8.54 -4.78
C LEU A 6 -6.46 9.34 -5.93
N LYS A 7 -7.28 10.16 -6.58
CA LYS A 7 -6.82 10.99 -7.68
C LYS A 7 -5.39 11.44 -7.47
N VAL A 8 -5.03 11.69 -6.22
CA VAL A 8 -3.68 12.13 -5.88
C VAL A 8 -3.27 11.63 -4.50
N PRO A 9 -1.96 11.54 -4.26
CA PRO A 9 -1.40 11.09 -2.99
C PRO A 9 -1.64 12.09 -1.87
N PRO A 10 -2.25 11.62 -0.76
CA PRO A 10 -2.54 12.45 0.40
C PRO A 10 -1.28 12.86 1.16
N ASP A 11 -1.45 13.33 2.39
CA ASP A 11 -0.33 13.74 3.22
C ASP A 11 -0.22 12.87 4.46
N GLU A 12 -0.59 11.60 4.32
CA GLU A 12 -0.53 10.66 5.42
C GLU A 12 0.84 9.98 5.48
N ASP A 13 1.51 9.91 4.34
CA ASP A 13 2.83 9.29 4.26
C ASP A 13 2.75 7.80 4.55
N CYS A 14 3.31 6.99 3.66
CA CYS A 14 3.30 5.55 3.82
C CYS A 14 3.56 5.15 5.27
N ILE A 15 3.25 3.90 5.61
CA ILE A 15 3.45 3.40 6.96
C ILE A 15 4.52 2.31 6.99
N ILE A 16 4.71 1.65 5.86
CA ILE A 16 5.72 0.59 5.75
C ILE A 16 7.12 1.18 5.66
N CYS A 17 7.43 1.80 4.53
CA CYS A 17 8.74 2.40 4.33
C CYS A 17 8.82 3.78 4.97
N MET A 18 7.87 4.07 5.85
CA MET A 18 7.83 5.35 6.54
C MET A 18 8.31 6.47 5.63
N GLU A 19 7.72 6.55 4.43
CA GLU A 19 8.09 7.58 3.47
C GLU A 19 6.84 8.28 2.92
N LYS A 20 7.06 9.42 2.27
CA LYS A 20 5.96 10.18 1.70
C LYS A 20 5.15 9.32 0.73
N LEU A 21 3.82 9.43 0.81
CA LEU A 21 2.93 8.67 -0.06
C LEU A 21 3.04 9.16 -1.50
N SER A 22 3.86 10.19 -1.71
CA SER A 22 4.04 10.75 -3.05
C SER A 22 5.46 10.52 -3.54
N THR A 23 6.19 9.66 -2.85
CA THR A 23 7.57 9.35 -3.21
C THR A 23 7.72 7.88 -3.59
N ALA A 24 6.63 7.28 -4.07
CA ALA A 24 6.65 5.88 -4.47
C ALA A 24 7.02 4.97 -3.30
N SER A 25 6.88 3.67 -3.50
CA SER A 25 7.19 2.69 -2.47
C SER A 25 8.70 2.60 -2.25
N GLY A 26 9.10 2.39 -1.01
CA GLY A 26 10.52 2.28 -0.69
C GLY A 26 11.06 0.89 -0.95
N TYR A 27 10.19 -0.11 -0.91
CA TYR A 27 10.60 -1.50 -1.14
C TYR A 27 10.64 -1.80 -2.64
N SER A 28 10.40 -0.78 -3.44
CA SER A 28 10.42 -0.94 -4.90
C SER A 28 11.78 -1.42 -5.38
N ASP A 29 12.76 -1.41 -4.48
CA ASP A 29 14.11 -1.85 -4.82
C ASP A 29 14.25 -3.35 -4.64
N VAL A 30 13.25 -3.97 -4.02
CA VAL A 30 13.27 -5.41 -3.79
C VAL A 30 11.96 -6.05 -4.26
N THR A 31 10.84 -5.52 -3.78
CA THR A 31 9.53 -6.05 -4.14
C THR A 31 9.31 -5.98 -5.64
N ASP A 32 9.65 -4.84 -6.23
CA ASP A 32 9.49 -4.64 -7.66
C ASP A 32 8.14 -5.18 -8.14
N SER A 33 7.15 -5.13 -7.26
CA SER A 33 5.81 -5.61 -7.59
C SER A 33 5.43 -5.23 -9.03
N LYS A 34 5.52 -6.19 -9.93
CA LYS A 34 5.18 -5.96 -11.33
C LYS A 34 3.70 -6.22 -11.58
N ALA A 35 2.89 -5.98 -10.56
CA ALA A 35 1.45 -6.17 -10.67
C ALA A 35 0.68 -4.90 -10.30
N LEU A 36 1.13 -4.25 -9.24
CA LEU A 36 0.50 -3.02 -8.77
C LEU A 36 0.97 -1.81 -9.58
N GLY A 37 2.27 -1.54 -9.50
CA GLY A 37 2.83 -0.42 -10.23
C GLY A 37 3.89 0.32 -9.45
N SER A 38 3.87 0.16 -8.13
CA SER A 38 4.85 0.80 -7.26
C SER A 38 4.69 2.33 -7.33
N LEU A 39 3.53 2.78 -7.77
CA LEU A 39 3.26 4.21 -7.88
C LEU A 39 1.76 4.49 -7.76
N ALA A 40 1.04 3.57 -7.14
CA ALA A 40 -0.39 3.72 -6.95
C ALA A 40 -0.74 3.97 -5.49
N VAL A 41 -1.69 4.87 -5.25
CA VAL A 41 -2.11 5.21 -3.89
C VAL A 41 -3.59 4.89 -3.69
N GLY A 42 -3.88 4.07 -2.68
CA GLY A 42 -5.25 3.71 -2.39
C GLY A 42 -5.44 3.24 -0.96
N HIS A 43 -6.56 3.63 -0.35
CA HIS A 43 -6.86 3.25 1.01
C HIS A 43 -7.72 1.99 1.06
N LEU A 44 -7.17 0.92 1.61
CA LEU A 44 -7.89 -0.35 1.71
C LEU A 44 -9.37 -0.11 1.99
N THR A 45 -10.22 -0.89 1.34
CA THR A 45 -11.66 -0.77 1.52
C THR A 45 -12.13 -1.52 2.76
N LYS A 46 -11.32 -1.48 3.81
CA LYS A 46 -11.65 -2.15 5.06
C LYS A 46 -11.60 -1.19 6.23
N CYS A 47 -10.45 -0.55 6.42
CA CYS A 47 -10.27 0.41 7.51
C CYS A 47 -10.14 1.83 6.97
N SER A 48 -9.87 1.94 5.67
CA SER A 48 -9.72 3.25 5.03
C SER A 48 -8.30 3.79 5.23
N HIS A 49 -7.35 2.88 5.41
CA HIS A 49 -5.96 3.27 5.62
C HIS A 49 -5.22 3.36 4.28
N ALA A 50 -4.60 4.51 4.05
CA ALA A 50 -3.86 4.74 2.81
C ALA A 50 -2.41 4.30 2.95
N PHE A 51 -1.74 4.08 1.82
CA PHE A 51 -0.34 3.66 1.82
C PHE A 51 0.10 3.26 0.42
N HIS A 52 1.29 2.67 0.33
CA HIS A 52 1.83 2.23 -0.96
C HIS A 52 1.37 0.82 -1.29
N LEU A 53 0.32 0.72 -2.11
CA LEU A 53 -0.22 -0.57 -2.50
C LEU A 53 0.90 -1.60 -2.68
N LEU A 54 2.08 -1.13 -3.07
CA LEU A 54 3.22 -2.01 -3.27
C LEU A 54 3.73 -2.54 -1.93
N CYS A 55 4.12 -1.63 -1.04
CA CYS A 55 4.61 -2.02 0.27
C CYS A 55 3.68 -3.03 0.95
N LEU A 56 2.39 -2.73 0.92
CA LEU A 56 1.39 -3.60 1.53
C LEU A 56 1.48 -5.01 0.95
N LEU A 57 1.34 -5.11 -0.37
CA LEU A 57 1.41 -6.40 -1.05
C LEU A 57 2.60 -7.22 -0.54
N ALA A 58 3.63 -6.53 -0.07
CA ALA A 58 4.82 -7.19 0.45
C ALA A 58 4.52 -7.91 1.77
N MET A 59 4.21 -7.13 2.80
CA MET A 59 3.92 -7.70 4.10
C MET A 59 2.53 -8.34 4.12
N TYR A 60 1.78 -8.13 3.04
CA TYR A 60 0.44 -8.69 2.93
C TYR A 60 0.46 -10.20 3.10
N CYS A 61 1.58 -10.83 2.74
CA CYS A 61 1.72 -12.27 2.87
C CYS A 61 1.59 -12.71 4.32
N ASN A 62 1.55 -11.74 5.23
CA ASN A 62 1.42 -12.03 6.65
C ASN A 62 -0.04 -12.23 7.03
N GLY A 63 -0.90 -11.30 6.62
CA GLY A 63 -2.31 -11.39 6.92
C GLY A 63 -3.18 -11.01 5.75
N ASN A 64 -4.49 -10.91 5.99
CA ASN A 64 -5.43 -10.55 4.94
C ASN A 64 -5.46 -11.61 3.84
N LYS A 65 -4.41 -11.63 3.02
CA LYS A 65 -4.30 -12.58 1.93
C LYS A 65 -5.64 -12.75 1.22
N ASP A 66 -5.95 -11.84 0.31
CA ASP A 66 -7.20 -11.90 -0.44
C ASP A 66 -7.04 -11.26 -1.82
N GLY A 67 -6.13 -11.82 -2.61
CA GLY A 67 -5.89 -11.29 -3.95
C GLY A 67 -5.80 -9.78 -3.96
N SER A 68 -4.97 -9.22 -3.09
CA SER A 68 -4.79 -7.77 -3.01
C SER A 68 -3.60 -7.41 -2.15
N LEU A 69 -3.86 -7.12 -0.88
CA LEU A 69 -2.80 -6.76 0.06
C LEU A 69 -3.34 -6.65 1.49
N GLN A 70 -2.49 -6.21 2.40
CA GLN A 70 -2.90 -6.05 3.80
C GLN A 70 -2.54 -4.66 4.32
N CYS A 71 -3.22 -4.24 5.37
CA CYS A 71 -2.98 -2.93 5.97
C CYS A 71 -1.89 -3.01 7.04
N PRO A 72 -0.73 -2.40 6.74
CA PRO A 72 0.41 -2.38 7.66
C PRO A 72 0.15 -1.53 8.90
N SER A 73 -0.86 -0.67 8.81
CA SER A 73 -1.21 0.22 9.91
C SER A 73 -1.77 -0.57 11.09
N CYS A 74 -3.06 -0.91 11.00
CA CYS A 74 -3.72 -1.67 12.05
C CYS A 74 -3.81 -3.15 11.68
N LYS A 75 -2.84 -3.62 10.91
CA LYS A 75 -2.80 -5.01 10.49
C LYS A 75 -4.17 -5.46 9.95
N THR A 76 -4.75 -4.62 9.09
CA THR A 76 -6.05 -4.93 8.51
C THR A 76 -5.94 -5.18 7.01
ZN ZN B . 5.90 2.54 1.28
ZN ZN C . -5.87 -0.35 8.95
N ASN A 1 -9.45 -3.34 -5.97
CA ASN A 1 -9.79 -4.56 -5.24
C ASN A 1 -10.23 -4.24 -3.81
N TYR A 2 -9.27 -3.93 -2.95
CA TYR A 2 -9.56 -3.60 -1.56
C TYR A 2 -9.85 -2.11 -1.40
N THR A 3 -9.27 -1.31 -2.29
CA THR A 3 -9.46 0.14 -2.24
C THR A 3 -9.57 0.73 -3.65
N GLU A 4 -9.88 2.01 -3.73
CA GLU A 4 -10.01 2.68 -5.02
C GLU A 4 -8.91 3.72 -5.20
N GLU A 5 -8.00 3.44 -6.14
CA GLU A 5 -6.89 4.35 -6.41
C GLU A 5 -7.32 5.79 -6.25
N LEU A 6 -6.46 6.59 -5.61
CA LEU A 6 -6.75 8.00 -5.39
C LEU A 6 -6.32 8.84 -6.59
N LYS A 7 -5.35 8.33 -7.35
CA LYS A 7 -4.84 9.04 -8.52
C LYS A 7 -3.82 10.10 -8.12
N VAL A 8 -3.79 10.43 -6.83
CA VAL A 8 -2.86 11.43 -6.32
C VAL A 8 -2.37 11.06 -4.93
N PRO A 9 -1.10 11.41 -4.64
CA PRO A 9 -0.48 11.12 -3.34
C PRO A 9 -1.07 11.97 -2.22
N PRO A 10 -1.81 11.31 -1.31
CA PRO A 10 -2.44 11.98 -0.17
C PRO A 10 -1.42 12.45 0.85
N ASP A 11 -1.91 12.76 2.05
CA ASP A 11 -1.05 13.23 3.13
C ASP A 11 -1.12 12.30 4.33
N GLU A 12 -0.69 11.05 4.13
CA GLU A 12 -0.70 10.06 5.20
C GLU A 12 0.70 9.51 5.46
N ASP A 13 1.56 9.58 4.44
CA ASP A 13 2.92 9.09 4.55
C ASP A 13 2.94 7.58 4.77
N CYS A 14 3.64 6.87 3.89
CA CYS A 14 3.74 5.42 3.98
C CYS A 14 4.05 4.99 5.41
N ILE A 15 3.63 3.77 5.76
CA ILE A 15 3.87 3.24 7.10
C ILE A 15 4.88 2.09 7.07
N ILE A 16 5.07 1.52 5.89
CA ILE A 16 6.00 0.41 5.71
C ILE A 16 7.44 0.91 5.67
N CYS A 17 7.77 1.64 4.61
CA CYS A 17 9.12 2.19 4.44
C CYS A 17 9.28 3.48 5.23
N MET A 18 8.18 3.96 5.80
CA MET A 18 8.21 5.19 6.60
C MET A 18 8.68 6.36 5.75
N GLU A 19 8.16 6.45 4.53
CA GLU A 19 8.53 7.53 3.62
C GLU A 19 7.30 8.31 3.17
N LYS A 20 7.51 9.54 2.71
CA LYS A 20 6.42 10.38 2.24
C LYS A 20 5.57 9.66 1.20
N LEU A 21 4.25 9.77 1.34
CA LEU A 21 3.34 9.12 0.40
C LEU A 21 3.41 9.77 -0.97
N SER A 22 4.16 10.87 -1.07
CA SER A 22 4.30 11.58 -2.33
C SER A 22 5.37 10.93 -3.20
N THR A 23 6.52 10.63 -2.60
CA THR A 23 7.62 10.00 -3.32
C THR A 23 7.17 8.70 -3.98
N ALA A 24 7.29 7.59 -3.25
CA ALA A 24 6.89 6.29 -3.76
C ALA A 24 7.31 5.18 -2.81
N SER A 25 6.95 3.94 -3.16
CA SER A 25 7.29 2.78 -2.33
C SER A 25 8.81 2.69 -2.13
N GLY A 26 9.22 2.43 -0.89
CA GLY A 26 10.62 2.31 -0.59
C GLY A 26 11.17 0.93 -0.89
N TYR A 27 10.28 -0.06 -0.97
CA TYR A 27 10.68 -1.42 -1.25
C TYR A 27 10.67 -1.70 -2.75
N SER A 28 10.34 -0.68 -3.53
CA SER A 28 10.29 -0.81 -4.98
C SER A 28 11.59 -1.39 -5.52
N ASP A 29 12.65 -1.33 -4.71
CA ASP A 29 13.94 -1.85 -5.11
C ASP A 29 13.87 -3.35 -5.36
N VAL A 30 13.06 -4.05 -4.56
CA VAL A 30 12.91 -5.49 -4.71
C VAL A 30 11.70 -5.99 -3.93
N THR A 31 10.53 -5.94 -4.56
CA THR A 31 9.30 -6.39 -3.94
C THR A 31 8.72 -7.61 -4.65
N ASP A 32 9.11 -7.79 -5.91
CA ASP A 32 8.64 -8.93 -6.70
C ASP A 32 7.26 -8.64 -7.29
N SER A 33 6.87 -7.37 -7.29
CA SER A 33 5.58 -6.96 -7.82
C SER A 33 5.69 -6.58 -9.29
N LYS A 34 4.94 -7.27 -10.14
CA LYS A 34 4.94 -7.01 -11.56
C LYS A 34 3.72 -6.20 -11.98
N ALA A 35 3.03 -5.63 -10.99
CA ALA A 35 1.85 -4.82 -11.25
C ALA A 35 2.02 -3.41 -10.70
N LEU A 36 2.42 -3.31 -9.43
CA LEU A 36 2.61 -2.02 -8.78
C LEU A 36 3.94 -1.41 -9.20
N GLY A 37 3.87 -0.24 -9.85
CA GLY A 37 5.07 0.44 -10.29
C GLY A 37 5.60 1.41 -9.26
N SER A 38 5.19 1.23 -8.01
CA SER A 38 5.62 2.11 -6.93
C SER A 38 5.18 3.55 -7.19
N LEU A 39 3.90 3.72 -7.50
CA LEU A 39 3.35 5.05 -7.77
C LEU A 39 1.83 5.03 -7.72
N ALA A 40 1.29 4.47 -6.64
CA ALA A 40 -0.16 4.40 -6.46
C ALA A 40 -0.54 4.43 -4.99
N VAL A 41 -1.72 4.94 -4.70
CA VAL A 41 -2.20 5.02 -3.33
C VAL A 41 -3.69 4.68 -3.25
N GLY A 42 -4.04 3.86 -2.24
CA GLY A 42 -5.42 3.47 -2.08
C GLY A 42 -5.75 3.15 -0.63
N HIS A 43 -6.75 3.85 -0.09
CA HIS A 43 -7.17 3.64 1.29
C HIS A 43 -8.09 2.44 1.41
N LEU A 44 -7.52 1.31 1.84
CA LEU A 44 -8.29 0.08 1.99
C LEU A 44 -9.72 0.39 2.44
N THR A 45 -10.68 0.00 1.61
CA THR A 45 -12.09 0.23 1.91
C THR A 45 -12.49 -0.44 3.23
N LYS A 46 -11.76 -1.50 3.59
CA LYS A 46 -12.03 -2.23 4.82
C LYS A 46 -11.99 -1.30 6.02
N CYS A 47 -10.81 -0.75 6.29
CA CYS A 47 -10.63 0.16 7.42
C CYS A 47 -10.64 1.61 6.96
N SER A 48 -10.06 1.86 5.78
CA SER A 48 -9.99 3.20 5.22
C SER A 48 -8.83 3.98 5.83
N HIS A 49 -7.62 3.57 5.51
CA HIS A 49 -6.42 4.23 6.01
C HIS A 49 -5.62 4.86 4.88
N ALA A 50 -4.53 4.21 4.50
CA ALA A 50 -3.68 4.71 3.42
C ALA A 50 -2.28 4.12 3.51
N PHE A 51 -1.75 3.68 2.37
CA PHE A 51 -0.42 3.09 2.32
C PHE A 51 -0.01 2.80 0.88
N HIS A 52 1.27 2.48 0.69
CA HIS A 52 1.79 2.18 -0.65
C HIS A 52 1.37 0.78 -1.08
N LEU A 53 0.35 0.70 -1.92
CA LEU A 53 -0.15 -0.58 -2.41
C LEU A 53 1.00 -1.56 -2.64
N LEU A 54 2.17 -1.02 -2.98
CA LEU A 54 3.34 -1.85 -3.22
C LEU A 54 3.91 -2.38 -1.91
N CYS A 55 4.48 -1.49 -1.11
CA CYS A 55 5.06 -1.89 0.16
C CYS A 55 4.15 -2.88 0.90
N LEU A 56 2.86 -2.77 0.65
CA LEU A 56 1.88 -3.64 1.28
C LEU A 56 1.89 -5.03 0.63
N LEU A 57 1.83 -5.06 -0.70
CA LEU A 57 1.83 -6.31 -1.44
C LEU A 57 2.89 -7.26 -0.88
N ALA A 58 3.87 -6.71 -0.19
CA ALA A 58 4.94 -7.51 0.40
C ALA A 58 4.47 -8.19 1.68
N MET A 59 4.20 -7.40 2.71
CA MET A 59 3.74 -7.92 3.99
C MET A 59 2.43 -8.67 3.83
N TYR A 60 1.56 -8.15 2.97
CA TYR A 60 0.26 -8.78 2.73
C TYR A 60 0.40 -10.29 2.60
N CYS A 61 1.61 -10.74 2.26
CA CYS A 61 1.87 -12.16 2.09
C CYS A 61 1.34 -12.95 3.27
N ASN A 62 1.32 -12.32 4.44
CA ASN A 62 0.84 -12.96 5.66
C ASN A 62 -0.62 -12.60 5.93
N GLY A 63 -0.84 -11.34 6.31
CA GLY A 63 -2.18 -10.88 6.60
C GLY A 63 -3.05 -10.83 5.36
N ASN A 64 -4.33 -10.52 5.55
CA ASN A 64 -5.27 -10.43 4.44
C ASN A 64 -4.94 -11.47 3.37
N LYS A 65 -4.14 -11.05 2.39
CA LYS A 65 -3.75 -11.94 1.29
C LYS A 65 -4.97 -12.59 0.66
N ASP A 66 -5.73 -11.80 -0.09
CA ASP A 66 -6.92 -12.30 -0.77
C ASP A 66 -7.03 -11.73 -2.18
N GLY A 67 -6.02 -10.96 -2.58
CA GLY A 67 -6.03 -10.36 -3.90
C GLY A 67 -5.90 -8.85 -3.85
N SER A 68 -4.78 -8.36 -3.34
CA SER A 68 -4.54 -6.93 -3.24
C SER A 68 -3.36 -6.63 -2.32
N LEU A 69 -3.62 -6.60 -1.02
CA LEU A 69 -2.58 -6.33 -0.04
C LEU A 69 -3.16 -6.29 1.38
N GLN A 70 -2.33 -5.89 2.34
CA GLN A 70 -2.76 -5.80 3.73
C GLN A 70 -2.46 -4.44 4.31
N CYS A 71 -3.19 -4.06 5.36
CA CYS A 71 -2.99 -2.77 6.01
C CYS A 71 -1.99 -2.88 7.15
N PRO A 72 -0.82 -2.25 6.97
CA PRO A 72 0.25 -2.26 7.97
C PRO A 72 -0.10 -1.44 9.21
N SER A 73 -1.22 -0.72 9.13
CA SER A 73 -1.68 0.10 10.24
C SER A 73 -2.40 -0.75 11.29
N CYS A 74 -3.68 -1.02 11.03
CA CYS A 74 -4.50 -1.82 11.94
C CYS A 74 -4.62 -3.25 11.44
N LYS A 75 -3.56 -3.75 10.81
CA LYS A 75 -3.55 -5.10 10.28
C LYS A 75 -4.92 -5.49 9.72
N THR A 76 -5.63 -4.50 9.18
CA THR A 76 -6.95 -4.72 8.62
C THR A 76 -6.86 -5.54 7.33
ZN ZN B . 6.38 2.67 1.18
ZN ZN C . -6.13 -0.16 8.74
N ASN A 1 -9.77 -5.85 -5.64
CA ASN A 1 -9.11 -5.24 -4.48
C ASN A 1 -10.14 -4.69 -3.50
N TYR A 2 -9.69 -4.40 -2.28
CA TYR A 2 -10.58 -3.86 -1.25
C TYR A 2 -10.28 -2.38 -1.01
N THR A 3 -9.24 -1.88 -1.65
CA THR A 3 -8.86 -0.48 -1.52
C THR A 3 -9.27 0.33 -2.74
N GLU A 4 -9.32 1.65 -2.58
CA GLU A 4 -9.70 2.54 -3.68
C GLU A 4 -8.55 3.46 -4.05
N GLU A 5 -7.98 3.22 -5.23
CA GLU A 5 -6.86 4.04 -5.71
C GLU A 5 -7.16 5.53 -5.54
N LEU A 6 -6.11 6.33 -5.50
CA LEU A 6 -6.26 7.78 -5.34
C LEU A 6 -5.44 8.53 -6.38
N LYS A 7 -6.12 9.10 -7.37
CA LYS A 7 -5.46 9.85 -8.43
C LYS A 7 -4.27 10.64 -7.87
N VAL A 8 -4.37 11.02 -6.60
CA VAL A 8 -3.32 11.78 -5.96
C VAL A 8 -3.05 11.26 -4.55
N PRO A 9 -1.77 11.29 -4.14
CA PRO A 9 -1.36 10.83 -2.81
C PRO A 9 -1.84 11.75 -1.70
N PRO A 10 -2.53 11.17 -0.70
CA PRO A 10 -3.06 11.92 0.44
C PRO A 10 -1.95 12.41 1.37
N ASP A 11 -2.34 12.81 2.57
CA ASP A 11 -1.38 13.30 3.56
C ASP A 11 -1.34 12.40 4.78
N GLU A 12 -0.98 11.13 4.56
CA GLU A 12 -0.90 10.16 5.64
C GLU A 12 0.50 9.56 5.74
N ASP A 13 1.25 9.66 4.65
CA ASP A 13 2.61 9.13 4.61
C ASP A 13 2.62 7.61 4.77
N CYS A 14 3.35 6.94 3.89
CA CYS A 14 3.44 5.49 3.93
C CYS A 14 3.80 4.99 5.33
N ILE A 15 3.36 3.79 5.66
CA ILE A 15 3.63 3.20 6.97
C ILE A 15 4.61 2.04 6.86
N ILE A 16 4.85 1.57 5.64
CA ILE A 16 5.76 0.47 5.40
C ILE A 16 7.21 0.94 5.44
N CYS A 17 7.61 1.71 4.43
CA CYS A 17 8.96 2.23 4.35
C CYS A 17 9.09 3.54 5.09
N MET A 18 8.00 3.97 5.72
CA MET A 18 7.99 5.21 6.48
C MET A 18 8.43 6.39 5.61
N GLU A 19 7.95 6.42 4.37
CA GLU A 19 8.29 7.48 3.43
C GLU A 19 7.04 8.14 2.87
N LYS A 20 7.12 9.45 2.66
CA LYS A 20 5.99 10.20 2.12
C LYS A 20 5.20 9.36 1.13
N LEU A 21 3.87 9.47 1.18
CA LEU A 21 3.00 8.72 0.30
C LEU A 21 3.20 9.14 -1.15
N SER A 22 4.02 10.18 -1.35
CA SER A 22 4.29 10.68 -2.69
C SER A 22 5.68 10.27 -3.15
N THR A 23 6.47 9.74 -2.23
CA THR A 23 7.83 9.30 -2.53
C THR A 23 7.84 7.87 -3.04
N ALA A 24 6.72 7.42 -3.59
CA ALA A 24 6.61 6.06 -4.10
C ALA A 24 6.98 5.04 -3.04
N SER A 25 6.70 3.77 -3.32
CA SER A 25 7.01 2.69 -2.38
C SER A 25 8.51 2.56 -2.19
N GLY A 26 8.92 2.39 -0.93
CA GLY A 26 10.33 2.24 -0.63
C GLY A 26 10.83 0.82 -0.78
N TYR A 27 9.89 -0.13 -0.79
CA TYR A 27 10.24 -1.54 -0.93
C TYR A 27 10.36 -1.93 -2.40
N SER A 28 9.91 -1.03 -3.27
CA SER A 28 9.97 -1.28 -4.71
C SER A 28 11.37 -1.75 -5.13
N ASP A 29 12.36 -1.39 -4.33
CA ASP A 29 13.74 -1.77 -4.61
C ASP A 29 13.92 -3.28 -4.48
N VAL A 30 13.20 -3.88 -3.54
CA VAL A 30 13.28 -5.32 -3.30
C VAL A 30 11.94 -5.99 -3.54
N THR A 31 10.95 -5.20 -3.91
CA THR A 31 9.61 -5.71 -4.17
C THR A 31 9.10 -5.26 -5.54
N ASP A 32 8.84 -6.22 -6.42
CA ASP A 32 8.36 -5.93 -7.76
C ASP A 32 6.87 -6.29 -7.88
N SER A 33 6.01 -5.36 -7.49
CA SER A 33 4.57 -5.59 -7.55
C SER A 33 4.20 -6.37 -8.81
N LYS A 34 3.05 -7.04 -8.76
CA LYS A 34 2.57 -7.82 -9.90
C LYS A 34 1.25 -7.29 -10.42
N ALA A 35 0.84 -6.14 -9.89
CA ALA A 35 -0.42 -5.52 -10.31
C ALA A 35 -0.35 -4.00 -10.15
N LEU A 36 0.00 -3.56 -8.95
CA LEU A 36 0.09 -2.12 -8.68
C LEU A 36 1.24 -1.49 -9.46
N GLY A 37 2.46 -1.81 -9.07
CA GLY A 37 3.63 -1.27 -9.76
C GLY A 37 4.63 -0.67 -8.79
N SER A 38 4.30 0.48 -8.23
CA SER A 38 5.18 1.17 -7.30
C SER A 38 4.80 2.64 -7.16
N LEU A 39 4.09 3.15 -8.16
CA LEU A 39 3.66 4.55 -8.16
C LEU A 39 2.15 4.66 -8.08
N ALA A 40 1.54 3.83 -7.25
CA ALA A 40 0.09 3.83 -7.07
C ALA A 40 -0.29 3.87 -5.60
N VAL A 41 -1.19 4.77 -5.24
CA VAL A 41 -1.65 4.91 -3.87
C VAL A 41 -3.03 4.30 -3.68
N GLY A 42 -3.26 3.69 -2.51
CA GLY A 42 -4.54 3.08 -2.23
C GLY A 42 -5.15 3.59 -0.95
N HIS A 43 -6.38 3.16 -0.67
CA HIS A 43 -7.08 3.58 0.54
C HIS A 43 -8.12 2.54 0.95
N LEU A 44 -7.66 1.47 1.60
CA LEU A 44 -8.54 0.40 2.05
C LEU A 44 -9.90 0.97 2.48
N THR A 45 -10.92 0.68 1.69
CA THR A 45 -12.27 1.15 1.98
C THR A 45 -12.91 0.34 3.09
N LYS A 46 -12.12 -0.53 3.71
CA LYS A 46 -12.60 -1.37 4.80
C LYS A 46 -12.43 -0.67 6.15
N CYS A 47 -11.30 0.01 6.30
CA CYS A 47 -11.01 0.72 7.54
C CYS A 47 -10.70 2.19 7.26
N SER A 48 -10.43 2.51 6.00
CA SER A 48 -10.12 3.87 5.60
C SER A 48 -8.64 4.19 5.85
N HIS A 49 -7.78 3.22 5.55
CA HIS A 49 -6.34 3.38 5.73
C HIS A 49 -5.63 3.42 4.38
N ALA A 50 -4.76 4.40 4.20
CA ALA A 50 -4.00 4.54 2.97
C ALA A 50 -2.55 4.16 3.16
N PHE A 51 -1.83 3.97 2.06
CA PHE A 51 -0.42 3.59 2.10
C PHE A 51 0.07 3.14 0.73
N HIS A 52 1.39 3.04 0.60
CA HIS A 52 1.99 2.61 -0.67
C HIS A 52 1.54 1.21 -1.04
N LEU A 53 0.57 1.12 -1.95
CA LEU A 53 0.06 -0.17 -2.39
C LEU A 53 1.17 -1.21 -2.50
N LEU A 54 2.16 -0.92 -3.35
CA LEU A 54 3.29 -1.82 -3.55
C LEU A 54 3.83 -2.31 -2.20
N CYS A 55 4.40 -1.39 -1.43
CA CYS A 55 4.96 -1.73 -0.14
C CYS A 55 4.08 -2.74 0.59
N LEU A 56 2.77 -2.50 0.56
CA LEU A 56 1.81 -3.40 1.22
C LEU A 56 1.81 -4.77 0.54
N LEU A 57 1.52 -4.78 -0.76
CA LEU A 57 1.48 -6.03 -1.52
C LEU A 57 2.58 -6.98 -1.05
N ALA A 58 3.67 -6.43 -0.55
CA ALA A 58 4.78 -7.24 -0.07
C ALA A 58 4.45 -7.89 1.28
N MET A 59 3.86 -7.11 2.18
CA MET A 59 3.49 -7.61 3.49
C MET A 59 2.07 -8.17 3.48
N TYR A 60 1.36 -7.97 2.37
CA TYR A 60 0.00 -8.46 2.23
C TYR A 60 -0.02 -9.98 2.14
N CYS A 61 1.12 -10.58 1.86
CA CYS A 61 1.24 -12.02 1.75
C CYS A 61 0.82 -12.70 3.05
N ASN A 62 0.65 -11.92 4.10
CA ASN A 62 0.27 -12.44 5.40
C ASN A 62 -1.24 -12.30 5.62
N GLY A 63 -1.73 -11.06 5.54
CA GLY A 63 -3.15 -10.80 5.73
C GLY A 63 -3.84 -10.42 4.44
N ASN A 64 -5.15 -10.22 4.51
CA ASN A 64 -5.95 -9.85 3.34
C ASN A 64 -5.38 -10.50 2.08
N LYS A 65 -5.30 -11.83 2.08
CA LYS A 65 -4.78 -12.56 0.94
C LYS A 65 -5.90 -12.92 -0.03
N ASP A 66 -5.94 -12.22 -1.16
CA ASP A 66 -6.96 -12.47 -2.18
C ASP A 66 -6.48 -12.02 -3.55
N GLY A 67 -5.73 -10.94 -3.58
CA GLY A 67 -5.22 -10.42 -4.84
C GLY A 67 -5.17 -8.90 -4.88
N SER A 68 -4.78 -8.30 -3.76
CA SER A 68 -4.70 -6.84 -3.67
C SER A 68 -3.62 -6.42 -2.69
N LEU A 69 -3.99 -6.28 -1.42
CA LEU A 69 -3.04 -5.88 -0.38
C LEU A 69 -3.67 -5.99 1.00
N GLN A 70 -2.91 -5.64 2.03
CA GLN A 70 -3.39 -5.70 3.40
C GLN A 70 -3.01 -4.43 4.16
N CYS A 71 -3.81 -4.07 5.15
CA CYS A 71 -3.57 -2.89 5.96
C CYS A 71 -2.78 -3.26 7.23
N PRO A 72 -1.49 -2.90 7.24
CA PRO A 72 -0.61 -3.18 8.37
C PRO A 72 -0.95 -2.32 9.59
N SER A 73 -1.51 -1.15 9.35
CA SER A 73 -1.89 -0.23 10.42
C SER A 73 -2.72 -0.96 11.48
N CYS A 74 -3.90 -1.40 11.09
CA CYS A 74 -4.80 -2.10 12.01
C CYS A 74 -5.00 -3.54 11.56
N LYS A 75 -4.05 -4.07 10.80
CA LYS A 75 -4.13 -5.44 10.31
C LYS A 75 -5.50 -5.73 9.73
N THR A 76 -5.86 -5.01 8.68
CA THR A 76 -7.16 -5.19 8.03
C THR A 76 -6.99 -5.80 6.64
ZN ZN B . 6.28 2.75 1.26
ZN ZN C . -6.65 -0.38 8.76
N ASN A 1 -9.88 -5.76 -5.45
CA ASN A 1 -9.22 -5.36 -4.23
C ASN A 1 -10.17 -4.61 -3.31
N TYR A 2 -9.70 -4.29 -2.11
CA TYR A 2 -10.52 -3.57 -1.14
C TYR A 2 -10.18 -2.08 -1.12
N THR A 3 -9.02 -1.74 -1.69
CA THR A 3 -8.58 -0.36 -1.75
C THR A 3 -8.77 0.23 -3.14
N GLU A 4 -8.92 1.55 -3.21
CA GLU A 4 -9.11 2.23 -4.49
C GLU A 4 -8.00 3.24 -4.74
N GLU A 5 -7.28 3.07 -5.84
CA GLU A 5 -6.19 3.96 -6.19
C GLU A 5 -6.55 5.40 -5.86
N LEU A 6 -5.54 6.18 -5.46
CA LEU A 6 -5.75 7.58 -5.11
C LEU A 6 -5.15 8.50 -6.18
N LYS A 7 -6.02 9.24 -6.87
CA LYS A 7 -5.57 10.15 -7.91
C LYS A 7 -4.55 11.16 -7.36
N VAL A 8 -4.46 11.22 -6.04
CA VAL A 8 -3.52 12.13 -5.38
C VAL A 8 -3.19 11.65 -3.97
N PRO A 9 -2.05 12.13 -3.44
CA PRO A 9 -1.60 11.77 -2.09
C PRO A 9 -2.47 12.37 -1.00
N PRO A 10 -2.95 11.52 -0.09
CA PRO A 10 -3.81 11.94 1.03
C PRO A 10 -3.05 12.78 2.05
N ASP A 11 -2.49 12.12 3.06
CA ASP A 11 -1.74 12.80 4.11
C ASP A 11 -1.57 11.90 5.32
N GLU A 12 -1.41 10.60 5.08
CA GLU A 12 -1.23 9.64 6.15
C GLU A 12 0.18 9.06 6.14
N ASP A 13 0.83 9.12 4.99
CA ASP A 13 2.19 8.60 4.85
C ASP A 13 2.22 7.09 5.05
N CYS A 14 2.84 6.39 4.11
CA CYS A 14 2.94 4.93 4.18
C CYS A 14 3.26 4.48 5.60
N ILE A 15 3.03 3.20 5.88
CA ILE A 15 3.31 2.65 7.19
C ILE A 15 4.35 1.53 7.13
N ILE A 16 4.46 0.91 5.96
CA ILE A 16 5.42 -0.17 5.75
C ILE A 16 6.84 0.37 5.72
N CYS A 17 7.16 1.14 4.69
CA CYS A 17 8.49 1.71 4.53
C CYS A 17 8.56 3.08 5.20
N MET A 18 7.67 3.32 6.16
CA MET A 18 7.65 4.60 6.88
C MET A 18 8.01 5.75 5.95
N GLU A 19 7.47 5.73 4.73
CA GLU A 19 7.74 6.79 3.76
C GLU A 19 6.46 7.52 3.39
N LYS A 20 6.61 8.76 2.91
CA LYS A 20 5.48 9.58 2.52
C LYS A 20 4.58 8.83 1.54
N LEU A 21 3.28 9.11 1.60
CA LEU A 21 2.32 8.46 0.72
C LEU A 21 2.35 9.07 -0.68
N SER A 22 3.29 10.00 -0.89
CA SER A 22 3.43 10.66 -2.17
C SER A 22 4.80 10.42 -2.77
N THR A 23 5.77 10.08 -1.91
CA THR A 23 7.13 9.81 -2.35
C THR A 23 7.27 8.37 -2.84
N ALA A 24 6.20 7.84 -3.41
CA ALA A 24 6.21 6.47 -3.92
C ALA A 24 6.61 5.48 -2.83
N SER A 25 6.59 4.20 -3.17
CA SER A 25 6.94 3.15 -2.22
C SER A 25 8.45 3.08 -2.02
N GLY A 26 8.87 2.61 -0.85
CA GLY A 26 10.28 2.49 -0.56
C GLY A 26 10.82 1.11 -0.84
N TYR A 27 9.93 0.13 -0.97
CA TYR A 27 10.33 -1.24 -1.23
C TYR A 27 10.51 -1.48 -2.73
N SER A 28 10.17 -0.47 -3.52
CA SER A 28 10.30 -0.57 -4.98
C SER A 28 11.60 -1.25 -5.36
N ASP A 29 12.60 -1.17 -4.48
CA ASP A 29 13.90 -1.77 -4.72
C ASP A 29 13.76 -3.27 -4.97
N VAL A 30 13.19 -3.99 -4.01
CA VAL A 30 13.00 -5.43 -4.13
C VAL A 30 11.68 -5.75 -4.82
N THR A 31 10.58 -5.47 -4.14
CA THR A 31 9.25 -5.73 -4.70
C THR A 31 9.19 -5.35 -6.17
N ASP A 32 9.46 -6.32 -7.04
CA ASP A 32 9.43 -6.08 -8.48
C ASP A 32 8.08 -6.47 -9.06
N SER A 33 7.05 -5.70 -8.71
CA SER A 33 5.70 -5.96 -9.19
C SER A 33 5.56 -5.52 -10.66
N LYS A 34 4.46 -5.92 -11.28
CA LYS A 34 4.18 -5.56 -12.67
C LYS A 34 2.77 -5.04 -12.83
N ALA A 35 2.32 -4.24 -11.86
CA ALA A 35 0.99 -3.66 -11.91
C ALA A 35 0.89 -2.42 -11.02
N LEU A 36 1.59 -2.44 -9.90
CA LEU A 36 1.59 -1.32 -8.97
C LEU A 36 2.48 -0.19 -9.47
N GLY A 37 3.50 -0.56 -10.25
CA GLY A 37 4.41 0.44 -10.79
C GLY A 37 5.00 1.33 -9.71
N SER A 38 4.89 0.90 -8.46
CA SER A 38 5.40 1.67 -7.33
C SER A 38 5.01 3.14 -7.46
N LEU A 39 3.71 3.38 -7.59
CA LEU A 39 3.19 4.74 -7.70
C LEU A 39 1.67 4.74 -7.77
N ALA A 40 1.04 4.16 -6.76
CA ALA A 40 -0.42 4.10 -6.71
C ALA A 40 -0.91 3.81 -5.30
N VAL A 41 -1.18 4.87 -4.54
CA VAL A 41 -1.65 4.74 -3.17
C VAL A 41 -3.17 4.59 -3.12
N GLY A 42 -3.64 3.61 -2.37
CA GLY A 42 -5.07 3.38 -2.25
C GLY A 42 -5.49 2.99 -0.84
N HIS A 43 -6.51 3.66 -0.32
CA HIS A 43 -7.01 3.37 1.02
C HIS A 43 -7.90 2.14 1.03
N LEU A 44 -7.65 1.24 1.97
CA LEU A 44 -8.43 0.01 2.09
C LEU A 44 -9.86 0.31 2.54
N THR A 45 -10.80 0.18 1.61
CA THR A 45 -12.21 0.43 1.92
C THR A 45 -12.59 -0.12 3.29
N LYS A 46 -11.90 -1.19 3.70
CA LYS A 46 -12.16 -1.81 4.99
C LYS A 46 -12.06 -0.79 6.12
N CYS A 47 -10.84 -0.34 6.39
CA CYS A 47 -10.61 0.64 7.44
C CYS A 47 -10.26 2.01 6.86
N SER A 48 -9.61 1.99 5.70
CA SER A 48 -9.22 3.23 5.03
C SER A 48 -8.17 3.98 5.84
N HIS A 49 -6.91 3.59 5.68
CA HIS A 49 -5.81 4.22 6.40
C HIS A 49 -4.82 4.86 5.43
N ALA A 50 -4.75 4.30 4.23
CA ALA A 50 -3.84 4.82 3.21
C ALA A 50 -2.45 4.23 3.36
N PHE A 51 -1.82 3.86 2.24
CA PHE A 51 -0.49 3.29 2.26
C PHE A 51 0.08 3.19 0.84
N HIS A 52 1.04 2.29 0.66
CA HIS A 52 1.66 2.08 -0.64
C HIS A 52 1.28 0.74 -1.23
N LEU A 53 0.28 0.74 -2.11
CA LEU A 53 -0.18 -0.49 -2.74
C LEU A 53 0.99 -1.44 -3.02
N LEU A 54 2.14 -0.86 -3.32
CA LEU A 54 3.33 -1.65 -3.60
C LEU A 54 3.84 -2.34 -2.34
N CYS A 55 3.96 -1.57 -1.26
CA CYS A 55 4.44 -2.10 0.00
C CYS A 55 3.41 -3.05 0.62
N LEU A 56 2.13 -2.69 0.48
CA LEU A 56 1.06 -3.51 1.02
C LEU A 56 1.05 -4.90 0.39
N LEU A 57 1.35 -4.95 -0.90
CA LEU A 57 1.38 -6.21 -1.64
C LEU A 57 2.39 -7.17 -1.00
N ALA A 58 3.45 -6.63 -0.42
CA ALA A 58 4.48 -7.44 0.22
C ALA A 58 4.04 -7.86 1.62
N MET A 59 3.70 -6.88 2.45
CA MET A 59 3.27 -7.14 3.81
C MET A 59 2.07 -8.09 3.83
N TYR A 60 1.15 -7.88 2.90
CA TYR A 60 -0.05 -8.71 2.81
C TYR A 60 0.30 -10.19 2.89
N CYS A 61 1.56 -10.50 2.60
CA CYS A 61 2.03 -11.88 2.64
C CYS A 61 1.81 -12.50 4.01
N ASN A 62 1.48 -11.66 4.99
CA ASN A 62 1.24 -12.11 6.35
C ASN A 62 -0.26 -12.30 6.61
N GLY A 63 -1.00 -11.21 6.54
CA GLY A 63 -2.43 -11.26 6.76
C GLY A 63 -3.23 -10.89 5.53
N ASN A 64 -4.52 -10.62 5.73
CA ASN A 64 -5.40 -10.25 4.62
C ASN A 64 -4.99 -10.98 3.34
N LYS A 65 -4.75 -12.27 3.45
CA LYS A 65 -4.36 -13.09 2.30
C LYS A 65 -5.59 -13.56 1.53
N ASP A 66 -6.12 -12.68 0.68
CA ASP A 66 -7.29 -13.00 -0.13
C ASP A 66 -7.01 -12.78 -1.61
N GLY A 67 -6.40 -11.64 -1.92
CA GLY A 67 -6.09 -11.32 -3.31
C GLY A 67 -6.09 -9.83 -3.57
N SER A 68 -5.48 -9.06 -2.66
CA SER A 68 -5.43 -7.62 -2.79
C SER A 68 -4.23 -7.04 -2.04
N LEU A 69 -4.34 -7.01 -0.72
CA LEU A 69 -3.27 -6.49 0.13
C LEU A 69 -3.68 -6.49 1.59
N GLN A 70 -2.83 -5.91 2.44
CA GLN A 70 -3.11 -5.84 3.87
C GLN A 70 -2.86 -4.43 4.40
N CYS A 71 -3.49 -4.11 5.53
CA CYS A 71 -3.34 -2.80 6.15
C CYS A 71 -2.20 -2.81 7.16
N PRO A 72 -1.07 -2.17 6.79
CA PRO A 72 0.11 -2.09 7.65
C PRO A 72 -0.12 -1.18 8.86
N SER A 73 -1.24 -0.48 8.86
CA SER A 73 -1.58 0.42 9.95
C SER A 73 -2.18 -0.35 11.13
N CYS A 74 -3.15 -1.21 10.84
CA CYS A 74 -3.80 -2.01 11.87
C CYS A 74 -3.99 -3.45 11.41
N LYS A 75 -3.09 -3.91 10.54
CA LYS A 75 -3.15 -5.27 10.02
C LYS A 75 -4.56 -5.60 9.53
N THR A 76 -5.36 -4.56 9.29
CA THR A 76 -6.72 -4.75 8.82
C THR A 76 -6.75 -5.58 7.54
ZN ZN B . 5.86 2.29 1.60
ZN ZN C . -6.14 -0.14 9.11
N ASN A 1 -4.38 -0.40 -6.12
CA ASN A 1 -4.56 -1.72 -6.72
C ASN A 1 -5.95 -2.29 -6.40
N TYR A 2 -6.13 -2.69 -5.15
CA TYR A 2 -7.40 -3.25 -4.71
C TYR A 2 -8.13 -2.29 -3.77
N THR A 3 -7.53 -1.13 -3.54
CA THR A 3 -8.11 -0.13 -2.66
C THR A 3 -8.39 1.17 -3.40
N GLU A 4 -9.51 1.79 -3.07
CA GLU A 4 -9.90 3.05 -3.72
C GLU A 4 -8.67 3.89 -4.05
N GLU A 5 -8.17 3.75 -5.27
CA GLU A 5 -6.99 4.49 -5.70
C GLU A 5 -7.24 5.99 -5.61
N LEU A 6 -6.19 6.73 -5.23
CA LEU A 6 -6.30 8.19 -5.10
C LEU A 6 -5.84 8.88 -6.38
N LYS A 7 -6.78 9.50 -7.07
CA LYS A 7 -6.48 10.21 -8.31
C LYS A 7 -5.12 10.90 -8.22
N VAL A 8 -4.74 11.28 -7.01
CA VAL A 8 -3.46 11.95 -6.79
C VAL A 8 -2.85 11.55 -5.46
N PRO A 9 -1.55 11.86 -5.28
CA PRO A 9 -0.83 11.54 -4.04
C PRO A 9 -1.30 12.37 -2.86
N PRO A 10 -1.54 11.69 -1.72
CA PRO A 10 -1.98 12.35 -0.49
C PRO A 10 -0.91 13.22 0.14
N ASP A 11 -1.10 13.59 1.40
CA ASP A 11 -0.14 14.42 2.12
C ASP A 11 0.17 13.84 3.49
N GLU A 12 0.42 12.53 3.53
CA GLU A 12 0.73 11.85 4.79
C GLU A 12 2.10 11.20 4.72
N ASP A 13 2.13 9.90 4.43
CA ASP A 13 3.38 9.16 4.34
C ASP A 13 3.13 7.67 4.50
N CYS A 14 3.96 6.86 3.86
CA CYS A 14 3.84 5.40 3.92
C CYS A 14 4.14 4.90 5.33
N ILE A 15 3.49 3.80 5.72
CA ILE A 15 3.67 3.22 7.04
C ILE A 15 4.67 2.07 6.98
N ILE A 16 4.83 1.48 5.80
CA ILE A 16 5.75 0.37 5.62
C ILE A 16 7.20 0.86 5.56
N CYS A 17 7.54 1.52 4.46
CA CYS A 17 8.88 2.04 4.27
C CYS A 17 9.08 3.35 5.05
N MET A 18 7.99 3.87 5.59
CA MET A 18 8.03 5.11 6.36
C MET A 18 8.51 6.27 5.48
N GLU A 19 8.51 6.06 4.17
CA GLU A 19 8.94 7.09 3.23
C GLU A 19 7.77 7.99 2.84
N LYS A 20 8.04 8.94 1.95
CA LYS A 20 7.02 9.87 1.49
C LYS A 20 6.02 9.16 0.57
N LEU A 21 4.74 9.39 0.82
CA LEU A 21 3.69 8.78 0.01
C LEU A 21 3.75 9.27 -1.43
N SER A 22 4.60 10.26 -1.68
CA SER A 22 4.76 10.82 -3.02
C SER A 22 6.03 10.28 -3.68
N THR A 23 6.99 9.88 -2.86
CA THR A 23 8.25 9.35 -3.36
C THR A 23 8.10 7.91 -3.84
N ALA A 24 6.86 7.44 -3.88
CA ALA A 24 6.58 6.07 -4.33
C ALA A 24 6.83 5.07 -3.22
N SER A 25 6.66 3.79 -3.53
CA SER A 25 6.87 2.73 -2.55
C SER A 25 8.36 2.40 -2.43
N GLY A 26 8.91 2.65 -1.25
CA GLY A 26 10.32 2.37 -1.02
C GLY A 26 10.69 0.93 -1.30
N TYR A 27 9.69 0.06 -1.30
CA TYR A 27 9.90 -1.36 -1.55
C TYR A 27 10.20 -1.61 -3.03
N SER A 28 9.88 -0.62 -3.86
CA SER A 28 10.10 -0.74 -5.30
C SER A 28 11.53 -1.19 -5.59
N ASP A 29 12.44 -0.93 -4.65
CA ASP A 29 13.83 -1.31 -4.80
C ASP A 29 14.05 -2.76 -4.40
N VAL A 30 13.19 -3.25 -3.51
CA VAL A 30 13.30 -4.63 -3.04
C VAL A 30 12.23 -5.51 -3.68
N THR A 31 11.01 -5.46 -3.15
CA THR A 31 9.91 -6.24 -3.68
C THR A 31 9.86 -6.17 -5.20
N ASP A 32 10.33 -7.23 -5.85
CA ASP A 32 10.34 -7.30 -7.31
C ASP A 32 8.94 -7.61 -7.84
N SER A 33 7.97 -6.80 -7.45
CA SER A 33 6.59 -6.98 -7.89
C SER A 33 6.28 -6.12 -9.11
N LYS A 34 5.78 -6.76 -10.16
CA LYS A 34 5.43 -6.06 -11.39
C LYS A 34 3.95 -6.19 -11.71
N ALA A 35 3.13 -6.31 -10.67
CA ALA A 35 1.70 -6.44 -10.84
C ALA A 35 0.96 -5.24 -10.24
N LEU A 36 1.51 -4.68 -9.17
CA LEU A 36 0.90 -3.53 -8.51
C LEU A 36 1.35 -2.24 -9.17
N GLY A 37 2.63 -1.91 -9.03
CA GLY A 37 3.15 -0.69 -9.62
C GLY A 37 4.26 -0.08 -8.79
N SER A 38 4.12 -0.16 -7.47
CA SER A 38 5.11 0.40 -6.55
C SER A 38 5.14 1.93 -6.65
N LEU A 39 4.11 2.49 -7.26
CA LEU A 39 4.01 3.93 -7.42
C LEU A 39 2.55 4.39 -7.45
N ALA A 40 1.79 3.97 -6.43
CA ALA A 40 0.38 4.34 -6.34
C ALA A 40 -0.07 4.40 -4.88
N VAL A 41 -1.12 5.17 -4.63
CA VAL A 41 -1.66 5.32 -3.29
C VAL A 41 -3.14 4.96 -3.24
N GLY A 42 -3.50 4.11 -2.27
CA GLY A 42 -4.88 3.70 -2.13
C GLY A 42 -5.22 3.30 -0.71
N HIS A 43 -6.40 3.70 -0.25
CA HIS A 43 -6.85 3.37 1.10
C HIS A 43 -7.73 2.12 1.10
N LEU A 44 -7.25 1.07 1.75
CA LEU A 44 -7.98 -0.19 1.82
C LEU A 44 -9.48 0.06 1.97
N THR A 45 -10.27 -0.65 1.16
CA THR A 45 -11.72 -0.50 1.20
C THR A 45 -12.31 -1.19 2.41
N LYS A 46 -11.45 -1.76 3.25
CA LYS A 46 -11.89 -2.45 4.45
C LYS A 46 -11.88 -1.52 5.66
N CYS A 47 -10.79 -0.77 5.80
CA CYS A 47 -10.67 0.18 6.91
C CYS A 47 -10.60 1.61 6.41
N SER A 48 -10.32 1.76 5.12
CA SER A 48 -10.23 3.09 4.51
C SER A 48 -9.14 3.92 5.19
N HIS A 49 -7.89 3.58 4.93
CA HIS A 49 -6.75 4.29 5.50
C HIS A 49 -5.92 4.96 4.42
N ALA A 50 -4.79 4.33 4.09
CA ALA A 50 -3.90 4.86 3.06
C ALA A 50 -2.49 4.28 3.22
N PHE A 51 -1.94 3.80 2.11
CA PHE A 51 -0.60 3.22 2.13
C PHE A 51 -0.17 2.80 0.72
N HIS A 52 1.10 2.46 0.57
CA HIS A 52 1.63 2.03 -0.72
C HIS A 52 1.18 0.62 -1.06
N LEU A 53 0.17 0.51 -1.92
CA LEU A 53 -0.35 -0.78 -2.33
C LEU A 53 0.76 -1.82 -2.43
N LEU A 54 1.84 -1.46 -3.11
CA LEU A 54 2.98 -2.35 -3.28
C LEU A 54 3.52 -2.80 -1.92
N CYS A 55 4.14 -1.88 -1.21
CA CYS A 55 4.71 -2.18 0.11
C CYS A 55 3.83 -3.18 0.86
N LEU A 56 2.53 -2.94 0.85
CA LEU A 56 1.58 -3.83 1.53
C LEU A 56 1.65 -5.24 0.95
N LEU A 57 1.44 -5.34 -0.35
CA LEU A 57 1.47 -6.64 -1.02
C LEU A 57 2.69 -7.45 -0.59
N ALA A 58 3.69 -6.76 -0.05
CA ALA A 58 4.91 -7.41 0.41
C ALA A 58 4.67 -8.14 1.73
N MET A 59 4.41 -7.37 2.79
CA MET A 59 4.16 -7.93 4.10
C MET A 59 2.77 -8.56 4.18
N TYR A 60 1.97 -8.33 3.13
CA TYR A 60 0.61 -8.87 3.09
C TYR A 60 0.62 -10.39 3.23
N CYS A 61 1.74 -11.00 2.85
CA CYS A 61 1.88 -12.45 2.93
C CYS A 61 1.74 -12.94 4.37
N ASN A 62 1.71 -11.99 5.31
CA ASN A 62 1.57 -12.32 6.72
C ASN A 62 0.11 -12.41 7.12
N GLY A 63 -0.65 -11.35 6.84
CA GLY A 63 -2.06 -11.33 7.18
C GLY A 63 -2.92 -10.82 6.04
N ASN A 64 -4.20 -10.60 6.33
CA ASN A 64 -5.13 -10.11 5.32
C ASN A 64 -5.41 -11.18 4.27
N LYS A 65 -4.41 -11.49 3.46
CA LYS A 65 -4.55 -12.50 2.42
C LYS A 65 -5.95 -12.50 1.84
N ASP A 66 -6.17 -11.66 0.83
CA ASP A 66 -7.47 -11.56 0.18
C ASP A 66 -7.36 -10.91 -1.19
N GLY A 67 -6.54 -11.51 -2.05
CA GLY A 67 -6.35 -10.98 -3.39
C GLY A 67 -6.15 -9.47 -3.39
N SER A 68 -5.23 -8.99 -2.57
CA SER A 68 -4.96 -7.56 -2.47
C SER A 68 -3.68 -7.30 -1.68
N LEU A 69 -3.85 -6.99 -0.40
CA LEU A 69 -2.70 -6.72 0.47
C LEU A 69 -3.15 -6.57 1.92
N GLN A 70 -2.21 -6.19 2.79
CA GLN A 70 -2.50 -6.02 4.20
C GLN A 70 -2.32 -4.55 4.62
N CYS A 71 -2.97 -4.17 5.70
CA CYS A 71 -2.89 -2.80 6.21
C CYS A 71 -1.87 -2.70 7.34
N PRO A 72 -0.75 -2.01 7.07
CA PRO A 72 0.32 -1.82 8.05
C PRO A 72 -0.10 -0.90 9.19
N SER A 73 -1.36 -0.48 9.18
CA SER A 73 -1.89 0.41 10.22
C SER A 73 -2.69 -0.38 11.25
N CYS A 74 -3.88 -0.82 10.84
CA CYS A 74 -4.75 -1.58 11.72
C CYS A 74 -4.87 -3.03 11.26
N LYS A 75 -3.80 -3.53 10.64
CA LYS A 75 -3.78 -4.90 10.15
C LYS A 75 -5.17 -5.34 9.68
N THR A 76 -5.92 -4.39 9.12
CA THR A 76 -7.26 -4.68 8.63
C THR A 76 -7.22 -5.62 7.43
ZN ZN B . 6.08 2.39 1.10
ZN ZN C . -6.24 0.04 8.40
#